data_2KMC
#
_entry.id   2KMC
#
_entity_poly.entity_id   1
_entity_poly.type   'polypeptide(L)'
_entity_poly.pdbx_seq_one_letter_code
;GIDPFTMLSSGDLTSASWELVVRVDHANGEQQTEITLRVSGDLHIGGVMLKLVEQMNIAQDWSDYALWWEQKRCWLLKTH
WTLDKCGVQADANLLFTPQHKM
;
_entity_poly.pdbx_strand_id   A
#
# COMPACT_ATOMS: atom_id res chain seq x y z
N GLY A 1 22.79 -17.54 -25.11
CA GLY A 1 22.92 -17.16 -23.69
C GLY A 1 21.67 -16.49 -23.17
N ILE A 2 21.77 -15.18 -22.90
CA ILE A 2 20.66 -14.40 -22.37
C ILE A 2 20.26 -14.89 -20.98
N ASP A 3 20.70 -14.17 -19.96
CA ASP A 3 20.45 -14.56 -18.58
C ASP A 3 19.66 -13.47 -17.86
N PRO A 4 18.81 -13.87 -16.90
CA PRO A 4 18.00 -12.94 -16.13
C PRO A 4 18.71 -12.42 -14.87
N PHE A 5 20.04 -12.42 -14.88
CA PHE A 5 20.81 -12.00 -13.72
C PHE A 5 21.61 -10.72 -14.00
N THR A 6 21.93 -10.49 -15.27
CA THR A 6 22.83 -9.41 -15.65
C THR A 6 22.16 -8.03 -15.60
N MET A 7 22.28 -7.37 -14.45
CA MET A 7 21.96 -5.94 -14.30
C MET A 7 20.53 -5.61 -14.73
N LEU A 8 19.60 -6.54 -14.53
CA LEU A 8 18.20 -6.32 -14.87
C LEU A 8 18.02 -6.03 -16.36
N SER A 9 16.92 -5.35 -16.70
CA SER A 9 16.58 -4.99 -18.08
C SER A 9 16.10 -6.20 -18.87
N SER A 10 16.78 -7.33 -18.72
CA SER A 10 16.38 -8.57 -19.36
C SER A 10 16.28 -9.69 -18.33
N GLY A 11 16.01 -9.30 -17.09
CA GLY A 11 15.98 -10.27 -16.02
C GLY A 11 14.61 -10.41 -15.39
N ASP A 12 14.27 -9.47 -14.53
CA ASP A 12 13.02 -9.52 -13.77
C ASP A 12 11.87 -8.86 -14.53
N LEU A 13 10.72 -9.51 -14.53
CA LEU A 13 9.57 -8.99 -15.24
C LEU A 13 8.57 -8.37 -14.26
N THR A 14 7.86 -9.22 -13.53
CA THR A 14 6.81 -8.77 -12.62
C THR A 14 6.11 -9.98 -11.98
N SER A 15 6.73 -11.15 -12.11
CA SER A 15 6.13 -12.39 -11.67
C SER A 15 6.00 -12.43 -10.15
N ALA A 16 6.86 -11.68 -9.48
CA ALA A 16 6.87 -11.67 -8.02
C ALA A 16 5.80 -10.72 -7.49
N SER A 17 4.64 -11.28 -7.17
CA SER A 17 3.54 -10.51 -6.64
C SER A 17 3.12 -11.07 -5.30
N TRP A 18 3.27 -10.24 -4.29
CA TRP A 18 3.05 -10.62 -2.92
C TRP A 18 1.93 -9.77 -2.33
N GLU A 19 1.16 -10.37 -1.42
CA GLU A 19 0.06 -9.65 -0.81
C GLU A 19 0.56 -8.84 0.38
N LEU A 20 0.21 -7.58 0.38
CA LEU A 20 0.61 -6.68 1.46
C LEU A 20 -0.61 -6.24 2.24
N VAL A 21 -0.57 -6.44 3.55
CA VAL A 21 -1.65 -6.00 4.40
C VAL A 21 -1.42 -4.56 4.83
N VAL A 22 -2.36 -3.71 4.47
CA VAL A 22 -2.29 -2.30 4.84
C VAL A 22 -3.38 -1.97 5.83
N ARG A 23 -2.98 -1.61 7.03
CA ARG A 23 -3.92 -1.26 8.08
C ARG A 23 -4.27 0.21 7.97
N VAL A 24 -5.51 0.49 7.61
CA VAL A 24 -5.96 1.86 7.43
C VAL A 24 -6.37 2.47 8.76
N ASP A 25 -5.61 3.46 9.20
CA ASP A 25 -5.90 4.16 10.43
C ASP A 25 -6.65 5.44 10.11
N HIS A 26 -7.95 5.43 10.34
CA HIS A 26 -8.80 6.56 10.02
C HIS A 26 -8.50 7.70 11.00
N ALA A 27 -8.29 8.90 10.45
CA ALA A 27 -7.79 10.04 11.23
C ALA A 27 -8.81 10.54 12.25
N ASN A 28 -9.98 9.92 12.29
CA ASN A 28 -11.00 10.28 13.26
C ASN A 28 -10.94 9.37 14.48
N GLY A 29 -10.18 8.28 14.36
CA GLY A 29 -10.12 7.28 15.40
C GLY A 29 -11.42 6.50 15.47
N GLU A 30 -12.06 6.36 14.32
CA GLU A 30 -13.37 5.73 14.25
C GLU A 30 -13.27 4.22 14.19
N GLN A 31 -12.25 3.74 13.50
CA GLN A 31 -12.12 2.33 13.16
C GLN A 31 -10.85 2.14 12.34
N GLN A 32 -10.25 0.96 12.43
CA GLN A 32 -9.14 0.62 11.55
C GLN A 32 -9.58 -0.42 10.53
N THR A 33 -9.10 -0.28 9.31
CA THR A 33 -9.49 -1.15 8.21
C THR A 33 -8.29 -1.92 7.70
N GLU A 34 -8.37 -3.25 7.68
CA GLU A 34 -7.26 -4.06 7.22
C GLU A 34 -7.48 -4.50 5.79
N ILE A 35 -6.79 -3.83 4.87
CA ILE A 35 -6.92 -4.11 3.45
C ILE A 35 -5.72 -4.89 2.94
N THR A 36 -5.97 -5.93 2.15
CA THR A 36 -4.90 -6.73 1.59
C THR A 36 -4.85 -6.57 0.08
N LEU A 37 -3.74 -6.04 -0.41
CA LEU A 37 -3.55 -5.85 -1.84
C LEU A 37 -2.36 -6.66 -2.31
N ARG A 38 -2.50 -7.35 -3.43
CA ARG A 38 -1.39 -8.13 -3.96
C ARG A 38 -0.64 -7.29 -4.98
N VAL A 39 0.56 -6.93 -4.62
CA VAL A 39 1.37 -6.03 -5.42
C VAL A 39 2.55 -6.76 -6.03
N SER A 40 3.05 -6.26 -7.15
CA SER A 40 4.13 -6.93 -7.86
C SER A 40 5.47 -6.28 -7.59
N GLY A 41 5.48 -5.46 -6.56
CA GLY A 41 6.70 -4.79 -6.14
C GLY A 41 7.05 -3.59 -7.01
N ASP A 42 6.88 -3.74 -8.32
CA ASP A 42 7.15 -2.67 -9.28
C ASP A 42 6.04 -1.62 -9.25
N LEU A 43 5.08 -1.81 -8.36
CA LEU A 43 4.00 -0.86 -8.18
C LEU A 43 4.50 0.34 -7.38
N HIS A 44 4.27 1.54 -7.90
CA HIS A 44 4.69 2.75 -7.22
C HIS A 44 3.72 3.10 -6.08
N ILE A 45 4.23 3.74 -5.04
CA ILE A 45 3.47 4.03 -3.82
C ILE A 45 2.15 4.76 -4.12
N GLY A 46 2.19 5.73 -5.03
CA GLY A 46 1.00 6.50 -5.37
C GLY A 46 -0.15 5.64 -5.84
N GLY A 47 0.18 4.53 -6.52
CA GLY A 47 -0.84 3.64 -7.01
C GLY A 47 -1.51 2.88 -5.88
N VAL A 48 -0.70 2.47 -4.91
CA VAL A 48 -1.21 1.77 -3.73
C VAL A 48 -2.14 2.69 -2.94
N MET A 49 -1.72 3.94 -2.79
CA MET A 49 -2.51 4.95 -2.08
C MET A 49 -3.92 5.07 -2.64
N LEU A 50 -4.01 5.06 -3.97
CA LEU A 50 -5.30 5.16 -4.65
C LEU A 50 -6.14 3.92 -4.39
N LYS A 51 -5.50 2.75 -4.44
CA LYS A 51 -6.21 1.49 -4.29
C LYS A 51 -6.84 1.34 -2.92
N LEU A 52 -6.16 1.85 -1.89
CA LEU A 52 -6.72 1.83 -0.55
C LEU A 52 -8.06 2.56 -0.51
N VAL A 53 -8.08 3.76 -1.05
CA VAL A 53 -9.30 4.58 -1.09
C VAL A 53 -10.43 3.82 -1.80
N GLU A 54 -10.08 3.11 -2.87
CA GLU A 54 -11.06 2.37 -3.65
C GLU A 54 -11.58 1.16 -2.86
N GLN A 55 -10.71 0.55 -2.07
CA GLN A 55 -11.05 -0.63 -1.29
C GLN A 55 -12.10 -0.33 -0.23
N MET A 56 -11.84 0.69 0.59
CA MET A 56 -12.80 1.04 1.64
C MET A 56 -14.08 1.60 1.03
N ASN A 57 -13.94 2.53 0.10
CA ASN A 57 -15.07 3.21 -0.51
C ASN A 57 -15.96 3.83 0.56
N ILE A 58 -15.49 4.93 1.13
CA ILE A 58 -16.20 5.60 2.22
C ILE A 58 -16.39 7.06 1.90
N ALA A 59 -17.59 7.56 2.16
CA ALA A 59 -17.93 8.95 1.86
C ALA A 59 -17.39 9.90 2.93
N GLN A 60 -16.08 10.08 2.92
CA GLN A 60 -15.45 11.10 3.75
C GLN A 60 -14.32 11.75 2.97
N ASP A 61 -13.95 12.96 3.34
CA ASP A 61 -12.95 13.71 2.60
C ASP A 61 -11.54 13.31 3.02
N TRP A 62 -10.86 12.60 2.14
CA TRP A 62 -9.46 12.26 2.34
C TRP A 62 -8.60 13.45 1.94
N SER A 63 -8.64 14.48 2.78
CA SER A 63 -7.95 15.75 2.52
C SER A 63 -6.51 15.54 2.09
N ASP A 64 -5.81 14.64 2.78
CA ASP A 64 -4.42 14.35 2.47
C ASP A 64 -4.06 12.98 3.01
N TYR A 65 -3.92 12.01 2.12
CA TYR A 65 -3.70 10.63 2.52
C TYR A 65 -2.35 10.12 2.04
N ALA A 66 -1.77 9.17 2.78
CA ALA A 66 -0.50 8.57 2.43
C ALA A 66 -0.23 7.33 3.26
N LEU A 67 0.88 6.67 3.02
CA LEU A 67 1.24 5.47 3.76
C LEU A 67 2.20 5.79 4.90
N TRP A 68 1.98 5.15 6.02
CA TRP A 68 2.84 5.26 7.19
C TRP A 68 3.52 3.92 7.42
N TRP A 69 4.83 3.90 7.27
CA TRP A 69 5.60 2.68 7.51
C TRP A 69 5.87 2.55 8.99
N GLU A 70 5.23 1.57 9.62
CA GLU A 70 5.29 1.41 11.07
C GLU A 70 6.69 1.00 11.52
N GLN A 71 7.30 0.08 10.81
CA GLN A 71 8.57 -0.52 11.21
C GLN A 71 9.76 0.39 10.93
N LYS A 72 9.50 1.54 10.32
CA LYS A 72 10.56 2.51 10.06
C LYS A 72 10.17 3.88 10.59
N ARG A 73 8.90 4.02 10.95
CA ARG A 73 8.33 5.30 11.38
C ARG A 73 8.63 6.40 10.37
N CYS A 74 7.92 6.35 9.25
CA CYS A 74 8.15 7.28 8.15
C CYS A 74 6.94 7.35 7.25
N TRP A 75 6.72 8.51 6.65
CA TRP A 75 5.60 8.71 5.75
C TRP A 75 6.06 8.50 4.32
N LEU A 76 5.36 7.61 3.61
CA LEU A 76 5.69 7.35 2.22
C LEU A 76 5.28 8.53 1.36
N LEU A 77 6.27 9.29 0.94
CA LEU A 77 6.03 10.48 0.13
C LEU A 77 6.77 10.38 -1.19
N LYS A 78 7.44 9.24 -1.37
CA LYS A 78 8.07 8.93 -2.64
C LYS A 78 7.10 8.13 -3.49
N THR A 79 6.01 8.78 -3.86
CA THR A 79 4.94 8.17 -4.62
C THR A 79 5.42 7.80 -6.02
N HIS A 80 6.44 8.53 -6.47
CA HIS A 80 7.05 8.31 -7.77
C HIS A 80 8.01 7.11 -7.72
N TRP A 81 8.19 6.57 -6.52
CA TRP A 81 9.03 5.39 -6.32
C TRP A 81 8.17 4.15 -6.12
N THR A 82 8.71 3.00 -6.50
CA THR A 82 7.99 1.76 -6.36
C THR A 82 8.16 1.18 -4.96
N LEU A 83 7.38 0.15 -4.65
CA LEU A 83 7.51 -0.58 -3.39
C LEU A 83 8.92 -1.14 -3.24
N ASP A 84 9.40 -1.76 -4.30
CA ASP A 84 10.71 -2.40 -4.30
C ASP A 84 11.82 -1.36 -4.22
N LYS A 85 11.59 -0.19 -4.81
CA LYS A 85 12.56 0.89 -4.75
C LYS A 85 12.62 1.50 -3.36
N CYS A 86 11.47 1.65 -2.73
CA CYS A 86 11.41 2.17 -1.37
C CYS A 86 11.97 1.16 -0.37
N GLY A 87 11.70 -0.11 -0.63
CA GLY A 87 12.22 -1.15 0.23
C GLY A 87 11.16 -1.76 1.13
N VAL A 88 9.90 -1.39 0.87
CA VAL A 88 8.80 -1.91 1.67
C VAL A 88 8.17 -3.13 1.00
N GLN A 89 8.24 -4.26 1.70
CA GLN A 89 7.70 -5.50 1.18
C GLN A 89 6.84 -6.18 2.24
N ALA A 90 6.42 -7.41 1.97
CA ALA A 90 5.44 -8.11 2.81
C ALA A 90 5.99 -8.43 4.20
N ASP A 91 7.30 -8.29 4.36
CA ASP A 91 7.94 -8.53 5.66
C ASP A 91 7.67 -7.39 6.62
N ALA A 92 7.18 -6.28 6.09
CA ALA A 92 6.93 -5.10 6.88
C ALA A 92 5.44 -4.82 6.99
N ASN A 93 5.03 -4.21 8.09
CA ASN A 93 3.65 -3.80 8.26
C ASN A 93 3.47 -2.38 7.74
N LEU A 94 2.38 -2.14 7.05
CA LEU A 94 2.16 -0.82 6.46
C LEU A 94 0.81 -0.26 6.91
N LEU A 95 0.85 0.95 7.45
CA LEU A 95 -0.35 1.62 7.94
C LEU A 95 -0.77 2.68 6.93
N PHE A 96 -2.04 2.72 6.57
CA PHE A 96 -2.53 3.77 5.70
C PHE A 96 -3.31 4.77 6.53
N THR A 97 -2.75 5.95 6.69
CA THR A 97 -3.39 6.97 7.47
C THR A 97 -3.18 8.34 6.83
N PRO A 98 -4.23 9.17 6.81
CA PRO A 98 -4.12 10.53 6.32
C PRO A 98 -3.23 11.38 7.22
N GLN A 99 -2.32 12.13 6.62
CA GLN A 99 -1.50 13.07 7.37
C GLN A 99 -2.30 14.33 7.69
N HIS A 100 -3.57 14.31 7.26
CA HIS A 100 -4.59 15.27 7.69
C HIS A 100 -4.26 16.69 7.23
N LYS A 101 -3.49 16.79 6.15
CA LYS A 101 -3.10 18.07 5.53
C LYS A 101 -2.49 19.04 6.56
N MET A 102 -2.31 20.28 6.13
CA MET A 102 -1.89 21.33 7.04
C MET A 102 -3.10 22.16 7.44
N GLY A 1 10.59 -30.74 0.62
CA GLY A 1 10.17 -31.31 -0.69
C GLY A 1 9.99 -30.22 -1.73
N ILE A 2 9.05 -29.33 -1.49
CA ILE A 2 8.82 -28.21 -2.39
C ILE A 2 9.42 -26.93 -1.81
N ASP A 3 9.32 -25.85 -2.57
CA ASP A 3 9.81 -24.55 -2.14
C ASP A 3 9.33 -23.47 -3.11
N PRO A 4 9.46 -22.17 -2.74
CA PRO A 4 9.02 -21.05 -3.59
C PRO A 4 9.82 -20.91 -4.90
N PHE A 5 10.69 -21.88 -5.18
CA PHE A 5 11.47 -21.92 -6.41
C PHE A 5 12.54 -20.84 -6.45
N THR A 6 13.40 -20.92 -7.45
CA THR A 6 14.45 -19.96 -7.66
C THR A 6 14.05 -18.93 -8.71
N MET A 7 12.74 -18.82 -8.94
CA MET A 7 12.23 -17.90 -9.96
C MET A 7 12.24 -16.46 -9.44
N LEU A 8 13.44 -15.95 -9.24
CA LEU A 8 13.64 -14.58 -8.79
C LEU A 8 15.08 -14.18 -9.09
N SER A 9 16.00 -15.09 -8.81
CA SER A 9 17.41 -14.89 -9.12
C SER A 9 17.68 -15.23 -10.58
N SER A 10 17.11 -14.44 -11.48
CA SER A 10 17.26 -14.65 -12.91
C SER A 10 17.17 -13.31 -13.65
N GLY A 11 17.67 -12.27 -13.00
CA GLY A 11 17.56 -10.94 -13.54
C GLY A 11 16.19 -10.35 -13.25
N ASP A 12 15.71 -9.49 -14.14
CA ASP A 12 14.41 -8.88 -13.96
C ASP A 12 13.41 -9.56 -14.87
N LEU A 13 12.73 -10.55 -14.34
CA LEU A 13 11.79 -11.35 -15.12
C LEU A 13 10.38 -11.20 -14.58
N THR A 14 10.26 -10.93 -13.30
CA THR A 14 8.96 -10.83 -12.67
C THR A 14 8.93 -9.72 -11.63
N SER A 15 7.79 -9.08 -11.50
CA SER A 15 7.59 -8.07 -10.48
C SER A 15 7.04 -8.72 -9.23
N ALA A 16 6.24 -9.77 -9.45
CA ALA A 16 5.63 -10.56 -8.39
C ALA A 16 4.60 -9.76 -7.60
N SER A 17 3.37 -10.27 -7.58
CA SER A 17 2.31 -9.65 -6.79
C SER A 17 2.21 -10.33 -5.45
N TRP A 18 2.90 -9.76 -4.49
CA TRP A 18 2.93 -10.29 -3.14
C TRP A 18 1.86 -9.61 -2.28
N GLU A 19 1.29 -10.36 -1.35
CA GLU A 19 0.19 -9.84 -0.54
C GLU A 19 0.72 -9.01 0.62
N LEU A 20 0.34 -7.74 0.61
CA LEU A 20 0.73 -6.80 1.64
C LEU A 20 -0.50 -6.35 2.40
N VAL A 21 -0.42 -6.33 3.71
CA VAL A 21 -1.51 -5.82 4.51
C VAL A 21 -1.29 -4.34 4.82
N VAL A 22 -2.22 -3.52 4.38
CA VAL A 22 -2.16 -2.10 4.65
C VAL A 22 -3.26 -1.73 5.63
N ARG A 23 -2.86 -1.38 6.84
CA ARG A 23 -3.82 -1.00 7.86
C ARG A 23 -4.13 0.48 7.72
N VAL A 24 -5.35 0.77 7.31
CA VAL A 24 -5.77 2.14 7.09
C VAL A 24 -6.28 2.76 8.39
N ASP A 25 -5.56 3.76 8.85
CA ASP A 25 -5.91 4.46 10.07
C ASP A 25 -6.70 5.71 9.72
N HIS A 26 -7.79 5.91 10.43
CA HIS A 26 -8.72 6.98 10.10
C HIS A 26 -8.71 8.05 11.17
N ALA A 27 -8.85 9.30 10.75
CA ALA A 27 -8.99 10.39 11.70
C ALA A 27 -10.34 10.31 12.37
N ASN A 28 -11.38 10.12 11.56
CA ASN A 28 -12.74 9.97 12.07
C ASN A 28 -13.52 8.96 11.23
N GLY A 29 -14.03 7.93 11.89
CA GLY A 29 -14.86 6.94 11.21
C GLY A 29 -14.14 5.63 10.97
N GLU A 30 -14.89 4.53 11.09
CA GLU A 30 -14.38 3.18 10.86
C GLU A 30 -13.24 2.80 11.81
N GLN A 31 -12.82 1.55 11.71
CA GLN A 31 -11.68 1.04 12.46
C GLN A 31 -10.43 1.19 11.62
N GLN A 32 -9.31 0.68 12.11
CA GLN A 32 -8.12 0.59 11.28
C GLN A 32 -8.30 -0.51 10.25
N THR A 33 -8.72 -0.12 9.06
CA THR A 33 -9.11 -1.06 8.03
C THR A 33 -7.87 -1.65 7.37
N GLU A 34 -7.60 -2.91 7.64
CA GLU A 34 -6.42 -3.55 7.10
C GLU A 34 -6.77 -4.38 5.89
N ILE A 35 -6.38 -3.88 4.73
CA ILE A 35 -6.66 -4.53 3.47
C ILE A 35 -5.42 -5.28 2.98
N THR A 36 -5.61 -6.51 2.57
CA THR A 36 -4.51 -7.30 2.04
C THR A 36 -4.54 -7.26 0.52
N LEU A 37 -3.67 -6.45 -0.05
CA LEU A 37 -3.60 -6.29 -1.48
C LEU A 37 -2.37 -6.98 -2.03
N ARG A 38 -2.50 -7.65 -3.16
CA ARG A 38 -1.34 -8.23 -3.79
C ARG A 38 -0.79 -7.26 -4.82
N VAL A 39 0.36 -6.72 -4.49
CA VAL A 39 0.97 -5.67 -5.28
C VAL A 39 2.27 -6.14 -5.88
N SER A 40 2.62 -5.59 -7.03
CA SER A 40 3.88 -5.91 -7.66
C SER A 40 4.96 -4.94 -7.21
N GLY A 41 6.21 -5.35 -7.31
CA GLY A 41 7.31 -4.51 -6.90
C GLY A 41 7.42 -3.26 -7.75
N ASP A 42 6.81 -3.29 -8.93
CA ASP A 42 6.85 -2.17 -9.87
C ASP A 42 5.65 -1.26 -9.69
N LEU A 43 4.93 -1.43 -8.59
CA LEU A 43 3.80 -0.56 -8.28
C LEU A 43 4.27 0.57 -7.36
N HIS A 44 4.01 1.81 -7.77
CA HIS A 44 4.43 2.97 -7.00
C HIS A 44 3.46 3.26 -5.85
N ILE A 45 3.98 3.86 -4.78
CA ILE A 45 3.22 4.11 -3.55
C ILE A 45 1.88 4.81 -3.82
N GLY A 46 1.90 5.85 -4.65
CA GLY A 46 0.67 6.57 -4.95
C GLY A 46 -0.36 5.70 -5.62
N GLY A 47 0.10 4.71 -6.38
CA GLY A 47 -0.80 3.79 -7.05
C GLY A 47 -1.42 2.82 -6.07
N VAL A 48 -0.65 2.45 -5.06
CA VAL A 48 -1.13 1.61 -3.98
C VAL A 48 -2.22 2.36 -3.20
N MET A 49 -1.95 3.64 -2.93
CA MET A 49 -2.89 4.52 -2.24
C MET A 49 -4.24 4.54 -2.93
N LEU A 50 -4.20 4.64 -4.25
CA LEU A 50 -5.41 4.67 -5.06
C LEU A 50 -6.23 3.40 -4.85
N LYS A 51 -5.54 2.26 -4.78
CA LYS A 51 -6.22 0.98 -4.65
C LYS A 51 -6.88 0.82 -3.29
N LEU A 52 -6.29 1.43 -2.26
CA LEU A 52 -6.91 1.43 -0.93
C LEU A 52 -8.25 2.16 -0.99
N VAL A 53 -8.24 3.39 -1.52
CA VAL A 53 -9.46 4.17 -1.65
C VAL A 53 -10.51 3.40 -2.43
N GLU A 54 -10.07 2.82 -3.54
CA GLU A 54 -10.93 2.04 -4.42
C GLU A 54 -11.50 0.81 -3.69
N GLN A 55 -10.75 0.29 -2.74
CA GLN A 55 -11.17 -0.90 -1.99
C GLN A 55 -12.27 -0.55 -0.98
N MET A 56 -12.02 0.41 -0.11
CA MET A 56 -12.94 0.69 0.99
C MET A 56 -14.03 1.68 0.59
N ASN A 57 -13.64 2.78 -0.05
CA ASN A 57 -14.57 3.87 -0.37
C ASN A 57 -15.26 4.37 0.90
N ILE A 58 -14.50 5.05 1.73
CA ILE A 58 -15.00 5.47 3.05
C ILE A 58 -15.11 6.99 3.12
N ALA A 59 -16.16 7.47 3.79
CA ALA A 59 -16.44 8.88 3.91
C ALA A 59 -15.38 9.62 4.72
N GLN A 60 -14.40 10.16 4.01
CA GLN A 60 -13.40 11.05 4.57
C GLN A 60 -12.67 11.75 3.43
N ASP A 61 -11.75 12.64 3.75
CA ASP A 61 -10.98 13.31 2.71
C ASP A 61 -9.67 12.57 2.47
N TRP A 62 -9.46 12.19 1.22
CA TRP A 62 -8.24 11.47 0.85
C TRP A 62 -7.20 12.43 0.31
N SER A 63 -7.48 13.72 0.45
CA SER A 63 -6.59 14.77 -0.03
C SER A 63 -5.27 14.74 0.73
N ASP A 64 -5.36 14.75 2.05
CA ASP A 64 -4.17 14.63 2.88
C ASP A 64 -4.07 13.19 3.37
N TYR A 65 -3.23 12.42 2.69
CA TYR A 65 -3.09 11.01 2.97
C TYR A 65 -1.78 10.48 2.41
N ALA A 66 -1.17 9.54 3.11
CA ALA A 66 0.07 8.92 2.66
C ALA A 66 0.29 7.60 3.39
N LEU A 67 1.23 6.80 2.92
CA LEU A 67 1.58 5.56 3.59
C LEU A 67 2.51 5.84 4.76
N TRP A 68 2.15 5.32 5.91
CA TRP A 68 3.00 5.39 7.08
C TRP A 68 3.66 4.05 7.31
N TRP A 69 4.97 4.01 7.19
CA TRP A 69 5.68 2.79 7.45
C TRP A 69 5.87 2.65 8.94
N GLU A 70 5.14 1.70 9.52
CA GLU A 70 5.02 1.58 10.96
C GLU A 70 6.33 1.14 11.59
N GLN A 71 6.90 0.06 11.08
CA GLN A 71 8.09 -0.53 11.67
C GLN A 71 9.31 0.37 11.51
N LYS A 72 9.37 1.13 10.42
CA LYS A 72 10.49 2.03 10.18
C LYS A 72 10.23 3.42 10.77
N ARG A 73 8.97 3.68 11.09
CA ARG A 73 8.55 4.99 11.59
C ARG A 73 8.88 6.09 10.58
N CYS A 74 8.28 6.00 9.39
CA CYS A 74 8.58 6.92 8.30
C CYS A 74 7.34 7.13 7.43
N TRP A 75 7.21 8.32 6.86
CA TRP A 75 6.12 8.64 5.96
C TRP A 75 6.56 8.44 4.52
N LEU A 76 5.79 7.69 3.76
CA LEU A 76 6.06 7.53 2.34
C LEU A 76 5.46 8.71 1.58
N LEU A 77 6.32 9.63 1.18
CA LEU A 77 5.90 10.75 0.35
C LEU A 77 6.49 10.57 -1.03
N LYS A 78 7.34 9.56 -1.17
CA LYS A 78 7.86 9.15 -2.45
C LYS A 78 6.80 8.33 -3.18
N THR A 79 5.70 8.98 -3.53
CA THR A 79 4.56 8.32 -4.14
C THR A 79 4.90 7.80 -5.53
N HIS A 80 6.02 8.29 -6.07
CA HIS A 80 6.48 7.92 -7.40
C HIS A 80 7.45 6.76 -7.33
N TRP A 81 7.80 6.38 -6.11
CA TRP A 81 8.67 5.24 -5.87
C TRP A 81 7.84 3.98 -5.71
N THR A 82 8.38 2.87 -6.19
CA THR A 82 7.71 1.59 -6.08
C THR A 82 8.05 0.90 -4.77
N LEU A 83 7.29 -0.14 -4.43
CA LEU A 83 7.58 -0.92 -3.21
C LEU A 83 9.00 -1.44 -3.23
N ASP A 84 9.40 -1.97 -4.38
CA ASP A 84 10.74 -2.52 -4.57
C ASP A 84 11.80 -1.45 -4.34
N LYS A 85 11.55 -0.26 -4.86
CA LYS A 85 12.50 0.83 -4.77
C LYS A 85 12.55 1.41 -3.35
N CYS A 86 11.42 1.38 -2.64
CA CYS A 86 11.36 1.86 -1.27
C CYS A 86 11.99 0.85 -0.32
N GLY A 87 11.90 -0.43 -0.66
CA GLY A 87 12.48 -1.47 0.16
C GLY A 87 11.47 -2.10 1.10
N VAL A 88 10.20 -1.73 0.94
CA VAL A 88 9.14 -2.26 1.78
C VAL A 88 8.62 -3.59 1.22
N GLN A 89 8.74 -4.63 2.03
CA GLN A 89 8.35 -5.97 1.64
C GLN A 89 6.93 -6.27 2.09
N ALA A 90 6.52 -7.53 1.97
CA ALA A 90 5.15 -7.94 2.28
C ALA A 90 4.97 -8.14 3.78
N ASP A 91 6.04 -8.50 4.47
CA ASP A 91 5.98 -8.75 5.91
C ASP A 91 6.20 -7.47 6.69
N ALA A 92 6.38 -6.37 5.97
CA ALA A 92 6.56 -5.08 6.60
C ALA A 92 5.19 -4.46 6.93
N ASN A 93 4.99 -4.14 8.20
CA ASN A 93 3.73 -3.55 8.64
C ASN A 93 3.58 -2.14 8.08
N LEU A 94 2.58 -1.95 7.23
CA LEU A 94 2.38 -0.67 6.57
C LEU A 94 1.02 -0.10 6.96
N LEU A 95 1.03 1.14 7.43
CA LEU A 95 -0.18 1.82 7.87
C LEU A 95 -0.56 2.89 6.85
N PHE A 96 -1.84 3.10 6.64
CA PHE A 96 -2.29 4.15 5.73
C PHE A 96 -3.14 5.15 6.50
N THR A 97 -2.60 6.31 6.77
CA THR A 97 -3.27 7.30 7.60
C THR A 97 -2.98 8.71 7.08
N PRO A 98 -3.89 9.68 7.30
CA PRO A 98 -3.65 11.08 6.95
C PRO A 98 -2.36 11.59 7.59
N GLN A 99 -1.57 12.34 6.82
CA GLN A 99 -0.25 12.73 7.29
C GLN A 99 -0.30 13.99 8.13
N HIS A 100 -1.16 14.94 7.76
CA HIS A 100 -1.23 16.21 8.46
C HIS A 100 -2.67 16.57 8.82
N LYS A 101 -3.60 15.65 8.58
CA LYS A 101 -4.98 15.89 8.93
C LYS A 101 -5.23 15.65 10.42
N MET A 102 -5.21 16.74 11.18
CA MET A 102 -5.57 16.72 12.58
C MET A 102 -5.67 18.15 13.07
N GLY A 1 7.65 -31.48 -2.49
CA GLY A 1 6.65 -31.67 -1.41
C GLY A 1 5.27 -31.24 -1.84
N ILE A 2 4.27 -32.05 -1.54
CA ILE A 2 2.91 -31.77 -1.93
C ILE A 2 2.13 -31.17 -0.76
N ASP A 3 2.13 -29.85 -0.69
CA ASP A 3 1.31 -29.14 0.28
C ASP A 3 0.75 -27.86 -0.34
N PRO A 4 1.62 -26.93 -0.81
CA PRO A 4 1.17 -25.78 -1.59
C PRO A 4 0.87 -26.19 -3.03
N PHE A 5 1.78 -26.94 -3.63
CA PHE A 5 1.59 -27.45 -4.97
C PHE A 5 1.18 -28.91 -4.94
N THR A 6 -0.13 -29.15 -4.84
CA THR A 6 -0.66 -30.48 -5.06
C THR A 6 -0.98 -30.61 -6.54
N MET A 7 -1.11 -29.45 -7.17
CA MET A 7 -1.31 -29.33 -8.59
C MET A 7 -0.63 -28.03 -9.03
N LEU A 8 -0.84 -27.59 -10.26
CA LEU A 8 -0.25 -26.33 -10.71
C LEU A 8 -0.97 -25.13 -10.10
N SER A 9 -0.64 -24.82 -8.85
CA SER A 9 -1.24 -23.69 -8.16
C SER A 9 -0.15 -22.79 -7.56
N SER A 10 0.15 -21.70 -8.24
CA SER A 10 1.22 -20.80 -7.80
C SER A 10 0.68 -19.66 -6.95
N GLY A 11 -0.64 -19.56 -6.84
CA GLY A 11 -1.24 -18.45 -6.13
C GLY A 11 -1.33 -17.22 -7.00
N ASP A 12 -0.22 -16.52 -7.15
CA ASP A 12 -0.13 -15.41 -8.09
C ASP A 12 0.41 -15.89 -9.42
N LEU A 13 -0.39 -15.75 -10.47
CA LEU A 13 0.02 -16.14 -11.80
C LEU A 13 0.43 -14.92 -12.61
N THR A 14 0.59 -13.80 -11.92
CA THR A 14 1.03 -12.57 -12.57
C THR A 14 2.54 -12.63 -12.80
N SER A 15 3.28 -12.86 -11.72
CA SER A 15 4.74 -12.97 -11.77
C SER A 15 5.27 -13.35 -10.39
N ALA A 16 5.11 -12.45 -9.44
CA ALA A 16 5.55 -12.65 -8.07
C ALA A 16 4.85 -11.67 -7.15
N SER A 17 3.62 -11.34 -7.49
CA SER A 17 2.85 -10.35 -6.75
C SER A 17 2.48 -10.88 -5.38
N TRP A 18 3.03 -10.25 -4.37
CA TRP A 18 2.79 -10.63 -3.00
C TRP A 18 1.63 -9.84 -2.43
N GLU A 19 0.87 -10.46 -1.55
CA GLU A 19 -0.28 -9.80 -0.94
C GLU A 19 0.17 -8.91 0.21
N LEU A 20 0.01 -7.62 0.01
CA LEU A 20 0.38 -6.64 1.01
C LEU A 20 -0.83 -6.26 1.86
N VAL A 21 -0.77 -6.57 3.13
CA VAL A 21 -1.81 -6.18 4.04
C VAL A 21 -1.48 -4.81 4.64
N VAL A 22 -2.36 -3.86 4.41
CA VAL A 22 -2.18 -2.51 4.92
C VAL A 22 -3.33 -2.16 5.84
N ARG A 23 -3.00 -1.64 7.00
CA ARG A 23 -4.03 -1.25 7.95
C ARG A 23 -4.32 0.24 7.82
N VAL A 24 -5.54 0.55 7.44
CA VAL A 24 -5.96 1.93 7.23
C VAL A 24 -6.46 2.54 8.54
N ASP A 25 -5.75 3.54 9.01
CA ASP A 25 -6.13 4.24 10.22
C ASP A 25 -6.92 5.49 9.86
N HIS A 26 -8.22 5.44 10.10
CA HIS A 26 -9.11 6.52 9.69
C HIS A 26 -8.97 7.72 10.62
N ALA A 27 -9.10 8.90 10.05
CA ALA A 27 -9.05 10.13 10.81
C ALA A 27 -10.46 10.63 11.06
N ASN A 28 -10.59 11.65 11.91
CA ASN A 28 -11.90 12.20 12.29
C ASN A 28 -12.66 11.17 13.13
N GLY A 29 -11.92 10.20 13.63
CA GLY A 29 -12.50 9.12 14.38
C GLY A 29 -11.49 8.01 14.58
N GLU A 30 -11.88 6.94 15.27
CA GLU A 30 -10.99 5.82 15.47
C GLU A 30 -11.50 4.59 14.73
N GLN A 31 -10.68 4.09 13.81
CA GLN A 31 -11.05 2.94 13.00
C GLN A 31 -9.86 2.50 12.16
N GLN A 32 -9.39 1.28 12.37
CA GLN A 32 -8.35 0.71 11.55
C GLN A 32 -8.90 -0.44 10.71
N THR A 33 -8.73 -0.33 9.40
CA THR A 33 -9.23 -1.32 8.46
C THR A 33 -8.08 -2.15 7.89
N GLU A 34 -8.27 -3.46 7.77
CA GLU A 34 -7.23 -4.31 7.21
C GLU A 34 -7.53 -4.60 5.75
N ILE A 35 -6.69 -4.07 4.86
CA ILE A 35 -6.85 -4.25 3.43
C ILE A 35 -5.72 -5.12 2.89
N THR A 36 -6.04 -6.03 1.97
CA THR A 36 -5.04 -6.91 1.40
C THR A 36 -4.96 -6.74 -0.12
N LEU A 37 -3.88 -6.12 -0.58
CA LEU A 37 -3.69 -5.86 -2.00
C LEU A 37 -2.59 -6.76 -2.56
N ARG A 38 -2.84 -7.38 -3.70
CA ARG A 38 -1.81 -8.19 -4.33
C ARG A 38 -1.01 -7.32 -5.28
N VAL A 39 0.23 -7.04 -4.90
CA VAL A 39 1.06 -6.10 -5.61
C VAL A 39 2.46 -6.66 -5.83
N SER A 40 3.19 -6.08 -6.75
CA SER A 40 4.57 -6.46 -6.98
C SER A 40 5.46 -5.22 -6.82
N GLY A 41 6.77 -5.43 -6.79
CA GLY A 41 7.69 -4.36 -6.50
C GLY A 41 7.72 -3.28 -7.58
N ASP A 42 7.17 -3.60 -8.74
CA ASP A 42 7.17 -2.67 -9.87
C ASP A 42 6.12 -1.57 -9.69
N LEU A 43 5.20 -1.79 -8.76
CA LEU A 43 4.15 -0.83 -8.51
C LEU A 43 4.69 0.31 -7.64
N HIS A 44 4.26 1.53 -7.94
CA HIS A 44 4.73 2.69 -7.20
C HIS A 44 3.81 2.98 -6.01
N ILE A 45 4.38 3.59 -4.97
CA ILE A 45 3.67 3.87 -3.72
C ILE A 45 2.34 4.59 -3.93
N GLY A 46 2.36 5.61 -4.78
CA GLY A 46 1.15 6.38 -5.04
C GLY A 46 0.00 5.52 -5.55
N GLY A 47 0.32 4.49 -6.31
CA GLY A 47 -0.69 3.60 -6.84
C GLY A 47 -1.32 2.76 -5.75
N VAL A 48 -0.50 2.30 -4.83
CA VAL A 48 -0.98 1.52 -3.70
C VAL A 48 -1.89 2.38 -2.82
N MET A 49 -1.45 3.61 -2.57
CA MET A 49 -2.20 4.55 -1.75
C MET A 49 -3.61 4.76 -2.29
N LEU A 50 -3.74 4.79 -3.61
CA LEU A 50 -5.03 4.95 -4.26
C LEU A 50 -5.88 3.69 -4.09
N LYS A 51 -5.25 2.54 -4.21
CA LYS A 51 -5.95 1.26 -4.13
C LYS A 51 -6.54 1.04 -2.73
N LEU A 52 -5.89 1.59 -1.71
CA LEU A 52 -6.42 1.53 -0.35
C LEU A 52 -7.81 2.17 -0.30
N VAL A 53 -7.91 3.41 -0.79
CA VAL A 53 -9.17 4.12 -0.82
C VAL A 53 -10.22 3.36 -1.63
N GLU A 54 -9.77 2.80 -2.75
CA GLU A 54 -10.65 2.04 -3.64
C GLU A 54 -11.30 0.87 -2.89
N GLN A 55 -10.52 0.19 -2.06
CA GLN A 55 -10.98 -0.97 -1.33
C GLN A 55 -12.11 -0.64 -0.35
N MET A 56 -12.01 0.50 0.32
CA MET A 56 -13.07 0.92 1.23
C MET A 56 -14.26 1.47 0.45
N ASN A 57 -13.96 2.14 -0.67
CA ASN A 57 -14.99 2.78 -1.50
C ASN A 57 -15.74 3.83 -0.70
N ILE A 58 -15.08 4.96 -0.49
CA ILE A 58 -15.66 6.05 0.28
C ILE A 58 -15.42 7.37 -0.46
N ALA A 59 -16.43 7.81 -1.19
CA ALA A 59 -16.34 9.04 -1.95
C ALA A 59 -16.38 10.26 -1.04
N GLN A 60 -15.21 10.67 -0.58
CA GLN A 60 -15.08 11.83 0.28
C GLN A 60 -13.75 12.51 0.02
N ASP A 61 -13.41 13.50 0.84
CA ASP A 61 -12.14 14.18 0.73
C ASP A 61 -11.00 13.30 1.23
N TRP A 62 -10.09 12.98 0.33
CA TRP A 62 -8.88 12.25 0.69
C TRP A 62 -7.66 13.10 0.34
N SER A 63 -7.80 14.41 0.47
CA SER A 63 -6.73 15.34 0.12
C SER A 63 -5.48 15.12 0.99
N ASP A 64 -5.70 14.74 2.23
CA ASP A 64 -4.60 14.49 3.15
C ASP A 64 -4.50 13.00 3.46
N TYR A 65 -3.54 12.34 2.82
CA TYR A 65 -3.38 10.90 2.99
C TYR A 65 -1.96 10.49 2.61
N ALA A 66 -1.47 9.42 3.24
CA ALA A 66 -0.15 8.89 2.93
C ALA A 66 0.07 7.55 3.63
N LEU A 67 1.13 6.86 3.26
CA LEU A 67 1.47 5.60 3.89
C LEU A 67 2.46 5.83 5.04
N TRP A 68 2.12 5.32 6.19
CA TRP A 68 2.98 5.39 7.35
C TRP A 68 3.64 4.03 7.60
N TRP A 69 4.95 3.99 7.45
CA TRP A 69 5.69 2.77 7.69
C TRP A 69 6.04 2.68 9.16
N GLU A 70 5.42 1.73 9.87
CA GLU A 70 5.59 1.61 11.31
C GLU A 70 7.00 1.17 11.68
N GLN A 71 7.59 0.33 10.83
CA GLN A 71 8.91 -0.24 11.11
C GLN A 71 10.02 0.81 11.01
N LYS A 72 9.84 1.77 10.12
CA LYS A 72 10.86 2.79 9.89
C LYS A 72 10.45 4.12 10.49
N ARG A 73 9.14 4.29 10.71
CA ARG A 73 8.56 5.55 11.15
C ARG A 73 8.89 6.67 10.17
N CYS A 74 8.09 6.74 9.13
CA CYS A 74 8.29 7.69 8.04
C CYS A 74 7.06 7.73 7.16
N TRP A 75 6.79 8.89 6.57
CA TRP A 75 5.64 9.06 5.70
C TRP A 75 6.06 8.89 4.26
N LEU A 76 5.42 7.96 3.57
CA LEU A 76 5.71 7.74 2.17
C LEU A 76 5.04 8.82 1.34
N LEU A 77 5.84 9.76 0.89
CA LEU A 77 5.37 10.82 0.01
C LEU A 77 6.11 10.75 -1.31
N LYS A 78 7.07 9.85 -1.37
CA LYS A 78 7.76 9.53 -2.61
C LYS A 78 6.88 8.61 -3.43
N THR A 79 5.79 9.16 -3.94
CA THR A 79 4.78 8.37 -4.62
C THR A 79 5.28 7.82 -5.95
N HIS A 80 6.35 8.43 -6.47
CA HIS A 80 6.92 8.02 -7.74
C HIS A 80 7.85 6.81 -7.55
N TRP A 81 8.16 6.51 -6.29
CA TRP A 81 9.01 5.38 -5.96
C TRP A 81 8.23 4.08 -5.99
N THR A 82 8.86 3.03 -6.48
CA THR A 82 8.24 1.72 -6.52
C THR A 82 8.38 1.02 -5.16
N LEU A 83 7.60 -0.03 -4.96
CA LEU A 83 7.67 -0.82 -3.73
C LEU A 83 9.06 -1.39 -3.53
N ASP A 84 9.66 -1.86 -4.63
CA ASP A 84 10.98 -2.47 -4.59
C ASP A 84 12.04 -1.41 -4.31
N LYS A 85 11.79 -0.20 -4.81
CA LYS A 85 12.71 0.92 -4.60
C LYS A 85 12.72 1.33 -3.13
N CYS A 86 11.54 1.40 -2.53
CA CYS A 86 11.42 1.79 -1.13
C CYS A 86 11.92 0.68 -0.21
N GLY A 87 11.56 -0.56 -0.54
CA GLY A 87 11.98 -1.69 0.27
C GLY A 87 10.87 -2.20 1.17
N VAL A 88 9.64 -1.85 0.83
CA VAL A 88 8.49 -2.27 1.60
C VAL A 88 7.78 -3.44 0.90
N GLN A 89 7.79 -4.58 1.56
CA GLN A 89 7.17 -5.78 1.01
C GLN A 89 6.08 -6.31 1.94
N ALA A 90 5.67 -7.55 1.71
CA ALA A 90 4.51 -8.14 2.40
C ALA A 90 4.76 -8.30 3.90
N ASP A 91 6.02 -8.33 4.31
CA ASP A 91 6.36 -8.52 5.71
C ASP A 91 6.59 -7.19 6.41
N ALA A 92 6.25 -6.10 5.73
CA ALA A 92 6.40 -4.77 6.30
C ALA A 92 5.10 -4.28 6.93
N ASN A 93 5.18 -3.87 8.18
CA ASN A 93 4.03 -3.30 8.88
C ASN A 93 3.74 -1.91 8.33
N LEU A 94 2.64 -1.80 7.59
CA LEU A 94 2.31 -0.56 6.91
C LEU A 94 0.94 -0.05 7.33
N LEU A 95 0.90 1.19 7.77
CA LEU A 95 -0.33 1.83 8.22
C LEU A 95 -0.72 2.93 7.25
N PHE A 96 -1.93 2.89 6.73
CA PHE A 96 -2.37 3.93 5.81
C PHE A 96 -3.31 4.88 6.54
N THR A 97 -2.83 6.08 6.80
CA THR A 97 -3.62 7.07 7.51
C THR A 97 -3.33 8.46 6.96
N PRO A 98 -4.31 9.38 7.03
CA PRO A 98 -4.06 10.80 6.76
C PRO A 98 -2.87 11.30 7.55
N GLN A 99 -1.88 11.87 6.86
CA GLN A 99 -0.63 12.26 7.49
C GLN A 99 -0.86 13.22 8.63
N HIS A 100 -1.79 14.15 8.47
CA HIS A 100 -2.21 15.05 9.54
C HIS A 100 -0.98 15.78 10.12
N LYS A 101 -0.09 16.22 9.23
CA LYS A 101 1.15 16.89 9.60
C LYS A 101 2.15 15.90 10.22
N MET A 102 3.42 16.05 9.86
CA MET A 102 4.47 15.21 10.43
C MET A 102 4.72 15.56 11.89
N GLY A 1 -9.76 0.21 -18.27
CA GLY A 1 -10.85 -0.41 -19.06
C GLY A 1 -11.23 -1.77 -18.50
N ILE A 2 -12.04 -2.51 -19.25
CA ILE A 2 -12.44 -3.85 -18.86
C ILE A 2 -11.67 -4.87 -19.68
N ASP A 3 -10.70 -5.51 -19.04
CA ASP A 3 -9.83 -6.46 -19.73
C ASP A 3 -10.36 -7.88 -19.60
N PRO A 4 -10.53 -8.58 -20.74
CA PRO A 4 -11.06 -9.94 -20.77
C PRO A 4 -10.02 -11.01 -20.41
N PHE A 5 -8.74 -10.63 -20.44
CA PHE A 5 -7.68 -11.57 -20.12
C PHE A 5 -7.67 -11.88 -18.63
N THR A 6 -7.98 -10.86 -17.83
CA THR A 6 -8.12 -10.97 -16.38
C THR A 6 -6.87 -11.59 -15.73
N MET A 7 -7.03 -12.09 -14.50
CA MET A 7 -5.93 -12.69 -13.78
C MET A 7 -5.66 -14.10 -14.28
N LEU A 8 -4.98 -14.20 -15.41
CA LEU A 8 -4.59 -15.48 -15.97
C LEU A 8 -3.08 -15.59 -16.01
N SER A 9 -2.41 -14.45 -16.13
CA SER A 9 -0.97 -14.39 -16.12
C SER A 9 -0.50 -13.15 -15.38
N SER A 10 -0.32 -13.29 -14.08
CA SER A 10 0.15 -12.20 -13.24
C SER A 10 1.69 -12.19 -13.22
N GLY A 11 2.26 -13.38 -13.37
CA GLY A 11 3.70 -13.49 -13.36
C GLY A 11 4.18 -14.69 -14.15
N ASP A 12 5.04 -14.45 -15.12
CA ASP A 12 5.60 -15.52 -15.93
C ASP A 12 7.05 -15.77 -15.53
N LEU A 13 7.86 -14.73 -15.66
CA LEU A 13 9.25 -14.80 -15.23
C LEU A 13 9.40 -14.03 -13.91
N THR A 14 8.60 -12.99 -13.76
CA THR A 14 8.63 -12.17 -12.56
C THR A 14 7.27 -12.19 -11.87
N SER A 15 7.17 -13.01 -10.84
CA SER A 15 5.93 -13.14 -10.09
C SER A 15 6.04 -12.42 -8.76
N ALA A 16 6.66 -11.25 -8.79
CA ALA A 16 6.91 -10.47 -7.59
C ALA A 16 5.67 -9.70 -7.14
N SER A 17 4.52 -10.37 -7.20
CA SER A 17 3.27 -9.82 -6.71
C SER A 17 2.88 -10.55 -5.42
N TRP A 18 2.96 -9.83 -4.32
CA TRP A 18 2.77 -10.42 -3.00
C TRP A 18 1.63 -9.76 -2.24
N GLU A 19 1.22 -10.38 -1.14
CA GLU A 19 0.11 -9.87 -0.35
C GLU A 19 0.60 -8.85 0.67
N LEU A 20 0.32 -7.59 0.38
CA LEU A 20 0.65 -6.50 1.28
C LEU A 20 -0.59 -6.09 2.06
N VAL A 21 -0.60 -6.39 3.34
CA VAL A 21 -1.70 -5.99 4.20
C VAL A 21 -1.47 -4.58 4.72
N VAL A 22 -2.39 -3.69 4.41
CA VAL A 22 -2.30 -2.32 4.84
C VAL A 22 -3.38 -2.01 5.85
N ARG A 23 -2.98 -1.59 7.03
CA ARG A 23 -3.93 -1.23 8.08
C ARG A 23 -4.44 0.19 7.85
N VAL A 24 -5.71 0.31 7.51
CA VAL A 24 -6.31 1.60 7.24
C VAL A 24 -6.88 2.21 8.51
N ASP A 25 -6.33 3.34 8.90
CA ASP A 25 -6.76 4.05 10.08
C ASP A 25 -7.43 5.36 9.69
N HIS A 26 -8.54 5.68 10.34
CA HIS A 26 -9.24 6.91 10.06
C HIS A 26 -9.27 7.77 11.33
N ALA A 27 -9.29 9.08 11.17
CA ALA A 27 -9.20 9.99 12.30
C ALA A 27 -10.56 10.58 12.66
N ASN A 28 -11.62 9.91 12.24
CA ASN A 28 -12.97 10.40 12.49
C ASN A 28 -13.98 9.25 12.54
N GLY A 29 -14.28 8.81 13.75
CA GLY A 29 -15.35 7.83 13.98
C GLY A 29 -15.13 6.50 13.27
N GLU A 30 -13.88 6.08 13.15
CA GLU A 30 -13.56 4.82 12.50
C GLU A 30 -12.42 4.09 13.21
N GLN A 31 -12.45 2.78 13.13
CA GLN A 31 -11.37 1.96 13.66
C GLN A 31 -10.51 1.44 12.50
N GLN A 32 -9.40 0.79 12.83
CA GLN A 32 -8.48 0.30 11.80
C GLN A 32 -9.04 -0.93 11.09
N THR A 33 -8.98 -0.89 9.76
CA THR A 33 -9.36 -2.02 8.93
C THR A 33 -8.14 -2.50 8.14
N GLU A 34 -7.91 -3.79 8.13
CA GLU A 34 -6.73 -4.33 7.46
C GLU A 34 -7.09 -4.84 6.06
N ILE A 35 -6.56 -4.16 5.06
CA ILE A 35 -6.83 -4.51 3.67
C ILE A 35 -5.64 -5.25 3.08
N THR A 36 -5.87 -6.44 2.57
CA THR A 36 -4.81 -7.22 1.95
C THR A 36 -4.83 -7.03 0.44
N LEU A 37 -3.76 -6.40 -0.08
CA LEU A 37 -3.66 -6.13 -1.50
C LEU A 37 -2.56 -6.98 -2.13
N ARG A 38 -2.81 -7.48 -3.32
CA ARG A 38 -1.78 -8.21 -4.05
C ARG A 38 -1.07 -7.22 -4.96
N VAL A 39 0.17 -6.90 -4.62
CA VAL A 39 0.90 -5.85 -5.31
C VAL A 39 2.26 -6.31 -5.77
N SER A 40 2.73 -5.73 -6.85
CA SER A 40 4.04 -6.03 -7.39
C SER A 40 5.04 -4.97 -6.93
N GLY A 41 6.30 -5.34 -6.87
CA GLY A 41 7.33 -4.39 -6.46
C GLY A 41 7.49 -3.26 -7.46
N ASP A 42 7.09 -3.50 -8.70
CA ASP A 42 7.18 -2.50 -9.76
C ASP A 42 6.07 -1.45 -9.62
N LEU A 43 5.18 -1.68 -8.67
CA LEU A 43 4.11 -0.72 -8.41
C LEU A 43 4.65 0.43 -7.56
N HIS A 44 4.35 1.65 -7.97
CA HIS A 44 4.79 2.83 -7.24
C HIS A 44 3.84 3.13 -6.08
N ILE A 45 4.38 3.72 -5.01
CA ILE A 45 3.66 3.95 -3.77
C ILE A 45 2.31 4.64 -3.98
N GLY A 46 2.30 5.70 -4.78
CA GLY A 46 1.07 6.43 -5.04
C GLY A 46 -0.02 5.55 -5.64
N GLY A 47 0.39 4.53 -6.37
CA GLY A 47 -0.55 3.61 -6.98
C GLY A 47 -1.11 2.63 -5.96
N VAL A 48 -0.38 2.44 -4.87
CA VAL A 48 -0.84 1.61 -3.77
C VAL A 48 -1.86 2.40 -2.95
N MET A 49 -1.48 3.62 -2.59
CA MET A 49 -2.32 4.52 -1.80
C MET A 49 -3.66 4.75 -2.49
N LEU A 50 -3.62 4.86 -3.82
CA LEU A 50 -4.83 5.04 -4.61
C LEU A 50 -5.77 3.84 -4.45
N LYS A 51 -5.19 2.65 -4.37
CA LYS A 51 -5.97 1.43 -4.24
C LYS A 51 -6.67 1.37 -2.88
N LEU A 52 -6.04 1.92 -1.85
CA LEU A 52 -6.66 1.94 -0.52
C LEU A 52 -8.01 2.65 -0.55
N VAL A 53 -8.04 3.85 -1.14
CA VAL A 53 -9.28 4.59 -1.28
C VAL A 53 -10.27 3.82 -2.15
N GLU A 54 -9.73 3.14 -3.16
CA GLU A 54 -10.55 2.37 -4.10
C GLU A 54 -11.22 1.17 -3.42
N GLN A 55 -10.53 0.58 -2.45
CA GLN A 55 -11.02 -0.64 -1.79
C GLN A 55 -12.34 -0.39 -1.07
N MET A 56 -12.38 0.62 -0.22
CA MET A 56 -13.58 0.94 0.54
C MET A 56 -14.57 1.72 -0.32
N ASN A 57 -14.10 2.22 -1.47
CA ASN A 57 -14.93 2.99 -2.40
C ASN A 57 -15.49 4.24 -1.73
N ILE A 58 -14.72 4.75 -0.78
CA ILE A 58 -15.14 5.94 -0.04
C ILE A 58 -15.06 7.18 -0.93
N ALA A 59 -16.17 7.91 -1.01
CA ALA A 59 -16.21 9.17 -1.73
C ALA A 59 -15.09 10.07 -1.23
N GLN A 60 -14.19 10.43 -2.13
CA GLN A 60 -12.98 11.12 -1.75
C GLN A 60 -13.26 12.46 -1.08
N ASP A 61 -12.79 12.54 0.14
CA ASP A 61 -12.79 13.77 0.93
C ASP A 61 -11.57 13.71 1.81
N TRP A 62 -10.52 13.17 1.22
CA TRP A 62 -9.29 12.85 1.92
C TRP A 62 -8.39 14.07 1.99
N SER A 63 -8.81 15.05 2.77
CA SER A 63 -8.02 16.25 3.00
C SER A 63 -6.69 15.87 3.66
N ASP A 64 -6.74 14.84 4.49
CA ASP A 64 -5.55 14.29 5.12
C ASP A 64 -5.44 12.81 4.82
N TYR A 65 -4.43 12.42 4.05
CA TYR A 65 -4.18 11.01 3.83
C TYR A 65 -2.73 10.80 3.38
N ALA A 66 -2.12 9.72 3.86
CA ALA A 66 -0.79 9.33 3.46
C ALA A 66 -0.47 7.94 3.98
N LEU A 67 0.60 7.36 3.48
CA LEU A 67 0.98 6.02 3.89
C LEU A 67 2.09 6.10 4.94
N TRP A 68 1.94 5.33 5.99
CA TRP A 68 2.88 5.34 7.10
C TRP A 68 3.55 3.98 7.24
N TRP A 69 4.86 3.97 7.13
CA TRP A 69 5.63 2.77 7.37
C TRP A 69 6.01 2.71 8.84
N GLU A 70 5.41 1.78 9.57
CA GLU A 70 5.58 1.71 11.01
C GLU A 70 7.01 1.32 11.38
N GLN A 71 7.53 0.29 10.71
CA GLN A 71 8.86 -0.24 11.00
C GLN A 71 9.95 0.80 10.72
N LYS A 72 9.97 1.33 9.50
CA LYS A 72 10.99 2.29 9.10
C LYS A 72 10.70 3.68 9.67
N ARG A 73 9.51 3.85 10.22
CA ARG A 73 9.07 5.13 10.78
C ARG A 73 9.21 6.25 9.76
N CYS A 74 8.30 6.29 8.81
CA CYS A 74 8.35 7.26 7.73
C CYS A 74 7.02 7.33 7.00
N TRP A 75 6.71 8.50 6.50
CA TRP A 75 5.52 8.68 5.69
C TRP A 75 5.92 8.57 4.22
N LEU A 76 5.32 7.64 3.51
CA LEU A 76 5.68 7.41 2.13
C LEU A 76 5.16 8.53 1.26
N LEU A 77 6.06 9.42 0.88
CA LEU A 77 5.74 10.50 -0.03
C LEU A 77 6.56 10.32 -1.30
N LYS A 78 7.19 9.15 -1.39
CA LYS A 78 7.92 8.78 -2.58
C LYS A 78 6.96 8.16 -3.58
N THR A 79 6.01 8.96 -4.04
CA THR A 79 4.96 8.48 -4.91
C THR A 79 5.51 8.12 -6.29
N HIS A 80 6.68 8.64 -6.60
CA HIS A 80 7.35 8.34 -7.86
C HIS A 80 8.22 7.10 -7.72
N TRP A 81 8.40 6.65 -6.48
CA TRP A 81 9.22 5.49 -6.19
C TRP A 81 8.36 4.24 -6.13
N THR A 82 8.94 3.12 -6.52
CA THR A 82 8.25 1.85 -6.53
C THR A 82 8.46 1.11 -5.22
N LEU A 83 7.71 0.03 -5.02
CA LEU A 83 7.82 -0.79 -3.82
C LEU A 83 9.22 -1.37 -3.67
N ASP A 84 9.83 -1.75 -4.79
CA ASP A 84 11.18 -2.31 -4.76
C ASP A 84 12.20 -1.26 -4.32
N LYS A 85 12.04 -0.05 -4.84
CA LYS A 85 12.91 1.07 -4.51
C LYS A 85 12.77 1.45 -3.04
N CYS A 86 11.54 1.50 -2.55
CA CYS A 86 11.28 1.86 -1.17
C CYS A 86 11.77 0.77 -0.22
N GLY A 87 11.62 -0.48 -0.64
CA GLY A 87 12.11 -1.59 0.16
C GLY A 87 11.04 -2.16 1.06
N VAL A 88 9.81 -1.75 0.86
CA VAL A 88 8.69 -2.27 1.65
C VAL A 88 8.17 -3.56 1.04
N GLN A 89 8.12 -4.60 1.85
CA GLN A 89 7.73 -5.92 1.38
C GLN A 89 6.50 -6.42 2.13
N ALA A 90 6.11 -7.67 1.85
CA ALA A 90 4.87 -8.23 2.39
C ALA A 90 4.94 -8.42 3.91
N ASP A 91 6.13 -8.38 4.48
CA ASP A 91 6.32 -8.59 5.90
C ASP A 91 6.36 -7.26 6.64
N ALA A 92 6.15 -6.17 5.92
CA ALA A 92 6.19 -4.85 6.51
C ALA A 92 4.85 -4.45 7.11
N ASN A 93 4.89 -3.99 8.36
CA ASN A 93 3.71 -3.46 9.01
C ASN A 93 3.43 -2.07 8.45
N LEU A 94 2.36 -1.97 7.66
CA LEU A 94 2.08 -0.77 6.91
C LEU A 94 0.73 -0.18 7.30
N LEU A 95 0.74 1.11 7.60
CA LEU A 95 -0.45 1.80 8.06
C LEU A 95 -0.85 2.90 7.09
N PHE A 96 -2.13 3.02 6.80
CA PHE A 96 -2.62 4.11 5.98
C PHE A 96 -3.56 4.98 6.81
N THR A 97 -3.10 6.18 7.13
CA THR A 97 -3.83 7.06 8.02
C THR A 97 -3.70 8.52 7.56
N PRO A 98 -4.70 9.36 7.85
CA PRO A 98 -4.62 10.80 7.60
C PRO A 98 -3.31 11.42 8.11
N GLN A 99 -2.51 11.93 7.19
CA GLN A 99 -1.22 12.52 7.55
C GLN A 99 -1.41 13.76 8.42
N HIS A 100 -2.40 14.56 8.07
CA HIS A 100 -2.69 15.83 8.73
C HIS A 100 -1.42 16.66 8.88
N LYS A 101 -1.05 17.30 7.79
CA LYS A 101 0.15 18.13 7.77
C LYS A 101 -0.12 19.42 8.54
N MET A 102 0.64 19.63 9.61
CA MET A 102 0.44 20.74 10.53
C MET A 102 -0.91 20.60 11.24
N GLY A 1 28.00 -25.14 -4.54
CA GLY A 1 29.10 -24.19 -4.75
C GLY A 1 28.63 -22.89 -5.36
N ILE A 2 27.61 -22.29 -4.76
CA ILE A 2 27.09 -21.02 -5.25
C ILE A 2 27.02 -19.99 -4.13
N ASP A 3 26.85 -18.72 -4.50
CA ASP A 3 26.70 -17.66 -3.51
C ASP A 3 25.24 -17.54 -3.10
N PRO A 4 24.97 -17.43 -1.79
CA PRO A 4 23.62 -17.48 -1.22
C PRO A 4 22.92 -16.13 -1.19
N PHE A 5 23.19 -15.28 -2.17
CA PHE A 5 22.54 -13.98 -2.27
C PHE A 5 22.31 -13.61 -3.72
N THR A 6 21.04 -13.40 -4.08
CA THR A 6 20.72 -13.06 -5.46
C THR A 6 21.09 -11.60 -5.76
N MET A 7 20.22 -10.68 -5.42
CA MET A 7 20.43 -9.27 -5.70
C MET A 7 19.83 -8.43 -4.58
N LEU A 8 20.19 -7.16 -4.53
CA LEU A 8 19.65 -6.25 -3.55
C LEU A 8 18.20 -5.92 -3.89
N SER A 9 17.36 -5.78 -2.86
CA SER A 9 15.94 -5.51 -3.03
C SER A 9 15.23 -6.73 -3.63
N SER A 10 14.47 -7.44 -2.80
CA SER A 10 13.84 -8.69 -3.23
C SER A 10 12.47 -8.47 -3.85
N GLY A 11 12.08 -7.22 -4.04
CA GLY A 11 10.83 -6.91 -4.70
C GLY A 11 10.98 -6.98 -6.20
N ASP A 12 11.32 -8.18 -6.69
CA ASP A 12 11.68 -8.37 -8.09
C ASP A 12 10.64 -7.81 -9.04
N LEU A 13 11.12 -7.11 -10.06
CA LEU A 13 10.26 -6.43 -11.02
C LEU A 13 9.77 -7.40 -12.10
N THR A 14 9.29 -8.54 -11.66
CA THR A 14 8.72 -9.54 -12.56
C THR A 14 7.19 -9.40 -12.58
N SER A 15 6.71 -8.29 -12.01
CA SER A 15 5.27 -8.03 -11.91
C SER A 15 4.59 -9.16 -11.14
N ALA A 16 4.99 -9.33 -9.89
CA ALA A 16 4.42 -10.36 -9.03
C ALA A 16 3.64 -9.71 -7.90
N SER A 17 2.41 -10.14 -7.70
CA SER A 17 1.56 -9.56 -6.68
C SER A 17 1.63 -10.36 -5.38
N TRP A 18 2.33 -9.79 -4.42
CA TRP A 18 2.44 -10.38 -3.10
C TRP A 18 1.47 -9.68 -2.15
N GLU A 19 1.04 -10.39 -1.11
CA GLU A 19 0.03 -9.85 -0.22
C GLU A 19 0.63 -8.90 0.81
N LEU A 20 0.25 -7.65 0.72
CA LEU A 20 0.68 -6.63 1.67
C LEU A 20 -0.53 -6.13 2.45
N VAL A 21 -0.54 -6.35 3.75
CA VAL A 21 -1.63 -5.90 4.58
C VAL A 21 -1.41 -4.44 4.99
N VAL A 22 -2.35 -3.60 4.61
CA VAL A 22 -2.29 -2.19 4.97
C VAL A 22 -3.50 -1.82 5.80
N ARG A 23 -3.25 -1.30 7.00
CA ARG A 23 -4.34 -0.87 7.87
C ARG A 23 -4.67 0.59 7.60
N VAL A 24 -5.87 0.83 7.11
CA VAL A 24 -6.30 2.18 6.77
C VAL A 24 -6.92 2.88 7.97
N ASP A 25 -6.28 3.93 8.39
CA ASP A 25 -6.77 4.75 9.49
C ASP A 25 -7.42 6.01 8.94
N HIS A 26 -8.68 6.20 9.25
CA HIS A 26 -9.38 7.39 8.81
C HIS A 26 -9.14 8.51 9.82
N ALA A 27 -8.48 9.57 9.35
CA ALA A 27 -7.99 10.65 10.21
C ALA A 27 -9.06 11.18 11.16
N ASN A 28 -8.94 10.80 12.44
CA ASN A 28 -9.85 11.23 13.49
C ASN A 28 -11.30 10.90 13.11
N GLY A 29 -11.47 9.77 12.44
CA GLY A 29 -12.80 9.38 12.03
C GLY A 29 -13.09 7.93 12.36
N GLU A 30 -13.27 7.12 11.32
CA GLU A 30 -13.59 5.72 11.48
C GLU A 30 -12.40 4.95 12.00
N GLN A 31 -12.61 3.70 12.38
CA GLN A 31 -11.55 2.87 12.92
C GLN A 31 -10.61 2.41 11.82
N GLN A 32 -9.52 1.79 12.20
CA GLN A 32 -8.54 1.31 11.25
C GLN A 32 -9.02 0.02 10.61
N THR A 33 -8.97 -0.01 9.30
CA THR A 33 -9.44 -1.17 8.54
C THR A 33 -8.26 -1.95 8.00
N GLU A 34 -8.33 -3.27 8.06
CA GLU A 34 -7.23 -4.11 7.63
C GLU A 34 -7.47 -4.59 6.21
N ILE A 35 -6.78 -3.97 5.27
CA ILE A 35 -6.95 -4.31 3.86
C ILE A 35 -5.67 -4.95 3.32
N THR A 36 -5.73 -6.24 3.04
CA THR A 36 -4.59 -6.94 2.47
C THR A 36 -4.70 -6.91 0.95
N LEU A 37 -3.79 -6.22 0.31
CA LEU A 37 -3.80 -6.09 -1.14
C LEU A 37 -2.63 -6.85 -1.74
N ARG A 38 -2.85 -7.44 -2.90
CA ARG A 38 -1.77 -8.08 -3.61
C ARG A 38 -1.16 -7.10 -4.59
N VAL A 39 0.06 -6.68 -4.28
CA VAL A 39 0.72 -5.63 -5.03
C VAL A 39 2.06 -6.12 -5.57
N SER A 40 2.55 -5.47 -6.61
CA SER A 40 3.83 -5.82 -7.18
C SER A 40 4.89 -4.79 -6.81
N GLY A 41 6.16 -5.19 -6.85
CA GLY A 41 7.23 -4.26 -6.55
C GLY A 41 7.38 -3.21 -7.62
N ASP A 42 6.80 -3.51 -8.78
CA ASP A 42 6.80 -2.59 -9.92
C ASP A 42 5.87 -1.42 -9.67
N LEU A 43 4.93 -1.61 -8.76
CA LEU A 43 3.96 -0.59 -8.44
C LEU A 43 4.61 0.51 -7.59
N HIS A 44 4.21 1.74 -7.81
CA HIS A 44 4.72 2.86 -7.02
C HIS A 44 3.79 3.12 -5.84
N ILE A 45 4.33 3.75 -4.80
CA ILE A 45 3.61 3.98 -3.55
C ILE A 45 2.28 4.71 -3.78
N GLY A 46 2.28 5.67 -4.69
CA GLY A 46 1.07 6.40 -5.01
C GLY A 46 -0.03 5.49 -5.53
N GLY A 47 0.37 4.40 -6.18
CA GLY A 47 -0.60 3.46 -6.70
C GLY A 47 -1.21 2.62 -5.60
N VAL A 48 -0.42 2.35 -4.57
CA VAL A 48 -0.89 1.61 -3.41
C VAL A 48 -1.97 2.44 -2.70
N MET A 49 -1.70 3.73 -2.54
CA MET A 49 -2.66 4.65 -1.93
C MET A 49 -3.99 4.58 -2.67
N LEU A 50 -3.90 4.68 -3.99
CA LEU A 50 -5.08 4.59 -4.86
C LEU A 50 -5.84 3.28 -4.60
N LYS A 51 -5.11 2.19 -4.50
CA LYS A 51 -5.72 0.87 -4.31
C LYS A 51 -6.46 0.78 -2.98
N LEU A 52 -5.91 1.38 -1.93
CA LEU A 52 -6.58 1.38 -0.63
C LEU A 52 -7.92 2.11 -0.73
N VAL A 53 -7.91 3.27 -1.39
CA VAL A 53 -9.13 4.04 -1.59
C VAL A 53 -10.10 3.29 -2.50
N GLU A 54 -9.56 2.67 -3.55
CA GLU A 54 -10.35 1.92 -4.50
C GLU A 54 -11.01 0.70 -3.85
N GLN A 55 -10.21 -0.06 -3.11
CA GLN A 55 -10.65 -1.32 -2.52
C GLN A 55 -11.83 -1.11 -1.56
N MET A 56 -11.65 -0.23 -0.58
CA MET A 56 -12.71 0.04 0.38
C MET A 56 -13.85 0.80 -0.29
N ASN A 57 -13.48 1.60 -1.28
CA ASN A 57 -14.43 2.43 -2.03
C ASN A 57 -15.24 3.30 -1.07
N ILE A 58 -14.64 4.39 -0.65
CA ILE A 58 -15.25 5.28 0.32
C ILE A 58 -15.21 6.72 -0.18
N ALA A 59 -16.38 7.29 -0.43
CA ALA A 59 -16.48 8.64 -0.94
C ALA A 59 -16.40 9.65 0.19
N GLN A 60 -15.18 10.05 0.51
CA GLN A 60 -14.95 11.09 1.50
C GLN A 60 -13.79 11.96 1.03
N ASP A 61 -13.52 13.04 1.74
CA ASP A 61 -12.40 13.90 1.38
C ASP A 61 -11.11 13.31 1.92
N TRP A 62 -10.27 12.83 1.01
CA TRP A 62 -9.00 12.24 1.37
C TRP A 62 -7.93 13.31 1.35
N SER A 63 -7.99 14.19 2.34
CA SER A 63 -7.07 15.31 2.43
C SER A 63 -5.68 14.84 2.83
N ASP A 64 -4.78 14.78 1.84
CA ASP A 64 -3.38 14.41 2.06
C ASP A 64 -3.25 13.02 2.65
N TYR A 65 -3.30 12.02 1.80
CA TYR A 65 -3.18 10.63 2.22
C TYR A 65 -1.77 10.11 1.92
N ALA A 66 -1.24 9.30 2.82
CA ALA A 66 0.10 8.75 2.65
C ALA A 66 0.28 7.45 3.41
N LEU A 67 1.35 6.73 3.11
CA LEU A 67 1.63 5.48 3.80
C LEU A 67 2.53 5.71 5.00
N TRP A 68 2.25 4.99 6.08
CA TRP A 68 3.05 5.02 7.28
C TRP A 68 3.74 3.67 7.46
N TRP A 69 5.05 3.66 7.33
CA TRP A 69 5.81 2.43 7.52
C TRP A 69 6.06 2.24 9.00
N GLU A 70 5.42 1.24 9.59
CA GLU A 70 5.46 1.04 11.03
C GLU A 70 6.85 0.61 11.50
N GLN A 71 7.49 -0.27 10.74
CA GLN A 71 8.79 -0.81 11.12
C GLN A 71 9.89 0.25 11.05
N LYS A 72 9.63 1.33 10.33
CA LYS A 72 10.60 2.40 10.21
C LYS A 72 10.15 3.66 10.95
N ARG A 73 8.84 3.77 11.12
CA ARG A 73 8.20 4.97 11.65
C ARG A 73 8.52 6.16 10.74
N CYS A 74 7.91 6.17 9.58
CA CYS A 74 8.17 7.19 8.57
C CYS A 74 7.00 7.27 7.60
N TRP A 75 6.79 8.46 7.04
CA TRP A 75 5.72 8.67 6.08
C TRP A 75 6.27 8.56 4.68
N LEU A 76 5.69 7.68 3.88
CA LEU A 76 6.11 7.48 2.50
C LEU A 76 5.58 8.61 1.63
N LEU A 77 6.47 9.53 1.26
CA LEU A 77 6.08 10.67 0.44
C LEU A 77 6.59 10.54 -0.97
N LYS A 78 7.54 9.64 -1.20
CA LYS A 78 7.99 9.34 -2.54
C LYS A 78 7.00 8.42 -3.23
N THR A 79 5.88 9.01 -3.62
CA THR A 79 4.75 8.27 -4.16
C THR A 79 5.07 7.66 -5.52
N HIS A 80 5.88 8.35 -6.31
CA HIS A 80 6.22 7.86 -7.64
C HIS A 80 7.38 6.87 -7.59
N TRP A 81 7.89 6.59 -6.40
CA TRP A 81 8.90 5.56 -6.23
C TRP A 81 8.19 4.21 -6.08
N THR A 82 8.72 3.19 -6.73
CA THR A 82 8.11 1.88 -6.69
C THR A 82 8.34 1.21 -5.33
N LEU A 83 7.56 0.19 -5.06
CA LEU A 83 7.66 -0.57 -3.81
C LEU A 83 9.07 -1.13 -3.64
N ASP A 84 9.63 -1.64 -4.73
CA ASP A 84 10.98 -2.19 -4.69
C ASP A 84 12.00 -1.07 -4.49
N LYS A 85 11.75 0.08 -5.11
CA LYS A 85 12.61 1.24 -4.98
C LYS A 85 12.64 1.73 -3.53
N CYS A 86 11.52 1.60 -2.84
CA CYS A 86 11.43 1.98 -1.44
C CYS A 86 12.03 0.88 -0.55
N GLY A 87 11.70 -0.37 -0.88
CA GLY A 87 12.24 -1.49 -0.11
C GLY A 87 11.20 -2.15 0.76
N VAL A 88 10.00 -1.61 0.73
CA VAL A 88 8.90 -2.15 1.51
C VAL A 88 8.31 -3.39 0.83
N GLN A 89 8.48 -4.54 1.46
CA GLN A 89 8.02 -5.80 0.91
C GLN A 89 6.88 -6.37 1.74
N ALA A 90 6.51 -7.62 1.46
CA ALA A 90 5.35 -8.26 2.09
C ALA A 90 5.56 -8.51 3.58
N ASP A 91 6.78 -8.31 4.06
CA ASP A 91 7.09 -8.55 5.46
C ASP A 91 7.01 -7.26 6.26
N ALA A 92 6.72 -6.15 5.58
CA ALA A 92 6.68 -4.85 6.21
C ALA A 92 5.28 -4.53 6.72
N ASN A 93 5.22 -3.98 7.92
CA ASN A 93 3.95 -3.56 8.51
C ASN A 93 3.64 -2.15 8.03
N LEU A 94 2.56 -2.01 7.26
CA LEU A 94 2.26 -0.75 6.61
C LEU A 94 0.89 -0.22 7.03
N LEU A 95 0.86 1.02 7.47
CA LEU A 95 -0.37 1.69 7.87
C LEU A 95 -0.71 2.76 6.83
N PHE A 96 -1.99 2.95 6.54
CA PHE A 96 -2.39 3.99 5.61
C PHE A 96 -3.32 4.97 6.29
N THR A 97 -2.81 6.16 6.54
CA THR A 97 -3.60 7.23 7.13
C THR A 97 -3.19 8.55 6.51
N PRO A 98 -4.13 9.50 6.38
CA PRO A 98 -3.81 10.85 5.92
C PRO A 98 -2.66 11.46 6.73
N GLN A 99 -1.76 12.16 6.05
CA GLN A 99 -0.61 12.75 6.71
C GLN A 99 -1.03 13.94 7.55
N HIS A 100 -1.58 13.64 8.71
CA HIS A 100 -2.02 14.66 9.65
C HIS A 100 -0.99 14.81 10.76
N LYS A 101 0.17 14.19 10.55
CA LYS A 101 1.28 14.19 11.51
C LYS A 101 0.95 13.38 12.76
N MET A 102 1.96 12.69 13.27
CA MET A 102 1.83 11.96 14.52
C MET A 102 2.93 12.39 15.47
N GLY A 1 4.14 -22.66 8.30
CA GLY A 1 3.44 -23.58 7.38
C GLY A 1 4.30 -24.77 7.02
N ILE A 2 3.66 -25.94 6.89
CA ILE A 2 4.35 -27.17 6.51
C ILE A 2 5.34 -27.62 7.58
N ASP A 3 4.87 -28.43 8.52
CA ASP A 3 5.74 -28.99 9.54
C ASP A 3 5.84 -30.52 9.41
N PRO A 4 4.71 -31.26 9.44
CA PRO A 4 4.72 -32.72 9.29
C PRO A 4 4.90 -33.14 7.84
N PHE A 5 4.93 -32.14 6.96
CA PHE A 5 5.09 -32.38 5.54
C PHE A 5 6.41 -31.79 5.05
N THR A 6 6.68 -31.95 3.78
CA THR A 6 7.87 -31.38 3.17
C THR A 6 7.49 -30.46 2.02
N MET A 7 8.44 -29.63 1.62
CA MET A 7 8.25 -28.66 0.54
C MET A 7 7.23 -27.59 0.91
N LEU A 8 7.71 -26.53 1.53
CA LEU A 8 6.87 -25.37 1.80
C LEU A 8 6.65 -24.60 0.51
N SER A 9 7.75 -24.37 -0.23
CA SER A 9 7.72 -23.67 -1.50
C SER A 9 6.92 -22.37 -1.41
N SER A 10 7.48 -21.42 -0.68
CA SER A 10 6.84 -20.13 -0.50
C SER A 10 6.92 -19.29 -1.77
N GLY A 11 7.87 -19.64 -2.64
CA GLY A 11 7.98 -18.97 -3.92
C GLY A 11 8.98 -17.83 -3.90
N ASP A 12 8.89 -16.96 -4.88
CA ASP A 12 9.82 -15.84 -5.02
C ASP A 12 9.22 -14.58 -4.40
N LEU A 13 7.91 -14.44 -4.56
CA LEU A 13 7.14 -13.31 -4.02
C LEU A 13 7.43 -12.02 -4.80
N THR A 14 8.68 -11.58 -4.80
CA THR A 14 9.06 -10.32 -5.43
C THR A 14 9.24 -10.48 -6.95
N SER A 15 8.44 -11.36 -7.52
CA SER A 15 8.41 -11.56 -8.96
C SER A 15 6.97 -11.59 -9.45
N ALA A 16 6.08 -11.14 -8.57
CA ALA A 16 4.65 -11.14 -8.86
C ALA A 16 3.93 -10.19 -7.90
N SER A 17 2.61 -10.24 -7.91
CA SER A 17 1.82 -9.44 -6.99
C SER A 17 1.71 -10.14 -5.65
N TRP A 18 2.61 -9.78 -4.76
CA TRP A 18 2.63 -10.33 -3.41
C TRP A 18 1.59 -9.64 -2.54
N GLU A 19 0.99 -10.41 -1.65
CA GLU A 19 -0.08 -9.89 -0.79
C GLU A 19 0.47 -9.00 0.31
N LEU A 20 0.27 -7.71 0.15
CA LEU A 20 0.66 -6.73 1.14
C LEU A 20 -0.54 -6.32 1.96
N VAL A 21 -0.50 -6.59 3.26
CA VAL A 21 -1.57 -6.16 4.14
C VAL A 21 -1.28 -4.76 4.67
N VAL A 22 -2.18 -3.84 4.34
CA VAL A 22 -2.06 -2.47 4.78
C VAL A 22 -3.24 -2.14 5.69
N ARG A 23 -2.94 -1.70 6.89
CA ARG A 23 -4.00 -1.37 7.83
C ARG A 23 -4.32 0.11 7.74
N VAL A 24 -5.55 0.42 7.38
CA VAL A 24 -5.98 1.80 7.23
C VAL A 24 -6.42 2.37 8.56
N ASP A 25 -5.78 3.45 8.97
CA ASP A 25 -6.12 4.15 10.19
C ASP A 25 -7.01 5.33 9.84
N HIS A 26 -8.18 5.38 10.46
CA HIS A 26 -9.20 6.34 10.05
C HIS A 26 -9.27 7.53 10.99
N ALA A 27 -8.67 8.64 10.56
CA ALA A 27 -8.81 9.90 11.30
C ALA A 27 -10.22 10.44 11.08
N ASN A 28 -11.11 10.13 12.02
CA ASN A 28 -12.54 10.38 11.86
C ASN A 28 -13.28 9.91 13.11
N GLY A 29 -12.81 8.79 13.66
CA GLY A 29 -13.46 8.21 14.81
C GLY A 29 -14.16 6.92 14.45
N GLU A 30 -13.61 6.21 13.48
CA GLU A 30 -14.21 4.98 12.99
C GLU A 30 -13.20 3.84 13.03
N GLN A 31 -13.64 2.65 12.65
CA GLN A 31 -12.83 1.45 12.73
C GLN A 31 -11.66 1.48 11.76
N GLN A 32 -10.62 0.71 12.08
CA GLN A 32 -9.49 0.54 11.17
C GLN A 32 -9.78 -0.60 10.22
N THR A 33 -9.17 -0.57 9.05
CA THR A 33 -9.43 -1.56 8.03
C THR A 33 -8.15 -2.30 7.64
N GLU A 34 -8.22 -3.62 7.62
CA GLU A 34 -7.08 -4.42 7.20
C GLU A 34 -7.25 -4.83 5.74
N ILE A 35 -6.54 -4.14 4.87
CA ILE A 35 -6.68 -4.34 3.43
C ILE A 35 -5.54 -5.17 2.88
N THR A 36 -5.89 -6.27 2.22
CA THR A 36 -4.91 -7.12 1.58
C THR A 36 -4.84 -6.79 0.09
N LEU A 37 -3.78 -6.14 -0.32
CA LEU A 37 -3.58 -5.78 -1.70
C LEU A 37 -2.51 -6.65 -2.32
N ARG A 38 -2.78 -7.18 -3.50
CA ARG A 38 -1.78 -7.91 -4.24
C ARG A 38 -1.04 -6.97 -5.15
N VAL A 39 0.19 -6.68 -4.80
CA VAL A 39 0.97 -5.67 -5.49
C VAL A 39 2.31 -6.21 -5.95
N SER A 40 2.76 -5.72 -7.07
CA SER A 40 4.06 -6.09 -7.58
C SER A 40 5.10 -5.09 -7.09
N GLY A 41 6.35 -5.53 -7.01
CA GLY A 41 7.40 -4.68 -6.49
C GLY A 41 7.58 -3.39 -7.27
N ASP A 42 7.22 -3.43 -8.55
CA ASP A 42 7.38 -2.28 -9.42
C ASP A 42 6.14 -1.40 -9.45
N LEU A 43 5.24 -1.60 -8.49
CA LEU A 43 4.11 -0.71 -8.34
C LEU A 43 4.49 0.48 -7.47
N HIS A 44 4.25 1.68 -7.99
CA HIS A 44 4.62 2.90 -7.30
C HIS A 44 3.65 3.20 -6.15
N ILE A 45 4.18 3.81 -5.09
CA ILE A 45 3.43 4.09 -3.87
C ILE A 45 2.14 4.85 -4.15
N GLY A 46 2.21 5.84 -5.04
CA GLY A 46 1.04 6.65 -5.37
C GLY A 46 -0.11 5.81 -5.90
N GLY A 47 0.22 4.69 -6.53
CA GLY A 47 -0.80 3.80 -7.06
C GLY A 47 -1.40 2.95 -5.97
N VAL A 48 -0.55 2.52 -5.05
CA VAL A 48 -0.98 1.74 -3.90
C VAL A 48 -1.93 2.57 -3.03
N MET A 49 -1.56 3.83 -2.84
CA MET A 49 -2.36 4.78 -2.05
C MET A 49 -3.79 4.86 -2.55
N LEU A 50 -3.96 4.88 -3.86
CA LEU A 50 -5.29 4.95 -4.47
C LEU A 50 -6.06 3.67 -4.22
N LYS A 51 -5.36 2.53 -4.25
CA LYS A 51 -6.01 1.23 -4.11
C LYS A 51 -6.62 1.06 -2.73
N LEU A 52 -5.99 1.66 -1.71
CA LEU A 52 -6.58 1.67 -0.37
C LEU A 52 -7.95 2.32 -0.40
N VAL A 53 -8.01 3.53 -0.95
CA VAL A 53 -9.28 4.25 -1.06
C VAL A 53 -10.30 3.46 -1.86
N GLU A 54 -9.84 2.83 -2.93
CA GLU A 54 -10.70 2.07 -3.82
C GLU A 54 -11.33 0.87 -3.12
N GLN A 55 -10.59 0.29 -2.17
CA GLN A 55 -11.07 -0.87 -1.45
C GLN A 55 -12.28 -0.56 -0.58
N MET A 56 -12.17 0.44 0.28
CA MET A 56 -13.27 0.83 1.16
C MET A 56 -14.32 1.62 0.39
N ASN A 57 -13.85 2.56 -0.42
CA ASN A 57 -14.72 3.44 -1.21
C ASN A 57 -15.71 4.19 -0.29
N ILE A 58 -15.21 4.64 0.85
CA ILE A 58 -16.01 5.44 1.76
C ILE A 58 -16.08 6.87 1.27
N ALA A 59 -17.28 7.42 1.18
CA ALA A 59 -17.48 8.75 0.62
C ALA A 59 -17.06 9.85 1.59
N GLN A 60 -15.77 10.15 1.61
CA GLN A 60 -15.24 11.24 2.39
C GLN A 60 -13.98 11.77 1.74
N ASP A 61 -13.43 12.85 2.29
CA ASP A 61 -12.26 13.49 1.70
C ASP A 61 -11.00 12.70 2.02
N TRP A 62 -10.50 11.98 1.02
CA TRP A 62 -9.22 11.31 1.13
C TRP A 62 -8.15 12.18 0.50
N SER A 63 -8.30 13.50 0.66
CA SER A 63 -7.37 14.46 0.09
C SER A 63 -6.01 14.36 0.79
N ASP A 64 -6.06 14.18 2.11
CA ASP A 64 -4.85 14.02 2.90
C ASP A 64 -4.67 12.55 3.26
N TYR A 65 -3.75 11.90 2.56
CA TYR A 65 -3.52 10.48 2.75
C TYR A 65 -2.12 10.10 2.32
N ALA A 66 -1.54 9.11 2.99
CA ALA A 66 -0.23 8.59 2.64
C ALA A 66 0.06 7.31 3.41
N LEU A 67 1.14 6.64 3.06
CA LEU A 67 1.54 5.42 3.74
C LEU A 67 2.49 5.70 4.89
N TRP A 68 2.12 5.23 6.07
CA TRP A 68 2.97 5.34 7.24
C TRP A 68 3.63 3.99 7.51
N TRP A 69 4.94 3.93 7.32
CA TRP A 69 5.67 2.71 7.60
C TRP A 69 5.98 2.70 9.09
N GLU A 70 5.31 1.81 9.81
CA GLU A 70 5.36 1.78 11.27
C GLU A 70 6.73 1.33 11.77
N GLN A 71 7.34 0.40 11.04
CA GLN A 71 8.61 -0.17 11.44
C GLN A 71 9.74 0.87 11.35
N LYS A 72 9.78 1.61 10.25
CA LYS A 72 10.88 2.54 10.01
C LYS A 72 10.50 3.95 10.46
N ARG A 73 9.26 4.10 10.92
CA ARG A 73 8.74 5.39 11.38
C ARG A 73 8.90 6.46 10.29
N CYS A 74 8.40 6.17 9.10
CA CYS A 74 8.58 7.04 7.96
C CYS A 74 7.33 7.09 7.09
N TRP A 75 7.09 8.23 6.48
CA TRP A 75 5.95 8.39 5.58
C TRP A 75 6.39 8.21 4.14
N LEU A 76 5.65 7.42 3.39
CA LEU A 76 5.94 7.25 1.98
C LEU A 76 5.32 8.39 1.21
N LEU A 77 6.16 9.34 0.80
CA LEU A 77 5.70 10.48 0.03
C LEU A 77 6.29 10.48 -1.37
N LYS A 78 7.27 9.61 -1.58
CA LYS A 78 7.81 9.41 -2.91
C LYS A 78 6.84 8.54 -3.70
N THR A 79 5.79 9.17 -4.19
CA THR A 79 4.69 8.47 -4.82
C THR A 79 5.10 7.82 -6.14
N HIS A 80 6.19 8.27 -6.73
CA HIS A 80 6.67 7.70 -7.98
C HIS A 80 7.55 6.48 -7.72
N TRP A 81 8.03 6.35 -6.48
CA TRP A 81 8.87 5.23 -6.10
C TRP A 81 8.01 3.98 -5.91
N THR A 82 8.59 2.83 -6.18
CA THR A 82 7.88 1.57 -6.08
C THR A 82 8.10 0.92 -4.73
N LEU A 83 7.41 -0.19 -4.46
CA LEU A 83 7.67 -0.96 -3.24
C LEU A 83 9.11 -1.44 -3.22
N ASP A 84 9.59 -1.87 -4.39
CA ASP A 84 10.95 -2.37 -4.56
C ASP A 84 11.96 -1.24 -4.36
N LYS A 85 11.62 -0.04 -4.82
CA LYS A 85 12.49 1.12 -4.65
C LYS A 85 12.57 1.54 -3.19
N CYS A 86 11.43 1.53 -2.51
CA CYS A 86 11.37 1.94 -1.11
C CYS A 86 11.97 0.87 -0.20
N GLY A 87 11.77 -0.40 -0.57
CA GLY A 87 12.32 -1.49 0.22
C GLY A 87 11.31 -2.05 1.21
N VAL A 88 10.03 -1.81 0.94
CA VAL A 88 8.97 -2.30 1.81
C VAL A 88 8.37 -3.59 1.25
N GLN A 89 8.33 -4.61 2.09
CA GLN A 89 7.81 -5.92 1.69
C GLN A 89 6.47 -6.19 2.37
N ALA A 90 5.90 -7.34 2.11
CA ALA A 90 4.63 -7.73 2.73
C ALA A 90 4.81 -7.95 4.23
N ASP A 91 6.05 -8.23 4.64
CA ASP A 91 6.38 -8.46 6.04
C ASP A 91 6.60 -7.14 6.77
N ALA A 92 6.10 -6.05 6.21
CA ALA A 92 6.29 -4.75 6.80
C ALA A 92 4.97 -4.21 7.37
N ASN A 93 5.06 -3.64 8.57
CA ASN A 93 3.92 -2.98 9.18
C ASN A 93 3.62 -1.68 8.46
N LEU A 94 2.68 -1.73 7.53
CA LEU A 94 2.33 -0.55 6.76
C LEU A 94 0.94 -0.06 7.14
N LEU A 95 0.90 1.13 7.68
CA LEU A 95 -0.34 1.74 8.13
C LEU A 95 -0.74 2.86 7.19
N PHE A 96 -1.97 2.87 6.74
CA PHE A 96 -2.42 3.92 5.85
C PHE A 96 -3.28 4.91 6.62
N THR A 97 -2.73 6.08 6.87
CA THR A 97 -3.42 7.09 7.66
C THR A 97 -3.11 8.49 7.11
N PRO A 98 -4.04 9.45 7.29
CA PRO A 98 -3.78 10.86 6.96
C PRO A 98 -2.57 11.41 7.71
N GLN A 99 -1.82 12.29 7.07
CA GLN A 99 -0.59 12.80 7.65
C GLN A 99 -0.82 14.15 8.33
N HIS A 100 -2.04 14.64 8.25
CA HIS A 100 -2.41 15.89 8.91
C HIS A 100 -3.57 15.66 9.87
N LYS A 101 -3.67 16.51 10.88
CA LYS A 101 -4.74 16.45 11.87
C LYS A 101 -4.72 15.12 12.61
N MET A 102 -3.79 15.00 13.55
CA MET A 102 -3.64 13.79 14.34
C MET A 102 -4.18 14.03 15.75
N GLY A 1 22.48 -21.85 -39.54
CA GLY A 1 21.22 -22.64 -39.58
C GLY A 1 20.26 -22.23 -38.48
N ILE A 2 19.18 -23.00 -38.32
CA ILE A 2 18.22 -22.74 -37.27
C ILE A 2 18.88 -22.80 -35.90
N ASP A 3 18.64 -21.79 -35.08
CA ASP A 3 19.25 -21.70 -33.76
C ASP A 3 18.23 -21.28 -32.71
N PRO A 4 18.10 -22.09 -31.65
CA PRO A 4 17.17 -21.80 -30.55
C PRO A 4 17.45 -20.45 -29.90
N PHE A 5 16.39 -19.77 -29.48
CA PHE A 5 16.53 -18.46 -28.87
C PHE A 5 16.57 -18.58 -27.36
N THR A 6 16.75 -17.45 -26.68
CA THR A 6 16.80 -17.44 -25.23
C THR A 6 15.38 -17.52 -24.65
N MET A 7 15.04 -18.70 -24.14
CA MET A 7 13.69 -18.94 -23.64
C MET A 7 13.65 -18.75 -22.13
N LEU A 8 12.44 -18.56 -21.60
CA LEU A 8 12.20 -18.50 -20.15
C LEU A 8 12.93 -17.32 -19.51
N SER A 9 13.24 -16.30 -20.30
CA SER A 9 13.91 -15.11 -19.78
C SER A 9 13.76 -13.96 -20.77
N SER A 10 12.58 -13.36 -20.80
CA SER A 10 12.31 -12.23 -21.67
C SER A 10 11.23 -11.33 -21.07
N GLY A 11 11.44 -10.91 -19.84
CA GLY A 11 10.47 -10.08 -19.17
C GLY A 11 9.21 -10.86 -18.82
N ASP A 12 9.41 -12.07 -18.32
CA ASP A 12 8.30 -12.98 -18.04
C ASP A 12 7.51 -12.51 -16.83
N LEU A 13 8.19 -11.87 -15.89
CA LEU A 13 7.54 -11.39 -14.68
C LEU A 13 7.93 -9.96 -14.38
N THR A 14 7.00 -9.21 -13.80
CA THR A 14 7.24 -7.83 -13.44
C THR A 14 7.90 -7.74 -12.06
N SER A 15 9.15 -8.20 -11.99
CA SER A 15 9.92 -8.27 -10.75
C SER A 15 9.31 -9.31 -9.79
N ALA A 16 8.15 -8.99 -9.24
CA ALA A 16 7.46 -9.86 -8.30
C ALA A 16 6.07 -9.32 -8.03
N SER A 17 5.17 -10.18 -7.57
CA SER A 17 3.84 -9.76 -7.16
C SER A 17 3.44 -10.51 -5.92
N TRP A 18 3.03 -9.76 -4.92
CA TRP A 18 2.77 -10.29 -3.61
C TRP A 18 1.65 -9.50 -2.93
N GLU A 19 1.03 -10.10 -1.93
CA GLU A 19 -0.08 -9.48 -1.24
C GLU A 19 0.41 -8.66 -0.06
N LEU A 20 0.22 -7.36 -0.14
CA LEU A 20 0.63 -6.45 0.91
C LEU A 20 -0.54 -6.18 1.85
N VAL A 21 -0.32 -6.41 3.13
CA VAL A 21 -1.34 -6.12 4.12
C VAL A 21 -1.11 -4.72 4.69
N VAL A 22 -2.09 -3.87 4.51
CA VAL A 22 -2.03 -2.50 5.00
C VAL A 22 -3.19 -2.22 5.94
N ARG A 23 -2.87 -1.75 7.13
CA ARG A 23 -3.91 -1.39 8.07
C ARG A 23 -4.20 0.09 7.97
N VAL A 24 -5.44 0.42 7.64
CA VAL A 24 -5.83 1.80 7.41
C VAL A 24 -6.33 2.46 8.69
N ASP A 25 -5.79 3.64 8.96
CA ASP A 25 -6.24 4.44 10.08
C ASP A 25 -7.23 5.48 9.58
N HIS A 26 -8.35 5.58 10.24
CA HIS A 26 -9.40 6.48 9.80
C HIS A 26 -9.53 7.68 10.73
N ALA A 27 -9.55 8.86 10.15
CA ALA A 27 -9.83 10.08 10.91
C ALA A 27 -11.33 10.21 11.17
N ASN A 28 -12.09 9.33 10.53
CA ASN A 28 -13.53 9.26 10.72
C ASN A 28 -13.85 8.37 11.92
N GLY A 29 -13.47 7.10 11.81
CA GLY A 29 -13.62 6.19 12.93
C GLY A 29 -12.35 6.14 13.76
N GLU A 30 -12.08 4.99 14.35
CA GLU A 30 -10.87 4.83 15.14
C GLU A 30 -10.37 3.38 15.12
N GLN A 31 -11.00 2.54 14.30
CA GLN A 31 -10.58 1.15 14.20
C GLN A 31 -9.76 0.95 12.92
N GLN A 32 -8.59 0.36 13.07
CA GLN A 32 -7.72 0.08 11.93
C GLN A 32 -8.37 -0.97 11.03
N THR A 33 -8.38 -0.71 9.74
CA THR A 33 -8.93 -1.64 8.77
C THR A 33 -7.81 -2.43 8.11
N GLU A 34 -7.98 -3.74 7.98
CA GLU A 34 -6.95 -4.58 7.39
C GLU A 34 -7.24 -4.83 5.91
N ILE A 35 -6.44 -4.20 5.07
CA ILE A 35 -6.58 -4.33 3.62
C ILE A 35 -5.48 -5.21 3.06
N THR A 36 -5.84 -6.11 2.15
CA THR A 36 -4.85 -6.97 1.51
C THR A 36 -4.87 -6.75 0.00
N LEU A 37 -3.86 -6.06 -0.50
CA LEU A 37 -3.78 -5.73 -1.91
C LEU A 37 -2.66 -6.50 -2.58
N ARG A 38 -2.87 -6.89 -3.83
CA ARG A 38 -1.85 -7.60 -4.58
C ARG A 38 -1.02 -6.60 -5.35
N VAL A 39 0.21 -6.41 -4.93
CA VAL A 39 1.06 -5.40 -5.50
C VAL A 39 2.28 -6.01 -6.18
N SER A 40 2.73 -5.36 -7.23
CA SER A 40 3.91 -5.81 -7.95
C SER A 40 5.11 -4.98 -7.52
N GLY A 41 6.30 -5.52 -7.71
CA GLY A 41 7.52 -4.82 -7.37
C GLY A 41 7.67 -3.52 -8.13
N ASP A 42 7.05 -3.46 -9.30
CA ASP A 42 7.11 -2.28 -10.14
C ASP A 42 5.83 -1.44 -9.98
N LEU A 43 5.14 -1.61 -8.87
CA LEU A 43 3.97 -0.79 -8.57
C LEU A 43 4.38 0.34 -7.63
N HIS A 44 4.17 1.57 -8.07
CA HIS A 44 4.58 2.75 -7.31
C HIS A 44 3.62 3.03 -6.15
N ILE A 45 4.16 3.60 -5.08
CA ILE A 45 3.42 3.88 -3.86
C ILE A 45 2.14 4.69 -4.13
N GLY A 46 2.25 5.66 -5.04
CA GLY A 46 1.10 6.48 -5.38
C GLY A 46 -0.09 5.66 -5.86
N GLY A 47 0.19 4.54 -6.51
CA GLY A 47 -0.86 3.67 -6.98
C GLY A 47 -1.45 2.85 -5.85
N VAL A 48 -0.58 2.42 -4.95
CA VAL A 48 -1.00 1.68 -3.77
C VAL A 48 -1.87 2.57 -2.90
N MET A 49 -1.46 3.82 -2.75
CA MET A 49 -2.22 4.81 -1.98
C MET A 49 -3.66 4.90 -2.44
N LEU A 50 -3.85 5.04 -3.74
CA LEU A 50 -5.19 5.14 -4.32
C LEU A 50 -5.95 3.83 -4.17
N LYS A 51 -5.24 2.71 -4.31
CA LYS A 51 -5.85 1.40 -4.21
C LYS A 51 -6.34 1.10 -2.81
N LEU A 52 -5.67 1.66 -1.79
CA LEU A 52 -6.15 1.53 -0.42
C LEU A 52 -7.56 2.11 -0.31
N VAL A 53 -7.74 3.31 -0.85
CA VAL A 53 -9.04 3.97 -0.86
C VAL A 53 -10.03 3.19 -1.73
N GLU A 54 -9.54 2.73 -2.87
CA GLU A 54 -10.35 1.97 -3.82
C GLU A 54 -10.88 0.68 -3.20
N GLN A 55 -10.01 -0.02 -2.49
CA GLN A 55 -10.37 -1.29 -1.88
C GLN A 55 -11.42 -1.10 -0.80
N MET A 56 -11.31 -0.02 -0.04
CA MET A 56 -12.27 0.27 1.02
C MET A 56 -13.55 0.87 0.45
N ASN A 57 -13.39 1.70 -0.58
CA ASN A 57 -14.52 2.39 -1.21
C ASN A 57 -15.27 3.22 -0.18
N ILE A 58 -14.50 3.88 0.69
CA ILE A 58 -15.07 4.73 1.73
C ILE A 58 -14.95 6.19 1.33
N ALA A 59 -16.08 6.85 1.20
CA ALA A 59 -16.11 8.24 0.76
C ALA A 59 -15.99 9.21 1.92
N GLN A 60 -14.80 9.28 2.50
CA GLN A 60 -14.51 10.27 3.53
C GLN A 60 -13.50 11.26 2.96
N ASP A 61 -13.10 12.24 3.74
CA ASP A 61 -12.16 13.25 3.25
C ASP A 61 -10.73 12.79 3.49
N TRP A 62 -10.17 12.11 2.50
CA TRP A 62 -8.80 11.65 2.58
C TRP A 62 -7.84 12.80 2.31
N SER A 63 -7.84 13.28 1.07
CA SER A 63 -7.05 14.44 0.64
C SER A 63 -5.54 14.19 0.73
N ASP A 64 -5.03 14.07 1.95
CA ASP A 64 -3.61 13.90 2.19
C ASP A 64 -3.32 12.50 2.67
N TYR A 65 -4.07 11.55 2.13
CA TYR A 65 -3.89 10.14 2.46
C TYR A 65 -2.52 9.66 1.99
N ALA A 66 -1.81 8.95 2.85
CA ALA A 66 -0.49 8.44 2.51
C ALA A 66 -0.16 7.21 3.35
N LEU A 67 0.97 6.59 3.06
CA LEU A 67 1.40 5.42 3.79
C LEU A 67 2.33 5.79 4.93
N TRP A 68 2.07 5.22 6.08
CA TRP A 68 2.91 5.38 7.25
C TRP A 68 3.59 4.06 7.55
N TRP A 69 4.89 4.00 7.35
CA TRP A 69 5.64 2.80 7.66
C TRP A 69 5.97 2.84 9.16
N GLU A 70 5.31 1.98 9.92
CA GLU A 70 5.41 2.03 11.37
C GLU A 70 6.81 1.65 11.84
N GLN A 71 7.38 0.67 11.18
CA GLN A 71 8.69 0.13 11.57
C GLN A 71 9.80 1.15 11.31
N LYS A 72 9.55 2.08 10.39
CA LYS A 72 10.53 3.11 10.07
C LYS A 72 10.13 4.45 10.68
N ARG A 73 8.87 4.53 11.12
CA ARG A 73 8.31 5.77 11.66
C ARG A 73 8.42 6.89 10.63
N CYS A 74 8.14 6.54 9.38
CA CYS A 74 8.31 7.45 8.25
C CYS A 74 7.06 7.48 7.38
N TRP A 75 6.81 8.62 6.75
CA TRP A 75 5.69 8.74 5.83
C TRP A 75 6.19 8.53 4.41
N LEU A 76 5.44 7.75 3.64
CA LEU A 76 5.80 7.51 2.25
C LEU A 76 5.30 8.64 1.37
N LEU A 77 6.21 9.49 0.96
CA LEU A 77 5.89 10.58 0.05
C LEU A 77 6.55 10.33 -1.29
N LYS A 78 7.29 9.23 -1.36
CA LYS A 78 7.90 8.78 -2.60
C LYS A 78 6.85 8.05 -3.43
N THR A 79 5.90 8.82 -3.94
CA THR A 79 4.74 8.30 -4.64
C THR A 79 5.14 7.61 -5.94
N HIS A 80 6.21 8.11 -6.56
CA HIS A 80 6.64 7.60 -7.86
C HIS A 80 7.53 6.38 -7.69
N TRP A 81 7.95 6.13 -6.45
CA TRP A 81 8.82 5.00 -6.16
C TRP A 81 7.97 3.75 -5.91
N THR A 82 8.52 2.59 -6.19
CA THR A 82 7.80 1.34 -6.07
C THR A 82 8.03 0.70 -4.71
N LEU A 83 7.34 -0.42 -4.44
CA LEU A 83 7.56 -1.17 -3.21
C LEU A 83 9.01 -1.64 -3.13
N ASP A 84 9.48 -2.21 -4.24
CA ASP A 84 10.83 -2.73 -4.32
C ASP A 84 11.85 -1.61 -4.18
N LYS A 85 11.54 -0.46 -4.78
CA LYS A 85 12.42 0.70 -4.73
C LYS A 85 12.50 1.27 -3.30
N CYS A 86 11.36 1.28 -2.60
CA CYS A 86 11.33 1.80 -1.24
C CYS A 86 11.92 0.80 -0.25
N GLY A 87 11.68 -0.48 -0.48
CA GLY A 87 12.22 -1.51 0.40
C GLY A 87 11.19 -2.10 1.32
N VAL A 88 9.94 -1.71 1.13
CA VAL A 88 8.84 -2.22 1.95
C VAL A 88 8.21 -3.43 1.28
N GLN A 89 8.03 -4.48 2.06
CA GLN A 89 7.47 -5.73 1.55
C GLN A 89 6.27 -6.16 2.38
N ALA A 90 5.73 -7.34 2.08
CA ALA A 90 4.53 -7.84 2.75
C ALA A 90 4.78 -8.12 4.22
N ASP A 91 6.05 -8.25 4.58
CA ASP A 91 6.44 -8.58 5.95
C ASP A 91 6.40 -7.34 6.85
N ALA A 92 6.36 -6.16 6.23
CA ALA A 92 6.45 -4.91 6.96
C ALA A 92 5.08 -4.40 7.37
N ASN A 93 4.99 -3.92 8.61
CA ASN A 93 3.74 -3.35 9.11
C ASN A 93 3.53 -1.96 8.50
N LEU A 94 2.57 -1.87 7.59
CA LEU A 94 2.30 -0.62 6.90
C LEU A 94 0.93 -0.08 7.28
N LEU A 95 0.91 1.16 7.73
CA LEU A 95 -0.32 1.83 8.13
C LEU A 95 -0.72 2.84 7.06
N PHE A 96 -2.00 2.90 6.72
CA PHE A 96 -2.47 3.89 5.77
C PHE A 96 -3.29 4.95 6.49
N THR A 97 -2.74 6.14 6.59
CA THR A 97 -3.41 7.23 7.27
C THR A 97 -3.16 8.55 6.55
N PRO A 98 -4.17 9.43 6.49
CA PRO A 98 -4.01 10.76 5.92
C PRO A 98 -3.20 11.68 6.84
N GLN A 99 -2.24 12.39 6.27
CA GLN A 99 -1.45 13.35 7.03
C GLN A 99 -2.04 14.75 6.87
N HIS A 100 -3.11 15.02 7.59
CA HIS A 100 -3.82 16.27 7.45
C HIS A 100 -3.26 17.35 8.36
N LYS A 101 -3.67 17.33 9.62
CA LYS A 101 -3.26 18.36 10.56
C LYS A 101 -3.11 17.78 11.96
N MET A 102 -1.87 17.54 12.36
CA MET A 102 -1.58 17.03 13.69
C MET A 102 -0.43 17.83 14.31
N GLY A 1 -11.66 -42.23 -13.26
CA GLY A 1 -11.57 -41.63 -14.62
C GLY A 1 -11.15 -40.19 -14.55
N ILE A 2 -10.46 -39.73 -15.59
CA ILE A 2 -9.98 -38.35 -15.63
C ILE A 2 -10.27 -37.71 -16.98
N ASP A 3 -10.41 -36.39 -16.97
CA ASP A 3 -10.51 -35.62 -18.19
C ASP A 3 -9.44 -34.54 -18.18
N PRO A 4 -8.59 -34.52 -19.21
CA PRO A 4 -7.47 -33.57 -19.29
C PRO A 4 -7.90 -32.13 -19.03
N PHE A 5 -7.50 -31.62 -17.87
CA PHE A 5 -7.80 -30.24 -17.49
C PHE A 5 -6.51 -29.50 -17.22
N THR A 6 -6.18 -28.54 -18.06
CA THR A 6 -4.95 -27.78 -17.92
C THR A 6 -5.16 -26.32 -18.28
N MET A 7 -5.22 -26.04 -19.59
CA MET A 7 -5.39 -24.69 -20.13
C MET A 7 -4.17 -23.80 -19.83
N LEU A 8 -3.94 -23.51 -18.55
CA LEU A 8 -2.84 -22.65 -18.15
C LEU A 8 -1.94 -23.38 -17.16
N SER A 9 -0.85 -23.93 -17.66
CA SER A 9 0.14 -24.57 -16.81
C SER A 9 1.51 -23.99 -17.09
N SER A 10 2.04 -23.26 -16.13
CA SER A 10 3.35 -22.64 -16.27
C SER A 10 3.98 -22.45 -14.90
N GLY A 11 5.29 -22.68 -14.83
CA GLY A 11 6.01 -22.46 -13.60
C GLY A 11 6.69 -21.12 -13.57
N ASP A 12 6.37 -20.28 -14.56
CA ASP A 12 6.94 -18.96 -14.68
C ASP A 12 6.57 -18.11 -13.47
N LEU A 13 7.58 -17.69 -12.71
CA LEU A 13 7.35 -16.88 -11.52
C LEU A 13 7.95 -15.49 -11.69
N THR A 14 8.01 -15.02 -12.93
CA THR A 14 8.53 -13.69 -13.22
C THR A 14 7.65 -12.64 -12.55
N SER A 15 6.36 -12.91 -12.48
CA SER A 15 5.41 -12.01 -11.85
C SER A 15 5.55 -12.07 -10.34
N ALA A 16 6.27 -11.11 -9.77
CA ALA A 16 6.47 -11.08 -8.33
C ALA A 16 5.29 -10.39 -7.66
N SER A 17 4.20 -11.12 -7.52
CA SER A 17 2.99 -10.57 -6.93
C SER A 17 2.75 -11.20 -5.57
N TRP A 18 2.71 -10.35 -4.57
CA TRP A 18 2.49 -10.78 -3.21
C TRP A 18 1.40 -9.92 -2.57
N GLU A 19 0.64 -10.50 -1.67
CA GLU A 19 -0.45 -9.77 -1.04
C GLU A 19 0.05 -9.03 0.19
N LEU A 20 -0.14 -7.72 0.18
CA LEU A 20 0.31 -6.86 1.25
C LEU A 20 -0.88 -6.29 2.01
N VAL A 21 -0.97 -6.61 3.29
CA VAL A 21 -2.00 -6.04 4.12
C VAL A 21 -1.57 -4.65 4.60
N VAL A 22 -2.35 -3.66 4.24
CA VAL A 22 -2.09 -2.32 4.70
C VAL A 22 -3.12 -1.95 5.75
N ARG A 23 -2.65 -1.60 6.93
CA ARG A 23 -3.53 -1.27 8.03
C ARG A 23 -3.98 0.17 7.88
N VAL A 24 -5.26 0.38 7.60
CA VAL A 24 -5.78 1.71 7.39
C VAL A 24 -6.39 2.28 8.66
N ASP A 25 -5.75 3.30 9.19
CA ASP A 25 -6.24 3.99 10.38
C ASP A 25 -7.04 5.21 9.98
N HIS A 26 -8.27 5.29 10.45
CA HIS A 26 -9.12 6.40 10.09
C HIS A 26 -9.16 7.42 11.22
N ALA A 27 -8.07 8.19 11.31
CA ALA A 27 -7.94 9.32 12.23
C ALA A 27 -8.50 9.02 13.64
N ASN A 28 -8.30 7.82 14.15
CA ASN A 28 -8.79 7.48 15.49
C ASN A 28 -8.01 6.36 16.16
N GLY A 29 -7.40 5.47 15.38
CA GLY A 29 -6.64 4.37 15.96
C GLY A 29 -7.51 3.17 16.27
N GLU A 30 -8.72 3.44 16.75
CA GLU A 30 -9.64 2.38 17.17
C GLU A 30 -10.24 1.64 15.99
N GLN A 31 -10.34 2.34 14.87
CA GLN A 31 -10.89 1.77 13.65
C GLN A 31 -9.80 1.60 12.61
N GLN A 32 -9.21 0.41 12.59
CA GLN A 32 -8.13 0.10 11.70
C GLN A 32 -8.59 -0.96 10.70
N THR A 33 -8.69 -0.56 9.45
CA THR A 33 -9.18 -1.41 8.39
C THR A 33 -8.05 -2.24 7.79
N GLU A 34 -8.34 -3.49 7.46
CA GLU A 34 -7.37 -4.34 6.79
C GLU A 34 -7.66 -4.37 5.30
N ILE A 35 -6.77 -3.76 4.54
CA ILE A 35 -6.86 -3.81 3.09
C ILE A 35 -5.67 -4.58 2.54
N THR A 36 -5.91 -5.81 2.13
CA THR A 36 -4.87 -6.66 1.60
C THR A 36 -4.86 -6.59 0.09
N LEU A 37 -3.86 -5.91 -0.45
CA LEU A 37 -3.76 -5.72 -1.89
C LEU A 37 -2.76 -6.69 -2.49
N ARG A 38 -3.04 -7.17 -3.69
CA ARG A 38 -2.11 -8.04 -4.38
C ARG A 38 -1.22 -7.18 -5.25
N VAL A 39 0.03 -7.04 -4.86
CA VAL A 39 0.90 -6.03 -5.45
C VAL A 39 2.25 -6.63 -5.86
N SER A 40 2.96 -5.88 -6.67
CA SER A 40 4.29 -6.25 -7.08
C SER A 40 5.26 -5.11 -6.81
N GLY A 41 6.55 -5.44 -6.68
CA GLY A 41 7.54 -4.43 -6.35
C GLY A 41 7.66 -3.33 -7.38
N ASP A 42 7.19 -3.60 -8.59
CA ASP A 42 7.23 -2.62 -9.68
C ASP A 42 6.09 -1.62 -9.58
N LEU A 43 5.21 -1.82 -8.62
CA LEU A 43 4.12 -0.88 -8.39
C LEU A 43 4.61 0.28 -7.53
N HIS A 44 4.19 1.49 -7.85
CA HIS A 44 4.61 2.67 -7.12
C HIS A 44 3.69 2.95 -5.94
N ILE A 45 4.26 3.54 -4.88
CA ILE A 45 3.56 3.78 -3.62
C ILE A 45 2.26 4.55 -3.82
N GLY A 46 2.28 5.56 -4.68
CA GLY A 46 1.10 6.37 -4.92
C GLY A 46 -0.08 5.55 -5.41
N GLY A 47 0.23 4.48 -6.13
CA GLY A 47 -0.81 3.60 -6.63
C GLY A 47 -1.40 2.76 -5.53
N VAL A 48 -0.52 2.29 -4.64
CA VAL A 48 -0.94 1.50 -3.48
C VAL A 48 -1.86 2.34 -2.60
N MET A 49 -1.45 3.58 -2.37
CA MET A 49 -2.23 4.54 -1.57
C MET A 49 -3.59 4.77 -2.20
N LEU A 50 -3.64 4.85 -3.52
CA LEU A 50 -4.88 5.07 -4.23
C LEU A 50 -5.76 3.83 -4.19
N LYS A 51 -5.15 2.67 -4.38
CA LYS A 51 -5.87 1.40 -4.37
C LYS A 51 -6.49 1.14 -3.00
N LEU A 52 -5.86 1.68 -1.95
CA LEU A 52 -6.40 1.57 -0.60
C LEU A 52 -7.76 2.26 -0.49
N VAL A 53 -7.82 3.51 -0.94
CA VAL A 53 -9.07 4.25 -0.94
C VAL A 53 -10.05 3.62 -1.93
N GLU A 54 -9.53 3.19 -3.07
CA GLU A 54 -10.33 2.55 -4.11
C GLU A 54 -11.00 1.28 -3.56
N GLN A 55 -10.22 0.49 -2.83
CA GLN A 55 -10.69 -0.76 -2.26
C GLN A 55 -11.78 -0.51 -1.22
N MET A 56 -11.50 0.44 -0.33
CA MET A 56 -12.46 0.78 0.72
C MET A 56 -13.71 1.42 0.13
N ASN A 57 -13.51 2.24 -0.90
CA ASN A 57 -14.61 2.92 -1.60
C ASN A 57 -15.27 3.92 -0.65
N ILE A 58 -14.52 4.35 0.36
CA ILE A 58 -15.02 5.29 1.34
C ILE A 58 -14.90 6.72 0.83
N ALA A 59 -16.03 7.33 0.52
CA ALA A 59 -16.04 8.69 0.01
C ALA A 59 -15.97 9.71 1.14
N GLN A 60 -14.75 10.05 1.53
CA GLN A 60 -14.51 11.05 2.56
C GLN A 60 -13.60 12.14 2.00
N ASP A 61 -13.30 13.14 2.83
CA ASP A 61 -12.41 14.21 2.41
C ASP A 61 -10.96 13.76 2.48
N TRP A 62 -10.50 13.09 1.44
CA TRP A 62 -9.12 12.65 1.36
C TRP A 62 -8.26 13.76 0.75
N SER A 63 -8.17 14.87 1.46
CA SER A 63 -7.39 16.00 0.98
C SER A 63 -5.90 15.68 1.01
N ASP A 64 -5.43 15.19 2.15
CA ASP A 64 -4.02 14.85 2.30
C ASP A 64 -3.78 13.37 2.01
N TYR A 65 -4.00 12.52 3.02
CA TYR A 65 -3.78 11.06 2.97
C TYR A 65 -2.34 10.70 2.57
N ALA A 66 -1.73 9.82 3.35
CA ALA A 66 -0.38 9.36 3.07
C ALA A 66 -0.13 8.00 3.68
N LEU A 67 0.87 7.31 3.17
CA LEU A 67 1.20 5.98 3.65
C LEU A 67 2.25 6.08 4.74
N TRP A 68 2.13 5.24 5.76
CA TRP A 68 2.99 5.30 6.92
C TRP A 68 3.67 3.96 7.15
N TRP A 69 4.99 3.97 7.18
CA TRP A 69 5.75 2.76 7.44
C TRP A 69 5.96 2.61 8.94
N GLU A 70 5.30 1.62 9.54
CA GLU A 70 5.27 1.47 10.99
C GLU A 70 6.64 1.10 11.55
N GLN A 71 7.38 0.29 10.81
CA GLN A 71 8.67 -0.20 11.28
C GLN A 71 9.80 0.79 10.99
N LYS A 72 9.46 1.95 10.44
CA LYS A 72 10.45 2.95 10.13
C LYS A 72 10.09 4.31 10.72
N ARG A 73 8.78 4.56 10.85
CA ARG A 73 8.27 5.87 11.28
C ARG A 73 8.61 6.94 10.25
N CYS A 74 7.82 6.98 9.20
CA CYS A 74 8.04 7.91 8.10
C CYS A 74 6.83 7.92 7.18
N TRP A 75 6.57 9.07 6.57
CA TRP A 75 5.45 9.19 5.65
C TRP A 75 5.95 8.99 4.24
N LEU A 76 5.38 8.02 3.54
CA LEU A 76 5.76 7.74 2.17
C LEU A 76 5.18 8.81 1.26
N LEU A 77 6.01 9.73 0.84
CA LEU A 77 5.63 10.74 -0.13
C LEU A 77 6.30 10.43 -1.45
N LYS A 78 7.09 9.37 -1.42
CA LYS A 78 7.74 8.83 -2.60
C LYS A 78 6.72 8.04 -3.42
N THR A 79 5.67 8.72 -3.84
CA THR A 79 4.56 8.08 -4.51
C THR A 79 4.96 7.56 -5.88
N HIS A 80 5.99 8.17 -6.46
CA HIS A 80 6.49 7.77 -7.77
C HIS A 80 7.57 6.70 -7.62
N TRP A 81 7.86 6.33 -6.38
CA TRP A 81 8.80 5.27 -6.11
C TRP A 81 8.05 3.95 -5.99
N THR A 82 8.66 2.88 -6.44
CA THR A 82 8.02 1.58 -6.39
C THR A 82 8.24 0.90 -5.04
N LEU A 83 7.52 -0.19 -4.81
CA LEU A 83 7.61 -0.94 -3.56
C LEU A 83 9.03 -1.41 -3.30
N ASP A 84 9.65 -2.01 -4.30
CA ASP A 84 11.03 -2.49 -4.16
C ASP A 84 12.01 -1.34 -4.10
N LYS A 85 11.66 -0.23 -4.75
CA LYS A 85 12.50 0.96 -4.75
C LYS A 85 12.59 1.54 -3.34
N CYS A 86 11.48 1.54 -2.63
CA CYS A 86 11.45 2.03 -1.25
C CYS A 86 11.98 0.97 -0.30
N GLY A 87 11.75 -0.29 -0.62
CA GLY A 87 12.25 -1.38 0.19
C GLY A 87 11.19 -1.93 1.13
N VAL A 88 9.93 -1.67 0.81
CA VAL A 88 8.82 -2.18 1.62
C VAL A 88 8.27 -3.46 1.01
N GLN A 89 8.34 -4.54 1.77
CA GLN A 89 7.92 -5.86 1.33
C GLN A 89 6.60 -6.25 1.98
N ALA A 90 6.18 -7.50 1.75
CA ALA A 90 4.96 -8.02 2.34
C ALA A 90 5.12 -8.26 3.83
N ASP A 91 6.35 -8.57 4.24
CA ASP A 91 6.65 -8.80 5.65
C ASP A 91 7.11 -7.50 6.31
N ALA A 92 6.38 -6.44 6.02
CA ALA A 92 6.65 -5.13 6.60
C ALA A 92 5.37 -4.52 7.15
N ASN A 93 5.41 -4.10 8.41
CA ASN A 93 4.27 -3.44 9.04
C ASN A 93 4.00 -2.11 8.36
N LEU A 94 2.89 -2.04 7.65
CA LEU A 94 2.56 -0.87 6.85
C LEU A 94 1.20 -0.31 7.26
N LEU A 95 1.19 0.97 7.56
CA LEU A 95 -0.01 1.65 8.01
C LEU A 95 -0.43 2.70 6.99
N PHE A 96 -1.72 2.94 6.87
CA PHE A 96 -2.22 3.99 6.02
C PHE A 96 -3.12 4.91 6.83
N THR A 97 -2.66 6.12 7.07
CA THR A 97 -3.40 7.07 7.86
C THR A 97 -3.26 8.47 7.27
N PRO A 98 -4.35 9.25 7.27
CA PRO A 98 -4.32 10.63 6.78
C PRO A 98 -3.44 11.53 7.66
N GLN A 99 -2.58 12.30 7.03
CA GLN A 99 -1.70 13.21 7.76
C GLN A 99 -2.43 14.50 8.11
N HIS A 100 -3.73 14.37 8.33
CA HIS A 100 -4.59 15.48 8.67
C HIS A 100 -4.45 15.83 10.15
N LYS A 101 -3.21 16.05 10.58
CA LYS A 101 -2.93 16.38 11.97
C LYS A 101 -2.30 17.77 12.06
N MET A 102 -2.66 18.60 11.10
CA MET A 102 -2.20 19.98 11.05
C MET A 102 -3.01 20.75 10.02
N GLY A 1 23.29 10.56 -16.64
CA GLY A 1 22.14 11.50 -16.70
C GLY A 1 20.97 11.00 -15.90
N ILE A 2 19.79 11.54 -16.17
CA ILE A 2 18.59 11.14 -15.44
C ILE A 2 17.51 10.63 -16.39
N ASP A 3 17.56 11.07 -17.64
CA ASP A 3 16.58 10.62 -18.63
C ASP A 3 16.83 9.17 -19.01
N PRO A 4 18.05 8.80 -19.45
CA PRO A 4 18.40 7.40 -19.70
C PRO A 4 18.69 6.68 -18.38
N PHE A 5 17.75 5.86 -17.95
CA PHE A 5 17.89 5.17 -16.68
C PHE A 5 18.23 3.70 -16.91
N THR A 6 18.72 3.05 -15.87
CA THR A 6 19.03 1.63 -15.94
C THR A 6 17.75 0.82 -16.01
N MET A 7 17.55 0.12 -17.12
CA MET A 7 16.35 -0.66 -17.34
C MET A 7 16.24 -1.76 -16.30
N LEU A 8 15.02 -2.27 -16.10
CA LEU A 8 14.76 -3.24 -15.05
C LEU A 8 15.19 -4.65 -15.48
N SER A 9 16.35 -4.76 -16.09
CA SER A 9 16.93 -6.05 -16.41
C SER A 9 17.16 -6.84 -15.11
N SER A 10 17.52 -6.11 -14.06
CA SER A 10 17.59 -6.66 -12.72
C SER A 10 16.92 -5.69 -11.75
N GLY A 11 15.59 -5.78 -11.68
CA GLY A 11 14.84 -4.88 -10.81
C GLY A 11 13.48 -5.45 -10.48
N ASP A 12 13.47 -6.75 -10.14
CA ASP A 12 12.23 -7.44 -9.80
C ASP A 12 12.55 -8.69 -9.00
N LEU A 13 13.01 -9.73 -9.71
CA LEU A 13 13.42 -10.99 -9.08
C LEU A 13 12.31 -11.62 -8.25
N THR A 14 11.07 -11.27 -8.56
CA THR A 14 9.94 -11.78 -7.81
C THR A 14 9.05 -12.63 -8.71
N SER A 15 8.61 -12.05 -9.82
CA SER A 15 7.72 -12.72 -10.77
C SER A 15 6.38 -13.08 -10.12
N ALA A 16 5.99 -12.30 -9.11
CA ALA A 16 4.77 -12.58 -8.37
C ALA A 16 4.32 -11.35 -7.59
N SER A 17 3.04 -11.29 -7.32
CA SER A 17 2.48 -10.22 -6.52
C SER A 17 2.19 -10.74 -5.12
N TRP A 18 2.74 -10.06 -4.13
CA TRP A 18 2.69 -10.52 -2.76
C TRP A 18 1.64 -9.75 -1.96
N GLU A 19 1.25 -10.32 -0.82
CA GLU A 19 0.21 -9.73 0.01
C GLU A 19 0.79 -8.63 0.90
N LEU A 20 0.41 -7.41 0.60
CA LEU A 20 0.79 -6.28 1.43
C LEU A 20 -0.40 -5.84 2.26
N VAL A 21 -0.28 -5.88 3.56
CA VAL A 21 -1.37 -5.46 4.42
C VAL A 21 -1.20 -3.98 4.77
N VAL A 22 -2.19 -3.20 4.38
CA VAL A 22 -2.20 -1.78 4.69
C VAL A 22 -3.37 -1.46 5.59
N ARG A 23 -3.06 -1.09 6.82
CA ARG A 23 -4.10 -0.78 7.78
C ARG A 23 -4.50 0.68 7.67
N VAL A 24 -5.72 0.90 7.21
CA VAL A 24 -6.23 2.24 6.98
C VAL A 24 -6.78 2.83 8.28
N ASP A 25 -6.08 3.83 8.78
CA ASP A 25 -6.50 4.56 9.97
C ASP A 25 -7.23 5.82 9.55
N HIS A 26 -8.54 5.82 9.69
CA HIS A 26 -9.34 6.97 9.32
C HIS A 26 -9.13 8.10 10.33
N ALA A 27 -9.39 9.33 9.90
CA ALA A 27 -9.11 10.52 10.72
C ALA A 27 -9.63 10.38 12.14
N ASN A 28 -10.89 10.00 12.28
CA ASN A 28 -11.49 9.80 13.58
C ASN A 28 -12.32 8.53 13.60
N GLY A 29 -12.77 8.18 14.79
CA GLY A 29 -13.54 6.96 14.97
C GLY A 29 -12.68 5.82 15.45
N GLU A 30 -11.37 5.98 15.27
CA GLU A 30 -10.38 4.96 15.61
C GLU A 30 -10.77 3.60 15.05
N GLN A 31 -10.65 3.46 13.75
CA GLN A 31 -10.98 2.23 13.06
C GLN A 31 -9.90 1.93 12.03
N GLN A 32 -8.97 1.05 12.40
CA GLN A 32 -7.87 0.71 11.52
C GLN A 32 -8.23 -0.52 10.69
N THR A 33 -8.70 -0.27 9.48
CA THR A 33 -9.13 -1.33 8.58
C THR A 33 -7.92 -2.00 7.93
N GLU A 34 -7.83 -3.31 8.00
CA GLU A 34 -6.68 -4.02 7.47
C GLU A 34 -6.96 -4.55 6.08
N ILE A 35 -6.48 -3.83 5.08
CA ILE A 35 -6.69 -4.21 3.70
C ILE A 35 -5.48 -5.00 3.19
N THR A 36 -5.74 -6.20 2.72
CA THR A 36 -4.68 -7.04 2.18
C THR A 36 -4.69 -6.97 0.65
N LEU A 37 -3.76 -6.22 0.10
CA LEU A 37 -3.68 -6.05 -1.34
C LEU A 37 -2.55 -6.88 -1.91
N ARG A 38 -2.78 -7.48 -3.06
CA ARG A 38 -1.77 -8.28 -3.71
C ARG A 38 -1.04 -7.42 -4.73
N VAL A 39 0.19 -7.06 -4.43
CA VAL A 39 0.94 -6.09 -5.22
C VAL A 39 2.34 -6.60 -5.53
N SER A 40 2.95 -6.04 -6.56
CA SER A 40 4.32 -6.36 -6.89
C SER A 40 5.20 -5.13 -6.72
N GLY A 41 6.51 -5.34 -6.62
CA GLY A 41 7.43 -4.25 -6.32
C GLY A 41 7.45 -3.14 -7.35
N ASP A 42 7.08 -3.45 -8.58
CA ASP A 42 7.11 -2.46 -9.66
C ASP A 42 5.97 -1.45 -9.55
N LEU A 43 5.06 -1.68 -8.62
CA LEU A 43 3.97 -0.75 -8.37
C LEU A 43 4.48 0.43 -7.55
N HIS A 44 4.08 1.64 -7.92
CA HIS A 44 4.51 2.83 -7.18
C HIS A 44 3.60 3.09 -5.99
N ILE A 45 4.16 3.69 -4.94
CA ILE A 45 3.45 3.91 -3.68
C ILE A 45 2.13 4.66 -3.89
N GLY A 46 2.13 5.63 -4.79
CA GLY A 46 0.91 6.37 -5.10
C GLY A 46 -0.19 5.48 -5.63
N GLY A 47 0.21 4.40 -6.30
CA GLY A 47 -0.76 3.46 -6.83
C GLY A 47 -1.36 2.62 -5.74
N VAL A 48 -0.54 2.30 -4.74
CA VAL A 48 -1.00 1.56 -3.57
C VAL A 48 -2.03 2.40 -2.83
N MET A 49 -1.72 3.68 -2.65
CA MET A 49 -2.63 4.63 -2.01
C MET A 49 -3.99 4.62 -2.70
N LEU A 50 -3.97 4.68 -4.02
CA LEU A 50 -5.18 4.67 -4.82
C LEU A 50 -5.93 3.36 -4.65
N LYS A 51 -5.19 2.26 -4.59
CA LYS A 51 -5.78 0.93 -4.44
C LYS A 51 -6.46 0.77 -3.09
N LEU A 52 -5.92 1.40 -2.05
CA LEU A 52 -6.56 1.40 -0.74
C LEU A 52 -7.93 2.07 -0.83
N VAL A 53 -7.96 3.24 -1.47
CA VAL A 53 -9.21 3.96 -1.67
C VAL A 53 -10.16 3.15 -2.55
N GLU A 54 -9.59 2.53 -3.58
CA GLU A 54 -10.33 1.69 -4.51
C GLU A 54 -10.99 0.50 -3.79
N GLN A 55 -10.28 -0.06 -2.82
CA GLN A 55 -10.75 -1.25 -2.13
C GLN A 55 -11.91 -0.94 -1.18
N MET A 56 -11.93 0.27 -0.63
CA MET A 56 -12.97 0.64 0.32
C MET A 56 -14.11 1.38 -0.37
N ASN A 57 -13.78 2.19 -1.37
CA ASN A 57 -14.76 2.99 -2.10
C ASN A 57 -15.55 3.89 -1.16
N ILE A 58 -14.94 4.99 -0.75
CA ILE A 58 -15.57 5.92 0.18
C ILE A 58 -15.40 7.34 -0.36
N ALA A 59 -16.50 8.09 -0.40
CA ALA A 59 -16.46 9.45 -0.91
C ALA A 59 -15.93 10.40 0.14
N GLN A 60 -14.62 10.37 0.34
CA GLN A 60 -13.96 11.22 1.32
C GLN A 60 -13.00 12.17 0.63
N ASP A 61 -12.61 13.21 1.33
CA ASP A 61 -11.54 14.06 0.85
C ASP A 61 -10.26 13.67 1.56
N TRP A 62 -9.41 12.93 0.87
CA TRP A 62 -8.24 12.32 1.46
C TRP A 62 -7.13 13.35 1.63
N SER A 63 -7.23 14.44 0.87
CA SER A 63 -6.34 15.61 1.02
C SER A 63 -4.85 15.24 0.91
N ASP A 64 -4.21 15.08 2.06
CA ASP A 64 -2.76 14.85 2.13
C ASP A 64 -2.46 13.46 2.66
N TYR A 65 -3.44 12.58 2.51
CA TYR A 65 -3.33 11.19 2.91
C TYR A 65 -2.05 10.56 2.37
N ALA A 66 -1.41 9.69 3.16
CA ALA A 66 -0.18 9.05 2.75
C ALA A 66 0.06 7.75 3.48
N LEU A 67 1.12 7.04 3.10
CA LEU A 67 1.47 5.79 3.75
C LEU A 67 2.43 6.01 4.90
N TRP A 68 2.25 5.24 5.96
CA TRP A 68 3.13 5.26 7.11
C TRP A 68 3.74 3.88 7.28
N TRP A 69 5.06 3.79 7.20
CA TRP A 69 5.73 2.53 7.39
C TRP A 69 5.88 2.29 8.89
N GLU A 70 5.13 1.33 9.39
CA GLU A 70 5.01 1.12 10.83
C GLU A 70 6.31 0.64 11.44
N GLN A 71 7.04 -0.17 10.71
CA GLN A 71 8.26 -0.79 11.21
C GLN A 71 9.41 0.22 11.27
N LYS A 72 9.39 1.18 10.36
CA LYS A 72 10.48 2.14 10.26
C LYS A 72 10.07 3.48 10.87
N ARG A 73 8.78 3.62 11.15
CA ARG A 73 8.23 4.83 11.75
C ARG A 73 8.52 6.05 10.86
N CYS A 74 8.11 5.95 9.60
CA CYS A 74 8.40 6.96 8.61
C CYS A 74 7.24 7.09 7.62
N TRP A 75 7.07 8.28 7.07
CA TRP A 75 5.99 8.53 6.12
C TRP A 75 6.52 8.33 4.70
N LEU A 76 5.77 7.60 3.90
CA LEU A 76 6.15 7.39 2.52
C LEU A 76 5.71 8.57 1.68
N LEU A 77 6.66 9.43 1.35
CA LEU A 77 6.41 10.53 0.45
C LEU A 77 6.97 10.18 -0.92
N LYS A 78 7.48 8.97 -1.00
CA LYS A 78 8.01 8.42 -2.23
C LYS A 78 6.89 7.83 -3.06
N THR A 79 5.84 8.61 -3.27
CA THR A 79 4.65 8.12 -3.96
C THR A 79 4.93 7.82 -5.43
N HIS A 80 5.91 8.53 -5.98
CA HIS A 80 6.34 8.30 -7.36
C HIS A 80 7.29 7.11 -7.43
N TRP A 81 7.78 6.70 -6.27
CA TRP A 81 8.72 5.59 -6.19
C TRP A 81 7.94 4.28 -6.09
N THR A 82 8.53 3.21 -6.56
CA THR A 82 7.89 1.90 -6.52
C THR A 82 8.14 1.21 -5.18
N LEU A 83 7.39 0.15 -4.92
CA LEU A 83 7.56 -0.65 -3.72
C LEU A 83 8.98 -1.20 -3.66
N ASP A 84 9.46 -1.69 -4.80
CA ASP A 84 10.80 -2.26 -4.90
C ASP A 84 11.86 -1.16 -4.75
N LYS A 85 11.55 0.03 -5.24
CA LYS A 85 12.45 1.17 -5.12
C LYS A 85 12.57 1.61 -3.66
N CYS A 86 11.43 1.67 -2.97
CA CYS A 86 11.41 2.09 -1.57
C CYS A 86 12.04 1.02 -0.67
N GLY A 87 11.55 -0.21 -0.80
CA GLY A 87 12.08 -1.29 0.02
C GLY A 87 11.02 -1.91 0.91
N VAL A 88 9.78 -1.47 0.75
CA VAL A 88 8.67 -2.02 1.53
C VAL A 88 8.07 -3.23 0.82
N GLN A 89 8.20 -4.39 1.45
CA GLN A 89 7.75 -5.65 0.86
C GLN A 89 6.65 -6.29 1.71
N ALA A 90 6.36 -7.57 1.43
CA ALA A 90 5.22 -8.27 2.04
C ALA A 90 5.35 -8.37 3.55
N ASP A 91 6.56 -8.48 4.06
CA ASP A 91 6.78 -8.65 5.50
C ASP A 91 6.70 -7.32 6.23
N ALA A 92 6.41 -6.25 5.51
CA ALA A 92 6.39 -4.92 6.11
C ALA A 92 4.98 -4.51 6.52
N ASN A 93 4.86 -4.09 7.79
CA ASN A 93 3.62 -3.52 8.29
C ASN A 93 3.44 -2.11 7.73
N LEU A 94 2.40 -1.90 6.96
CA LEU A 94 2.15 -0.61 6.36
C LEU A 94 0.84 -0.03 6.87
N LEU A 95 0.89 1.22 7.30
CA LEU A 95 -0.29 1.90 7.84
C LEU A 95 -0.71 3.00 6.88
N PHE A 96 -2.00 3.12 6.65
CA PHE A 96 -2.51 4.18 5.78
C PHE A 96 -3.26 5.19 6.63
N THR A 97 -2.67 6.35 6.81
CA THR A 97 -3.23 7.34 7.71
C THR A 97 -2.99 8.75 7.16
N PRO A 98 -3.89 9.72 7.46
CA PRO A 98 -3.68 11.10 7.08
C PRO A 98 -2.65 11.79 7.95
N GLN A 99 -1.72 12.51 7.33
CA GLN A 99 -0.69 13.22 8.07
C GLN A 99 -1.15 14.62 8.44
N HIS A 100 -2.44 14.87 8.25
CA HIS A 100 -3.04 16.15 8.60
C HIS A 100 -3.01 16.35 10.11
N LYS A 101 -3.57 15.37 10.83
CA LYS A 101 -3.59 15.35 12.29
C LYS A 101 -4.45 16.45 12.88
N MET A 102 -5.41 16.07 13.70
CA MET A 102 -6.28 17.03 14.37
C MET A 102 -6.39 16.71 15.85
N GLY A 1 1.88 -35.39 -10.04
CA GLY A 1 3.28 -35.82 -9.75
C GLY A 1 4.28 -34.92 -10.45
N ILE A 2 5.03 -34.17 -9.66
CA ILE A 2 5.94 -33.15 -10.19
C ILE A 2 5.15 -32.13 -10.99
N ASP A 3 4.52 -31.22 -10.27
CA ASP A 3 3.61 -30.26 -10.89
C ASP A 3 4.12 -28.85 -10.71
N PRO A 4 4.09 -28.05 -11.79
CA PRO A 4 4.49 -26.64 -11.75
C PRO A 4 3.48 -25.79 -10.98
N PHE A 5 2.20 -26.08 -11.21
CA PHE A 5 1.14 -25.39 -10.51
C PHE A 5 0.58 -26.29 -9.42
N THR A 6 0.78 -25.87 -8.17
CA THR A 6 0.38 -26.64 -6.99
C THR A 6 1.30 -27.83 -6.78
N MET A 7 1.63 -28.10 -5.52
CA MET A 7 2.48 -29.24 -5.12
C MET A 7 3.96 -28.98 -5.42
N LEU A 8 4.26 -27.81 -5.99
CA LEU A 8 5.65 -27.41 -6.19
C LEU A 8 6.25 -26.98 -4.85
N SER A 9 5.88 -25.79 -4.41
CA SER A 9 6.20 -25.33 -3.07
C SER A 9 4.90 -25.10 -2.32
N SER A 10 3.99 -24.41 -2.99
CA SER A 10 2.64 -24.20 -2.51
C SER A 10 1.69 -24.29 -3.70
N GLY A 11 1.60 -23.20 -4.45
CA GLY A 11 0.84 -23.19 -5.68
C GLY A 11 1.70 -22.74 -6.84
N ASP A 12 2.06 -21.47 -6.83
CA ASP A 12 2.98 -20.92 -7.81
C ASP A 12 4.01 -20.04 -7.11
N LEU A 13 5.21 -19.96 -7.67
CA LEU A 13 6.30 -19.22 -7.05
C LEU A 13 6.32 -17.79 -7.57
N THR A 14 6.08 -16.83 -6.68
CA THR A 14 6.06 -15.43 -7.04
C THR A 14 6.99 -14.63 -6.14
N SER A 15 7.51 -13.52 -6.65
CA SER A 15 8.42 -12.67 -5.89
C SER A 15 8.24 -11.21 -6.27
N ALA A 16 7.76 -10.96 -7.49
CA ALA A 16 7.57 -9.59 -7.96
C ALA A 16 6.10 -9.23 -7.94
N SER A 17 5.36 -9.96 -7.12
CA SER A 17 3.94 -9.73 -6.91
C SER A 17 3.52 -10.50 -5.68
N TRP A 18 3.09 -9.76 -4.67
CA TRP A 18 2.86 -10.32 -3.37
C TRP A 18 1.72 -9.61 -2.67
N GLU A 19 1.00 -10.33 -1.82
CA GLU A 19 -0.13 -9.75 -1.11
C GLU A 19 0.34 -9.02 0.14
N LEU A 20 -0.02 -7.77 0.23
CA LEU A 20 0.38 -6.92 1.35
C LEU A 20 -0.86 -6.43 2.08
N VAL A 21 -0.98 -6.77 3.35
CA VAL A 21 -2.05 -6.25 4.17
C VAL A 21 -1.67 -4.89 4.73
N VAL A 22 -2.46 -3.89 4.41
CA VAL A 22 -2.22 -2.54 4.87
C VAL A 22 -3.31 -2.15 5.85
N ARG A 23 -2.91 -1.71 7.03
CA ARG A 23 -3.87 -1.31 8.05
C ARG A 23 -4.25 0.15 7.87
N VAL A 24 -5.49 0.39 7.49
CA VAL A 24 -5.99 1.74 7.31
C VAL A 24 -6.48 2.30 8.63
N ASP A 25 -5.81 3.34 9.09
CA ASP A 25 -6.17 3.98 10.35
C ASP A 25 -7.06 5.18 10.06
N HIS A 26 -8.34 5.02 10.31
CA HIS A 26 -9.29 6.11 10.08
C HIS A 26 -9.17 7.13 11.19
N ALA A 27 -8.30 8.11 11.00
CA ALA A 27 -8.10 9.18 11.96
C ALA A 27 -9.39 9.92 12.20
N ASN A 28 -9.65 10.26 13.47
CA ASN A 28 -10.89 10.93 13.87
C ASN A 28 -12.09 9.98 13.70
N GLY A 29 -11.78 8.71 13.46
CA GLY A 29 -12.83 7.72 13.27
C GLY A 29 -12.87 6.73 14.41
N GLU A 30 -13.27 5.49 14.10
CA GLU A 30 -13.43 4.47 15.12
C GLU A 30 -13.02 3.09 14.62
N GLN A 31 -12.63 2.99 13.35
CA GLN A 31 -12.34 1.69 12.76
C GLN A 31 -10.96 1.68 12.11
N GLN A 32 -10.27 0.56 12.26
CA GLN A 32 -9.03 0.32 11.54
C GLN A 32 -9.26 -0.77 10.51
N THR A 33 -9.31 -0.38 9.25
CA THR A 33 -9.63 -1.30 8.17
C THR A 33 -8.37 -1.98 7.65
N GLU A 34 -8.34 -3.30 7.64
CA GLU A 34 -7.20 -4.01 7.10
C GLU A 34 -7.50 -4.44 5.67
N ILE A 35 -6.66 -3.97 4.75
CA ILE A 35 -6.85 -4.24 3.34
C ILE A 35 -5.69 -5.07 2.79
N THR A 36 -6.00 -6.24 2.26
CA THR A 36 -4.97 -7.09 1.68
C THR A 36 -4.99 -6.95 0.16
N LEU A 37 -4.02 -6.23 -0.37
CA LEU A 37 -3.90 -6.04 -1.80
C LEU A 37 -2.66 -6.75 -2.31
N ARG A 38 -2.75 -7.38 -3.46
CA ARG A 38 -1.58 -7.98 -4.07
C ARG A 38 -0.92 -6.97 -4.99
N VAL A 39 0.26 -6.54 -4.61
CA VAL A 39 0.97 -5.52 -5.34
C VAL A 39 2.20 -6.11 -6.03
N SER A 40 2.55 -5.52 -7.15
CA SER A 40 3.72 -5.96 -7.89
C SER A 40 4.90 -5.06 -7.56
N GLY A 41 6.11 -5.57 -7.77
CA GLY A 41 7.31 -4.81 -7.42
C GLY A 41 7.43 -3.52 -8.19
N ASP A 42 6.82 -3.47 -9.37
CA ASP A 42 6.89 -2.28 -10.23
C ASP A 42 5.73 -1.33 -9.97
N LEU A 43 4.98 -1.59 -8.90
CA LEU A 43 3.89 -0.70 -8.52
C LEU A 43 4.40 0.39 -7.58
N HIS A 44 4.16 1.63 -7.96
CA HIS A 44 4.62 2.78 -7.18
C HIS A 44 3.70 3.05 -6.00
N ILE A 45 4.27 3.60 -4.93
CA ILE A 45 3.58 3.85 -3.67
C ILE A 45 2.26 4.59 -3.86
N GLY A 46 2.27 5.63 -4.70
CA GLY A 46 1.07 6.40 -4.95
C GLY A 46 -0.07 5.57 -5.49
N GLY A 47 0.28 4.56 -6.30
CA GLY A 47 -0.72 3.69 -6.86
C GLY A 47 -1.30 2.76 -5.80
N VAL A 48 -0.45 2.36 -4.87
CA VAL A 48 -0.89 1.52 -3.75
C VAL A 48 -1.83 2.32 -2.86
N MET A 49 -1.40 3.54 -2.52
CA MET A 49 -2.18 4.44 -1.67
C MET A 49 -3.57 4.68 -2.24
N LEU A 50 -3.63 4.88 -3.55
CA LEU A 50 -4.89 5.10 -4.25
C LEU A 50 -5.77 3.86 -4.15
N LYS A 51 -5.17 2.69 -4.33
CA LYS A 51 -5.88 1.43 -4.26
C LYS A 51 -6.46 1.18 -2.88
N LEU A 52 -5.76 1.64 -1.84
CA LEU A 52 -6.25 1.54 -0.48
C LEU A 52 -7.59 2.26 -0.34
N VAL A 53 -7.62 3.52 -0.77
CA VAL A 53 -8.85 4.30 -0.73
C VAL A 53 -9.91 3.70 -1.64
N GLU A 54 -9.49 3.29 -2.82
CA GLU A 54 -10.41 2.75 -3.83
C GLU A 54 -11.04 1.45 -3.36
N GLN A 55 -10.28 0.64 -2.63
CA GLN A 55 -10.77 -0.63 -2.11
C GLN A 55 -11.96 -0.42 -1.19
N MET A 56 -11.80 0.49 -0.24
CA MET A 56 -12.88 0.83 0.69
C MET A 56 -13.95 1.64 -0.03
N ASN A 57 -13.51 2.36 -1.06
CA ASN A 57 -14.37 3.21 -1.88
C ASN A 57 -15.18 4.18 -1.03
N ILE A 58 -14.50 5.20 -0.55
CA ILE A 58 -15.15 6.22 0.28
C ILE A 58 -14.81 7.61 -0.24
N ALA A 59 -15.79 8.24 -0.88
CA ALA A 59 -15.62 9.58 -1.41
C ALA A 59 -15.75 10.61 -0.29
N GLN A 60 -14.63 11.09 0.18
CA GLN A 60 -14.61 12.04 1.30
C GLN A 60 -13.29 12.79 1.31
N ASP A 61 -13.19 13.79 2.17
CA ASP A 61 -11.93 14.47 2.39
C ASP A 61 -11.06 13.64 3.33
N TRP A 62 -10.01 13.06 2.78
CA TRP A 62 -9.11 12.21 3.55
C TRP A 62 -8.00 13.04 4.20
N SER A 63 -8.16 14.36 4.15
CA SER A 63 -7.18 15.30 4.73
C SER A 63 -5.78 14.97 4.19
N ASP A 64 -5.74 14.63 2.91
CA ASP A 64 -4.54 14.14 2.24
C ASP A 64 -4.11 12.80 2.83
N TYR A 65 -4.54 11.74 2.19
CA TYR A 65 -4.24 10.38 2.63
C TYR A 65 -2.81 10.02 2.25
N ALA A 66 -2.07 9.45 3.18
CA ALA A 66 -0.70 9.08 2.94
C ALA A 66 -0.37 7.74 3.57
N LEU A 67 0.69 7.12 3.09
CA LEU A 67 1.08 5.80 3.57
C LEU A 67 2.10 5.96 4.70
N TRP A 68 1.90 5.21 5.77
CA TRP A 68 2.74 5.30 6.95
C TRP A 68 3.52 4.01 7.14
N TRP A 69 4.84 4.12 7.19
CA TRP A 69 5.68 2.97 7.45
C TRP A 69 6.02 2.95 8.94
N GLU A 70 5.45 1.99 9.65
CA GLU A 70 5.60 1.94 11.10
C GLU A 70 7.04 1.58 11.51
N GLN A 71 7.64 0.66 10.77
CA GLN A 71 8.94 0.11 11.15
C GLN A 71 10.07 1.10 10.89
N LYS A 72 9.74 2.24 10.29
CA LYS A 72 10.71 3.30 10.06
C LYS A 72 10.22 4.60 10.70
N ARG A 73 8.95 4.61 11.08
CA ARG A 73 8.26 5.83 11.52
C ARG A 73 8.46 6.94 10.49
N CYS A 74 7.89 6.72 9.31
CA CYS A 74 8.07 7.63 8.20
C CYS A 74 6.84 7.64 7.31
N TRP A 75 6.57 8.77 6.70
CA TRP A 75 5.46 8.90 5.77
C TRP A 75 5.99 8.73 4.37
N LEU A 76 5.39 7.83 3.61
CA LEU A 76 5.83 7.59 2.25
C LEU A 76 5.44 8.76 1.37
N LEU A 77 6.42 9.59 1.05
CA LEU A 77 6.23 10.70 0.15
C LEU A 77 6.98 10.40 -1.14
N LYS A 78 7.54 9.20 -1.19
CA LYS A 78 8.17 8.68 -2.39
C LYS A 78 7.11 7.99 -3.23
N THR A 79 6.07 8.75 -3.57
CA THR A 79 4.90 8.20 -4.24
C THR A 79 5.25 7.62 -5.62
N HIS A 80 6.31 8.13 -6.23
CA HIS A 80 6.73 7.68 -7.55
C HIS A 80 7.59 6.42 -7.43
N TRP A 81 8.07 6.15 -6.22
CA TRP A 81 8.91 4.98 -5.98
C TRP A 81 8.03 3.74 -5.84
N THR A 82 8.55 2.60 -6.24
CA THR A 82 7.82 1.36 -6.14
C THR A 82 8.06 0.69 -4.80
N LEU A 83 7.33 -0.40 -4.52
CA LEU A 83 7.54 -1.15 -3.28
C LEU A 83 8.98 -1.63 -3.20
N ASP A 84 9.45 -2.22 -4.29
CA ASP A 84 10.79 -2.77 -4.36
C ASP A 84 11.83 -1.66 -4.28
N LYS A 85 11.57 -0.55 -4.96
CA LYS A 85 12.48 0.58 -4.97
C LYS A 85 12.57 1.22 -3.58
N CYS A 86 11.43 1.35 -2.92
CA CYS A 86 11.39 1.95 -1.58
C CYS A 86 12.04 1.03 -0.56
N GLY A 87 11.79 -0.27 -0.69
CA GLY A 87 12.37 -1.23 0.23
C GLY A 87 11.35 -1.79 1.20
N VAL A 88 10.07 -1.59 0.90
CA VAL A 88 9.01 -2.10 1.74
C VAL A 88 8.45 -3.40 1.16
N GLN A 89 8.52 -4.45 1.95
CA GLN A 89 8.08 -5.77 1.54
C GLN A 89 6.85 -6.20 2.33
N ALA A 90 6.38 -7.42 2.09
CA ALA A 90 5.17 -7.91 2.75
C ALA A 90 5.41 -8.25 4.21
N ASP A 91 6.67 -8.13 4.63
CA ASP A 91 7.05 -8.39 6.01
C ASP A 91 6.95 -7.13 6.85
N ALA A 92 6.82 -5.99 6.18
CA ALA A 92 6.78 -4.71 6.85
C ALA A 92 5.36 -4.33 7.24
N ASN A 93 5.18 -3.94 8.50
CA ASN A 93 3.89 -3.46 8.95
C ASN A 93 3.62 -2.09 8.35
N LEU A 94 2.65 -2.04 7.45
CA LEU A 94 2.37 -0.82 6.72
C LEU A 94 0.99 -0.29 7.11
N LEU A 95 0.95 0.99 7.44
CA LEU A 95 -0.27 1.63 7.87
C LEU A 95 -0.69 2.66 6.82
N PHE A 96 -1.99 2.87 6.67
CA PHE A 96 -2.49 3.89 5.77
C PHE A 96 -3.45 4.80 6.53
N THR A 97 -3.04 6.03 6.74
CA THR A 97 -3.83 6.96 7.53
C THR A 97 -3.75 8.37 6.96
N PRO A 98 -4.83 9.15 7.06
CA PRO A 98 -4.81 10.59 6.76
C PRO A 98 -3.72 11.28 7.57
N GLN A 99 -2.86 12.04 6.91
CA GLN A 99 -1.75 12.67 7.60
C GLN A 99 -2.24 13.82 8.46
N HIS A 100 -3.32 14.48 8.00
CA HIS A 100 -3.89 15.66 8.67
C HIS A 100 -2.80 16.55 9.28
N LYS A 101 -2.15 17.32 8.41
CA LYS A 101 -1.01 18.16 8.79
C LYS A 101 -1.36 19.05 9.99
N MET A 102 -0.67 18.81 11.09
CA MET A 102 -0.88 19.59 12.30
C MET A 102 0.05 20.79 12.34
N GLY A 1 -17.10 -16.97 -19.89
CA GLY A 1 -16.27 -15.75 -19.89
C GLY A 1 -15.32 -15.70 -21.07
N ILE A 2 -14.32 -14.85 -20.98
CA ILE A 2 -13.32 -14.74 -22.04
C ILE A 2 -12.12 -15.62 -21.71
N ASP A 3 -11.68 -15.52 -20.47
CA ASP A 3 -10.59 -16.35 -19.98
C ASP A 3 -11.13 -17.40 -19.03
N PRO A 4 -10.75 -18.67 -19.22
CA PRO A 4 -11.19 -19.79 -18.39
C PRO A 4 -10.86 -19.57 -16.91
N PHE A 5 -11.89 -19.32 -16.12
CA PHE A 5 -11.74 -18.97 -14.72
C PHE A 5 -11.09 -20.10 -13.93
N THR A 6 -9.86 -19.85 -13.48
CA THR A 6 -9.13 -20.79 -12.62
C THR A 6 -8.76 -22.08 -13.37
N MET A 7 -8.91 -22.06 -14.70
CA MET A 7 -8.61 -23.24 -15.49
C MET A 7 -7.57 -22.94 -16.56
N LEU A 8 -6.32 -23.30 -16.28
CA LEU A 8 -5.20 -23.10 -17.21
C LEU A 8 -4.93 -21.61 -17.44
N SER A 9 -5.57 -20.78 -16.65
CA SER A 9 -5.41 -19.34 -16.72
C SER A 9 -5.26 -18.78 -15.33
N SER A 10 -4.02 -18.63 -14.90
CA SER A 10 -3.74 -18.18 -13.54
C SER A 10 -3.40 -16.71 -13.53
N GLY A 11 -2.92 -16.22 -14.66
CA GLY A 11 -2.52 -14.83 -14.76
C GLY A 11 -1.16 -14.70 -15.43
N ASP A 12 -1.15 -14.17 -16.63
CA ASP A 12 0.10 -13.99 -17.36
C ASP A 12 0.68 -12.61 -17.09
N LEU A 13 -0.14 -11.77 -16.48
CA LEU A 13 0.29 -10.43 -16.09
C LEU A 13 0.62 -10.41 -14.61
N THR A 14 1.90 -10.54 -14.31
CA THR A 14 2.37 -10.58 -12.93
C THR A 14 3.90 -10.53 -12.89
N SER A 15 4.44 -9.40 -12.48
CA SER A 15 5.89 -9.23 -12.38
C SER A 15 6.30 -9.07 -10.93
N ALA A 16 6.64 -10.19 -10.29
CA ALA A 16 6.96 -10.23 -8.86
C ALA A 16 5.83 -9.64 -8.04
N SER A 17 4.80 -10.45 -7.80
CA SER A 17 3.61 -9.97 -7.14
C SER A 17 3.38 -10.71 -5.83
N TRP A 18 3.03 -9.95 -4.82
CA TRP A 18 2.83 -10.46 -3.48
C TRP A 18 1.68 -9.70 -2.81
N GLU A 19 1.06 -10.34 -1.83
CA GLU A 19 -0.08 -9.73 -1.15
C GLU A 19 0.37 -8.86 0.01
N LEU A 20 0.24 -7.56 -0.16
CA LEU A 20 0.62 -6.60 0.86
C LEU A 20 -0.56 -6.28 1.74
N VAL A 21 -0.38 -6.43 3.05
CA VAL A 21 -1.41 -6.07 4.00
C VAL A 21 -1.14 -4.66 4.52
N VAL A 22 -2.09 -3.77 4.30
CA VAL A 22 -1.96 -2.40 4.72
C VAL A 22 -3.04 -2.05 5.74
N ARG A 23 -2.63 -1.50 6.86
CA ARG A 23 -3.56 -1.11 7.90
C ARG A 23 -3.99 0.34 7.70
N VAL A 24 -5.27 0.55 7.52
CA VAL A 24 -5.80 1.89 7.30
C VAL A 24 -6.10 2.58 8.61
N ASP A 25 -5.48 3.73 8.81
CA ASP A 25 -5.73 4.55 9.98
C ASP A 25 -6.73 5.64 9.64
N HIS A 26 -7.94 5.49 10.11
CA HIS A 26 -9.00 6.43 9.79
C HIS A 26 -8.85 7.67 10.66
N ALA A 27 -8.51 8.79 10.02
CA ALA A 27 -8.33 10.07 10.71
C ALA A 27 -9.62 10.47 11.41
N ASN A 28 -9.60 10.38 12.74
CA ASN A 28 -10.78 10.63 13.57
C ASN A 28 -11.86 9.57 13.27
N GLY A 29 -11.74 8.44 13.93
CA GLY A 29 -12.68 7.36 13.74
C GLY A 29 -12.21 6.08 14.39
N GLU A 30 -13.13 5.18 14.64
CA GLU A 30 -12.82 3.92 15.30
C GLU A 30 -12.65 2.79 14.28
N GLN A 31 -12.10 1.67 14.76
CA GLN A 31 -11.91 0.47 13.95
C GLN A 31 -10.94 0.70 12.79
N GLN A 32 -9.70 0.26 12.99
CA GLN A 32 -8.71 0.33 11.93
C GLN A 32 -8.96 -0.80 10.95
N THR A 33 -8.53 -0.64 9.71
CA THR A 33 -8.86 -1.60 8.67
C THR A 33 -7.61 -2.28 8.12
N GLU A 34 -7.57 -3.61 8.16
CA GLU A 34 -6.46 -4.35 7.59
C GLU A 34 -6.83 -4.84 6.19
N ILE A 35 -6.24 -4.23 5.18
CA ILE A 35 -6.55 -4.53 3.80
C ILE A 35 -5.43 -5.34 3.14
N THR A 36 -5.80 -6.41 2.45
CA THR A 36 -4.83 -7.22 1.74
C THR A 36 -4.99 -7.02 0.24
N LEU A 37 -3.99 -6.39 -0.37
CA LEU A 37 -4.02 -6.10 -1.80
C LEU A 37 -2.91 -6.85 -2.51
N ARG A 38 -3.16 -7.28 -3.73
CA ARG A 38 -2.16 -7.98 -4.52
C ARG A 38 -1.38 -6.97 -5.35
N VAL A 39 -0.13 -6.78 -4.98
CA VAL A 39 0.69 -5.75 -5.57
C VAL A 39 1.96 -6.36 -6.15
N SER A 40 2.64 -5.60 -6.98
CA SER A 40 3.92 -6.02 -7.54
C SER A 40 5.02 -5.06 -7.11
N GLY A 41 6.26 -5.47 -7.27
CA GLY A 41 7.38 -4.65 -6.84
C GLY A 41 7.52 -3.38 -7.66
N ASP A 42 7.03 -3.43 -8.90
CA ASP A 42 7.13 -2.29 -9.81
C ASP A 42 5.97 -1.31 -9.60
N LEU A 43 5.08 -1.65 -8.70
CA LEU A 43 3.99 -0.76 -8.33
C LEU A 43 4.53 0.34 -7.42
N HIS A 44 4.27 1.59 -7.78
CA HIS A 44 4.77 2.71 -6.98
C HIS A 44 3.80 3.02 -5.84
N ILE A 45 4.33 3.63 -4.78
CA ILE A 45 3.59 3.90 -3.55
C ILE A 45 2.25 4.61 -3.81
N GLY A 46 2.26 5.59 -4.71
CA GLY A 46 1.05 6.34 -5.02
C GLY A 46 -0.10 5.45 -5.46
N GLY A 47 0.22 4.40 -6.22
CA GLY A 47 -0.80 3.51 -6.73
C GLY A 47 -1.40 2.67 -5.62
N VAL A 48 -0.56 2.29 -4.66
CA VAL A 48 -1.01 1.50 -3.52
C VAL A 48 -2.01 2.30 -2.68
N MET A 49 -1.65 3.54 -2.39
CA MET A 49 -2.49 4.41 -1.57
C MET A 49 -3.86 4.61 -2.21
N LEU A 50 -3.87 4.71 -3.54
CA LEU A 50 -5.11 4.86 -4.28
C LEU A 50 -5.98 3.62 -4.12
N LYS A 51 -5.36 2.44 -4.26
CA LYS A 51 -6.07 1.18 -4.14
C LYS A 51 -6.64 0.99 -2.74
N LEU A 52 -5.95 1.52 -1.73
CA LEU A 52 -6.45 1.48 -0.36
C LEU A 52 -7.80 2.19 -0.28
N VAL A 53 -7.90 3.34 -0.91
CA VAL A 53 -9.14 4.11 -0.92
C VAL A 53 -10.22 3.38 -1.73
N GLU A 54 -9.82 2.86 -2.89
CA GLU A 54 -10.75 2.15 -3.77
C GLU A 54 -11.33 0.91 -3.09
N GLN A 55 -10.49 0.26 -2.27
CA GLN A 55 -10.88 -0.96 -1.56
C GLN A 55 -12.04 -0.69 -0.62
N MET A 56 -11.96 0.39 0.13
CA MET A 56 -12.97 0.72 1.13
C MET A 56 -14.13 1.48 0.51
N ASN A 57 -13.80 2.50 -0.28
CA ASN A 57 -14.80 3.33 -0.96
C ASN A 57 -15.76 3.95 0.05
N ILE A 58 -15.21 4.41 1.17
CA ILE A 58 -15.99 5.02 2.23
C ILE A 58 -16.15 6.52 1.97
N ALA A 59 -17.32 7.06 2.29
CA ALA A 59 -17.58 8.47 2.06
C ALA A 59 -17.00 9.33 3.18
N GLN A 60 -15.69 9.45 3.19
CA GLN A 60 -14.99 10.28 4.15
C GLN A 60 -13.81 10.96 3.46
N ASP A 61 -13.53 12.19 3.85
CA ASP A 61 -12.49 12.97 3.20
C ASP A 61 -11.11 12.62 3.73
N TRP A 62 -10.24 12.19 2.83
CA TRP A 62 -8.86 11.91 3.16
C TRP A 62 -8.02 13.16 2.89
N SER A 63 -8.40 13.87 1.82
CA SER A 63 -7.70 15.05 1.35
C SER A 63 -6.27 14.72 0.93
N ASP A 64 -5.39 14.62 1.91
CA ASP A 64 -3.99 14.31 1.65
C ASP A 64 -3.69 12.91 2.13
N TYR A 65 -4.06 11.93 1.34
CA TYR A 65 -3.85 10.54 1.70
C TYR A 65 -2.40 10.16 1.47
N ALA A 66 -1.80 9.51 2.46
CA ALA A 66 -0.39 9.14 2.39
C ALA A 66 -0.15 7.81 3.07
N LEU A 67 0.94 7.16 2.69
CA LEU A 67 1.27 5.87 3.24
C LEU A 67 2.26 6.04 4.40
N TRP A 68 2.05 5.28 5.46
CA TRP A 68 2.85 5.40 6.68
C TRP A 68 3.52 4.07 7.00
N TRP A 69 4.83 4.07 7.03
CA TRP A 69 5.57 2.87 7.39
C TRP A 69 5.65 2.77 8.91
N GLU A 70 4.95 1.80 9.49
CA GLU A 70 4.87 1.67 10.94
C GLU A 70 6.22 1.32 11.55
N GLN A 71 6.93 0.41 10.91
CA GLN A 71 8.23 -0.05 11.41
C GLN A 71 9.25 1.08 11.42
N LYS A 72 9.06 2.06 10.54
CA LYS A 72 10.00 3.16 10.39
C LYS A 72 9.44 4.45 10.99
N ARG A 73 8.16 4.42 11.34
CA ARG A 73 7.38 5.62 11.68
C ARG A 73 7.77 6.79 10.77
N CYS A 74 7.32 6.69 9.53
CA CYS A 74 7.74 7.61 8.48
C CYS A 74 6.63 7.76 7.44
N TRP A 75 6.56 8.94 6.82
CA TRP A 75 5.56 9.20 5.80
C TRP A 75 6.15 8.93 4.43
N LEU A 76 5.49 8.09 3.65
CA LEU A 76 5.93 7.81 2.30
C LEU A 76 5.55 8.96 1.39
N LEU A 77 6.54 9.78 1.06
CA LEU A 77 6.34 10.87 0.14
C LEU A 77 6.96 10.52 -1.20
N LYS A 78 7.70 9.41 -1.19
CA LYS A 78 8.27 8.83 -2.39
C LYS A 78 7.19 8.06 -3.14
N THR A 79 6.07 8.73 -3.39
CA THR A 79 4.91 8.10 -4.00
C THR A 79 5.20 7.67 -5.43
N HIS A 80 6.20 8.29 -6.04
CA HIS A 80 6.59 7.95 -7.41
C HIS A 80 7.58 6.80 -7.42
N TRP A 81 8.07 6.45 -6.24
CA TRP A 81 8.99 5.32 -6.09
C TRP A 81 8.19 4.05 -5.90
N THR A 82 8.75 2.94 -6.36
CA THR A 82 8.06 1.67 -6.31
C THR A 82 8.28 0.98 -4.97
N LEU A 83 7.48 -0.04 -4.71
CA LEU A 83 7.60 -0.82 -3.48
C LEU A 83 8.99 -1.42 -3.34
N ASP A 84 9.50 -1.96 -4.44
CA ASP A 84 10.82 -2.58 -4.44
C ASP A 84 11.92 -1.54 -4.31
N LYS A 85 11.69 -0.36 -4.89
CA LYS A 85 12.67 0.72 -4.84
C LYS A 85 12.74 1.30 -3.43
N CYS A 86 11.61 1.30 -2.72
CA CYS A 86 11.58 1.74 -1.34
C CYS A 86 12.14 0.67 -0.42
N GLY A 87 11.82 -0.58 -0.73
CA GLY A 87 12.32 -1.70 0.05
C GLY A 87 11.30 -2.27 1.01
N VAL A 88 10.04 -1.92 0.79
CA VAL A 88 8.95 -2.42 1.63
C VAL A 88 8.28 -3.62 0.98
N GLN A 89 8.15 -4.70 1.73
CA GLN A 89 7.52 -5.91 1.24
C GLN A 89 6.33 -6.29 2.12
N ALA A 90 5.79 -7.49 1.92
CA ALA A 90 4.55 -7.90 2.56
C ALA A 90 4.73 -8.16 4.06
N ASP A 91 5.97 -8.34 4.48
CA ASP A 91 6.25 -8.63 5.90
C ASP A 91 6.38 -7.34 6.68
N ALA A 92 6.40 -6.22 5.98
CA ALA A 92 6.50 -4.92 6.62
C ALA A 92 5.14 -4.43 7.10
N ASN A 93 5.06 -4.10 8.39
CA ASN A 93 3.84 -3.54 8.95
C ASN A 93 3.63 -2.14 8.39
N LEU A 94 2.63 -2.01 7.54
CA LEU A 94 2.40 -0.78 6.80
C LEU A 94 1.05 -0.19 7.14
N LEU A 95 1.03 1.13 7.33
CA LEU A 95 -0.18 1.84 7.68
C LEU A 95 -0.55 2.83 6.58
N PHE A 96 -1.82 3.12 6.45
CA PHE A 96 -2.28 4.14 5.51
C PHE A 96 -3.11 5.18 6.24
N THR A 97 -2.58 6.39 6.34
CA THR A 97 -3.23 7.43 7.09
C THR A 97 -3.08 8.79 6.39
N PRO A 98 -4.15 9.60 6.39
CA PRO A 98 -4.12 10.93 5.79
C PRO A 98 -3.13 11.85 6.51
N GLN A 99 -2.22 12.44 5.75
CA GLN A 99 -1.23 13.36 6.32
C GLN A 99 -1.85 14.73 6.53
N HIS A 100 -3.10 14.88 6.13
CA HIS A 100 -3.83 16.12 6.31
C HIS A 100 -4.39 16.20 7.73
N LYS A 101 -3.53 15.99 8.70
CA LYS A 101 -3.88 16.14 10.09
C LYS A 101 -3.43 17.52 10.57
N MET A 102 -3.42 18.45 9.62
CA MET A 102 -2.94 19.79 9.85
C MET A 102 -3.72 20.77 8.97
N GLY A 1 -20.60 -21.32 -16.80
CA GLY A 1 -19.31 -21.21 -16.09
C GLY A 1 -19.48 -21.30 -14.59
N ILE A 2 -18.41 -21.62 -13.88
CA ILE A 2 -18.45 -21.71 -12.44
C ILE A 2 -18.01 -20.38 -11.84
N ASP A 3 -16.95 -19.81 -12.41
CA ASP A 3 -16.45 -18.52 -11.99
C ASP A 3 -16.94 -17.44 -12.95
N PRO A 4 -17.81 -16.54 -12.49
CA PRO A 4 -18.32 -15.44 -13.31
C PRO A 4 -17.19 -14.56 -13.83
N PHE A 5 -16.33 -14.14 -12.92
CA PHE A 5 -15.17 -13.33 -13.28
C PHE A 5 -14.23 -13.21 -12.09
N THR A 6 -12.99 -13.63 -12.27
CA THR A 6 -11.98 -13.49 -11.24
C THR A 6 -11.51 -12.04 -11.19
N MET A 7 -11.97 -11.31 -10.19
CA MET A 7 -11.66 -9.88 -10.09
C MET A 7 -10.45 -9.63 -9.20
N LEU A 8 -9.40 -9.13 -9.82
CA LEU A 8 -8.19 -8.74 -9.09
C LEU A 8 -7.68 -7.42 -9.65
N SER A 9 -7.85 -7.25 -10.97
CA SER A 9 -7.50 -6.03 -11.67
C SER A 9 -6.00 -5.82 -11.72
N SER A 10 -5.25 -6.91 -11.59
CA SER A 10 -3.82 -6.87 -11.70
C SER A 10 -3.31 -8.21 -12.23
N GLY A 11 -3.54 -8.44 -13.51
CA GLY A 11 -3.09 -9.66 -14.14
C GLY A 11 -2.08 -9.39 -15.25
N ASP A 12 -1.70 -8.13 -15.38
CA ASP A 12 -0.75 -7.73 -16.40
C ASP A 12 0.66 -7.72 -15.85
N LEU A 13 0.81 -7.12 -14.68
CA LEU A 13 2.11 -7.07 -14.02
C LEU A 13 2.10 -7.98 -12.80
N THR A 14 2.34 -9.26 -13.04
CA THR A 14 2.38 -10.24 -11.97
C THR A 14 3.83 -10.55 -11.60
N SER A 15 4.75 -10.02 -12.40
CA SER A 15 6.17 -10.17 -12.16
C SER A 15 6.55 -9.59 -10.80
N ALA A 16 6.95 -10.47 -9.88
CA ALA A 16 7.29 -10.09 -8.51
C ALA A 16 6.10 -9.43 -7.83
N SER A 17 5.05 -10.22 -7.64
CA SER A 17 3.83 -9.73 -7.02
C SER A 17 3.55 -10.49 -5.74
N TRP A 18 3.24 -9.74 -4.69
CA TRP A 18 2.98 -10.31 -3.38
C TRP A 18 1.79 -9.63 -2.74
N GLU A 19 1.14 -10.31 -1.81
CA GLU A 19 -0.03 -9.77 -1.14
C GLU A 19 0.37 -8.91 0.05
N LEU A 20 0.13 -7.62 -0.07
CA LEU A 20 0.49 -6.66 0.96
C LEU A 20 -0.73 -6.26 1.76
N VAL A 21 -0.62 -6.33 3.08
CA VAL A 21 -1.69 -5.90 3.95
C VAL A 21 -1.40 -4.51 4.52
N VAL A 22 -2.29 -3.57 4.23
CA VAL A 22 -2.14 -2.21 4.70
C VAL A 22 -3.23 -1.90 5.72
N ARG A 23 -2.83 -1.48 6.90
CA ARG A 23 -3.76 -1.13 7.94
C ARG A 23 -4.15 0.34 7.83
N VAL A 24 -5.39 0.59 7.46
CA VAL A 24 -5.86 1.95 7.28
C VAL A 24 -6.33 2.55 8.60
N ASP A 25 -5.75 3.68 8.95
CA ASP A 25 -6.11 4.39 10.16
C ASP A 25 -7.11 5.49 9.83
N HIS A 26 -8.37 5.22 10.11
CA HIS A 26 -9.43 6.15 9.79
C HIS A 26 -9.49 7.24 10.85
N ALA A 27 -8.90 8.38 10.55
CA ALA A 27 -8.83 9.50 11.48
C ALA A 27 -10.21 9.92 11.95
N ASN A 28 -11.17 9.90 11.04
CA ASN A 28 -12.52 10.33 11.35
C ASN A 28 -13.41 9.14 11.67
N GLY A 29 -12.90 7.94 11.38
CA GLY A 29 -13.63 6.73 11.69
C GLY A 29 -13.15 6.10 12.98
N GLU A 30 -13.35 4.80 13.11
CA GLU A 30 -12.90 4.10 14.30
C GLU A 30 -12.26 2.76 13.93
N GLN A 31 -12.95 2.00 13.12
CA GLN A 31 -12.51 0.67 12.74
C GLN A 31 -11.29 0.73 11.82
N GLN A 32 -10.18 0.21 12.32
CA GLN A 32 -8.96 0.12 11.55
C GLN A 32 -9.08 -1.00 10.53
N THR A 33 -9.16 -0.63 9.26
CA THR A 33 -9.36 -1.60 8.19
C THR A 33 -8.01 -2.11 7.68
N GLU A 34 -7.80 -3.41 7.77
CA GLU A 34 -6.59 -4.00 7.22
C GLU A 34 -6.89 -4.61 5.85
N ILE A 35 -6.43 -3.94 4.81
CA ILE A 35 -6.71 -4.35 3.45
C ILE A 35 -5.55 -5.13 2.86
N THR A 36 -5.85 -6.28 2.29
CA THR A 36 -4.84 -7.10 1.65
C THR A 36 -4.94 -6.95 0.13
N LEU A 37 -3.95 -6.30 -0.44
CA LEU A 37 -3.91 -6.06 -1.86
C LEU A 37 -2.76 -6.83 -2.49
N ARG A 38 -3.00 -7.42 -3.65
CA ARG A 38 -1.94 -8.14 -4.32
C ARG A 38 -1.24 -7.20 -5.28
N VAL A 39 -0.01 -6.84 -4.93
CA VAL A 39 0.71 -5.79 -5.62
C VAL A 39 2.05 -6.30 -6.12
N SER A 40 2.64 -5.57 -7.04
CA SER A 40 3.96 -5.90 -7.56
C SER A 40 5.01 -4.97 -6.96
N GLY A 41 6.25 -5.43 -6.93
CA GLY A 41 7.33 -4.63 -6.38
C GLY A 41 7.58 -3.37 -7.20
N ASP A 42 7.27 -3.44 -8.48
CA ASP A 42 7.50 -2.32 -9.39
C ASP A 42 6.29 -1.37 -9.41
N LEU A 43 5.35 -1.58 -8.50
CA LEU A 43 4.21 -0.68 -8.36
C LEU A 43 4.61 0.52 -7.52
N HIS A 44 4.30 1.71 -8.02
CA HIS A 44 4.64 2.95 -7.31
C HIS A 44 3.68 3.17 -6.13
N ILE A 45 4.21 3.77 -5.07
CA ILE A 45 3.47 3.98 -3.82
C ILE A 45 2.13 4.69 -4.06
N GLY A 46 2.13 5.64 -4.99
CA GLY A 46 0.92 6.39 -5.30
C GLY A 46 -0.21 5.51 -5.79
N GLY A 47 0.15 4.37 -6.40
CA GLY A 47 -0.86 3.46 -6.89
C GLY A 47 -1.48 2.67 -5.77
N VAL A 48 -0.67 2.31 -4.79
CA VAL A 48 -1.14 1.58 -3.62
C VAL A 48 -2.11 2.44 -2.83
N MET A 49 -1.75 3.72 -2.66
CA MET A 49 -2.60 4.69 -1.96
C MET A 49 -4.01 4.70 -2.56
N LEU A 50 -4.08 4.64 -3.87
CA LEU A 50 -5.35 4.65 -4.58
C LEU A 50 -6.12 3.35 -4.33
N LYS A 51 -5.41 2.23 -4.36
CA LYS A 51 -6.05 0.92 -4.24
C LYS A 51 -6.70 0.73 -2.88
N LEU A 52 -6.12 1.32 -1.83
CA LEU A 52 -6.74 1.28 -0.51
C LEU A 52 -8.12 1.92 -0.55
N VAL A 53 -8.20 3.07 -1.22
CA VAL A 53 -9.44 3.81 -1.36
C VAL A 53 -10.44 3.03 -2.22
N GLU A 54 -9.93 2.35 -3.25
CA GLU A 54 -10.78 1.58 -4.15
C GLU A 54 -11.33 0.34 -3.46
N GLN A 55 -10.47 -0.39 -2.76
CA GLN A 55 -10.86 -1.64 -2.11
C GLN A 55 -11.91 -1.39 -1.02
N MET A 56 -11.67 -0.38 -0.18
CA MET A 56 -12.64 -0.03 0.86
C MET A 56 -13.86 0.65 0.24
N ASN A 57 -13.62 1.31 -0.90
CA ASN A 57 -14.65 2.00 -1.66
C ASN A 57 -15.37 3.02 -0.77
N ILE A 58 -14.66 4.08 -0.44
CA ILE A 58 -15.20 5.13 0.41
C ILE A 58 -14.94 6.50 -0.22
N ALA A 59 -15.98 7.05 -0.83
CA ALA A 59 -15.87 8.36 -1.45
C ALA A 59 -15.83 9.45 -0.40
N GLN A 60 -14.63 9.95 -0.14
CA GLN A 60 -14.40 10.96 0.88
C GLN A 60 -13.36 11.95 0.43
N ASP A 61 -13.15 12.98 1.23
CA ASP A 61 -12.05 13.89 1.02
C ASP A 61 -10.79 13.33 1.68
N TRP A 62 -9.96 12.69 0.88
CA TRP A 62 -8.76 12.03 1.38
C TRP A 62 -7.59 12.99 1.39
N SER A 63 -7.74 14.10 0.68
CA SER A 63 -6.70 15.12 0.59
C SER A 63 -5.44 14.50 -0.04
N ASP A 64 -4.28 14.82 0.51
CA ASP A 64 -3.04 14.22 0.01
C ASP A 64 -2.95 12.78 0.48
N TYR A 65 -2.94 12.58 1.80
CA TYR A 65 -2.86 11.26 2.41
C TYR A 65 -1.50 10.61 2.10
N ALA A 66 -1.17 9.52 2.81
CA ALA A 66 0.11 8.83 2.58
C ALA A 66 0.20 7.55 3.38
N LEU A 67 1.27 6.81 3.15
CA LEU A 67 1.57 5.60 3.90
C LEU A 67 2.52 5.91 5.04
N TRP A 68 2.24 5.33 6.20
CA TRP A 68 3.11 5.45 7.35
C TRP A 68 3.78 4.11 7.60
N TRP A 69 5.09 4.08 7.45
CA TRP A 69 5.85 2.88 7.70
C TRP A 69 6.19 2.83 9.19
N GLU A 70 5.58 1.89 9.88
CA GLU A 70 5.68 1.83 11.34
C GLU A 70 7.10 1.48 11.80
N GLN A 71 7.63 0.36 11.30
CA GLN A 71 8.93 -0.11 11.74
C GLN A 71 10.06 0.87 11.41
N LYS A 72 9.98 1.51 10.25
CA LYS A 72 11.04 2.42 9.82
C LYS A 72 10.78 3.84 10.32
N ARG A 73 9.57 4.09 10.82
CA ARG A 73 9.15 5.43 11.22
C ARG A 73 9.36 6.42 10.08
N CYS A 74 8.61 6.20 9.01
CA CYS A 74 8.77 7.01 7.80
C CYS A 74 7.44 7.24 7.11
N TRP A 75 7.30 8.41 6.50
CA TRP A 75 6.13 8.74 5.72
C TRP A 75 6.45 8.52 4.25
N LEU A 76 5.67 7.67 3.59
CA LEU A 76 5.88 7.45 2.18
C LEU A 76 5.29 8.61 1.39
N LEU A 77 6.17 9.49 0.96
CA LEU A 77 5.80 10.62 0.14
C LEU A 77 6.48 10.51 -1.21
N LYS A 78 7.33 9.50 -1.31
CA LYS A 78 7.98 9.16 -2.56
C LYS A 78 7.04 8.28 -3.37
N THR A 79 5.93 8.87 -3.78
CA THR A 79 4.85 8.14 -4.42
C THR A 79 5.19 7.74 -5.84
N HIS A 80 6.24 8.36 -6.39
CA HIS A 80 6.74 7.98 -7.70
C HIS A 80 7.65 6.77 -7.60
N TRP A 81 8.17 6.56 -6.40
CA TRP A 81 9.01 5.40 -6.13
C TRP A 81 8.14 4.15 -6.00
N THR A 82 8.73 3.01 -6.27
CA THR A 82 7.98 1.76 -6.21
C THR A 82 8.15 1.10 -4.85
N LEU A 83 7.33 0.08 -4.61
CA LEU A 83 7.40 -0.68 -3.36
C LEU A 83 8.80 -1.24 -3.12
N ASP A 84 9.33 -1.89 -4.16
CA ASP A 84 10.65 -2.50 -4.06
C ASP A 84 11.74 -1.44 -3.94
N LYS A 85 11.52 -0.30 -4.59
CA LYS A 85 12.46 0.81 -4.54
C LYS A 85 12.53 1.40 -3.13
N CYS A 86 11.37 1.50 -2.48
CA CYS A 86 11.30 2.02 -1.12
C CYS A 86 11.83 0.99 -0.12
N GLY A 87 11.58 -0.28 -0.41
CA GLY A 87 12.08 -1.34 0.44
C GLY A 87 11.00 -2.00 1.26
N VAL A 88 9.77 -1.57 1.07
CA VAL A 88 8.65 -2.10 1.83
C VAL A 88 8.06 -3.33 1.13
N GLN A 89 7.92 -4.41 1.89
CA GLN A 89 7.40 -5.65 1.35
C GLN A 89 6.18 -6.12 2.14
N ALA A 90 5.69 -7.32 1.83
CA ALA A 90 4.43 -7.81 2.37
C ALA A 90 4.51 -8.11 3.86
N ASP A 91 5.71 -8.24 4.38
CA ASP A 91 5.90 -8.57 5.79
C ASP A 91 6.16 -7.31 6.62
N ALA A 92 6.05 -6.16 5.99
CA ALA A 92 6.27 -4.90 6.67
C ALA A 92 4.95 -4.32 7.17
N ASN A 93 4.90 -3.94 8.45
CA ASN A 93 3.71 -3.33 9.02
C ASN A 93 3.52 -1.94 8.46
N LEU A 94 2.61 -1.82 7.50
CA LEU A 94 2.38 -0.56 6.81
C LEU A 94 1.02 0.02 7.22
N LEU A 95 1.05 1.24 7.70
CA LEU A 95 -0.16 1.93 8.15
C LEU A 95 -0.57 2.96 7.11
N PHE A 96 -1.85 3.03 6.80
CA PHE A 96 -2.34 4.05 5.89
C PHE A 96 -3.11 5.10 6.69
N THR A 97 -2.53 6.26 6.83
CA THR A 97 -3.11 7.30 7.66
C THR A 97 -2.89 8.67 7.02
N PRO A 98 -3.82 9.63 7.24
CA PRO A 98 -3.68 10.98 6.70
C PRO A 98 -2.50 11.72 7.32
N GLN A 99 -1.70 12.36 6.47
CA GLN A 99 -0.57 13.14 6.95
C GLN A 99 -1.06 14.43 7.59
N HIS A 100 -1.55 14.29 8.81
CA HIS A 100 -2.04 15.40 9.60
C HIS A 100 -0.88 16.15 10.24
N LYS A 101 0.15 15.41 10.59
CA LYS A 101 1.37 16.01 11.13
C LYS A 101 2.57 15.61 10.27
N MET A 102 2.71 16.29 9.14
CA MET A 102 3.84 16.05 8.25
C MET A 102 5.04 16.87 8.71
N GLY A 1 -1.80 19.68 -21.22
CA GLY A 1 -0.56 18.95 -21.61
C GLY A 1 -0.71 17.46 -21.42
N ILE A 2 -0.38 16.98 -20.22
CA ILE A 2 -0.55 15.58 -19.89
C ILE A 2 -2.00 15.31 -19.54
N ASP A 3 -2.82 15.17 -20.56
CA ASP A 3 -4.25 15.00 -20.38
C ASP A 3 -4.68 13.56 -20.70
N PRO A 4 -4.40 13.06 -21.93
CA PRO A 4 -4.77 11.69 -22.30
C PRO A 4 -3.84 10.65 -21.67
N PHE A 5 -4.30 10.03 -20.61
CA PHE A 5 -3.52 9.00 -19.94
C PHE A 5 -4.02 7.63 -20.36
N THR A 6 -3.25 6.97 -21.19
CA THR A 6 -3.61 5.66 -21.71
C THR A 6 -3.87 4.67 -20.58
N MET A 7 -5.10 4.18 -20.50
CA MET A 7 -5.48 3.23 -19.46
C MET A 7 -4.73 1.91 -19.66
N LEU A 8 -4.20 1.37 -18.58
CA LEU A 8 -3.46 0.12 -18.64
C LEU A 8 -4.41 -1.05 -18.78
N SER A 9 -4.24 -1.81 -19.85
CA SER A 9 -5.07 -2.97 -20.10
C SER A 9 -4.53 -4.17 -19.33
N SER A 10 -5.26 -4.56 -18.27
CA SER A 10 -4.83 -5.61 -17.36
C SER A 10 -3.67 -5.12 -16.51
N GLY A 11 -2.52 -4.87 -17.14
CA GLY A 11 -1.38 -4.32 -16.45
C GLY A 11 -0.92 -5.18 -15.29
N ASP A 12 -0.59 -6.43 -15.58
CA ASP A 12 -0.16 -7.35 -14.53
C ASP A 12 1.31 -7.67 -14.66
N LEU A 13 2.07 -6.76 -15.25
CA LEU A 13 3.53 -6.89 -15.29
C LEU A 13 4.06 -6.83 -13.87
N THR A 14 4.92 -7.77 -13.51
CA THR A 14 5.37 -7.88 -12.14
C THR A 14 6.66 -8.68 -12.02
N SER A 15 7.57 -8.20 -11.18
CA SER A 15 8.74 -8.96 -10.80
C SER A 15 8.34 -10.07 -9.83
N ALA A 16 7.36 -9.76 -9.00
CA ALA A 16 6.84 -10.68 -7.99
C ALA A 16 5.63 -10.07 -7.31
N SER A 17 4.48 -10.73 -7.43
CA SER A 17 3.26 -10.28 -6.78
C SER A 17 3.09 -10.98 -5.45
N TRP A 18 2.76 -10.21 -4.43
CA TRP A 18 2.61 -10.73 -3.08
C TRP A 18 1.51 -9.98 -2.35
N GLU A 19 0.85 -10.68 -1.43
CA GLU A 19 -0.22 -10.10 -0.64
C GLU A 19 0.33 -9.19 0.43
N LEU A 20 -0.12 -7.94 0.44
CA LEU A 20 0.31 -6.98 1.43
C LEU A 20 -0.90 -6.48 2.22
N VAL A 21 -0.85 -6.66 3.53
CA VAL A 21 -1.90 -6.15 4.39
C VAL A 21 -1.57 -4.75 4.86
N VAL A 22 -2.42 -3.81 4.51
CA VAL A 22 -2.24 -2.42 4.92
C VAL A 22 -3.37 -2.02 5.84
N ARG A 23 -3.02 -1.48 7.00
CA ARG A 23 -4.02 -1.05 7.95
C ARG A 23 -4.33 0.42 7.76
N VAL A 24 -5.53 0.70 7.31
CA VAL A 24 -5.97 2.07 7.13
C VAL A 24 -6.56 2.59 8.44
N ASP A 25 -5.91 3.58 9.02
CA ASP A 25 -6.32 4.12 10.30
C ASP A 25 -7.20 5.33 10.08
N HIS A 26 -8.50 5.13 10.19
CA HIS A 26 -9.46 6.20 9.96
C HIS A 26 -9.57 7.05 11.23
N ALA A 27 -8.87 8.16 11.24
CA ALA A 27 -8.89 9.07 12.39
C ALA A 27 -10.16 9.90 12.41
N ASN A 28 -11.29 9.21 12.52
CA ASN A 28 -12.60 9.86 12.51
C ASN A 28 -13.43 9.31 13.66
N GLY A 29 -14.14 8.22 13.38
CA GLY A 29 -14.84 7.48 14.39
C GLY A 29 -14.84 6.01 14.04
N GLU A 30 -13.82 5.63 13.28
CA GLU A 30 -13.72 4.30 12.73
C GLU A 30 -12.54 3.57 13.35
N GLN A 31 -12.22 2.39 12.80
CA GLN A 31 -11.11 1.61 13.31
C GLN A 31 -10.06 1.41 12.22
N GLN A 32 -9.04 0.63 12.52
CA GLN A 32 -8.01 0.32 11.54
C GLN A 32 -8.52 -0.74 10.56
N THR A 33 -8.80 -0.31 9.34
CA THR A 33 -9.26 -1.21 8.31
C THR A 33 -8.08 -1.99 7.72
N GLU A 34 -8.11 -3.30 7.82
CA GLU A 34 -7.02 -4.12 7.31
C GLU A 34 -7.37 -4.61 5.92
N ILE A 35 -6.72 -4.03 4.92
CA ILE A 35 -6.98 -4.38 3.54
C ILE A 35 -5.82 -5.18 2.96
N THR A 36 -6.13 -6.33 2.40
CA THR A 36 -5.12 -7.14 1.73
C THR A 36 -5.07 -6.76 0.25
N LEU A 37 -3.94 -6.20 -0.15
CA LEU A 37 -3.77 -5.76 -1.53
C LEU A 37 -2.80 -6.67 -2.25
N ARG A 38 -3.05 -6.88 -3.53
CA ARG A 38 -2.12 -7.61 -4.37
C ARG A 38 -1.18 -6.61 -5.01
N VAL A 39 0.05 -6.61 -4.56
CA VAL A 39 1.01 -5.60 -4.98
C VAL A 39 2.32 -6.25 -5.41
N SER A 40 3.15 -5.46 -6.08
CA SER A 40 4.44 -5.93 -6.54
C SER A 40 5.47 -4.83 -6.36
N GLY A 41 6.75 -5.20 -6.40
CA GLY A 41 7.81 -4.22 -6.28
C GLY A 41 7.76 -3.17 -7.38
N ASP A 42 7.17 -3.53 -8.51
CA ASP A 42 7.07 -2.63 -9.66
C ASP A 42 5.97 -1.59 -9.44
N LEU A 43 5.16 -1.79 -8.42
CA LEU A 43 4.08 -0.86 -8.13
C LEU A 43 4.62 0.33 -7.37
N HIS A 44 4.20 1.53 -7.76
CA HIS A 44 4.62 2.75 -7.11
C HIS A 44 3.71 3.06 -5.92
N ILE A 45 4.26 3.72 -4.91
CA ILE A 45 3.55 4.03 -3.67
C ILE A 45 2.22 4.73 -3.93
N GLY A 46 2.21 5.64 -4.91
CA GLY A 46 0.99 6.35 -5.26
C GLY A 46 -0.13 5.41 -5.69
N GLY A 47 0.25 4.29 -6.28
CA GLY A 47 -0.72 3.31 -6.72
C GLY A 47 -1.24 2.48 -5.57
N VAL A 48 -0.40 2.29 -4.57
CA VAL A 48 -0.78 1.52 -3.38
C VAL A 48 -1.87 2.26 -2.62
N MET A 49 -1.65 3.55 -2.37
CA MET A 49 -2.61 4.37 -1.66
C MET A 49 -3.87 4.56 -2.48
N LEU A 50 -3.71 4.63 -3.79
CA LEU A 50 -4.84 4.71 -4.71
C LEU A 50 -5.69 3.44 -4.59
N LYS A 51 -5.04 2.30 -4.63
CA LYS A 51 -5.71 1.01 -4.50
C LYS A 51 -6.39 0.88 -3.15
N LEU A 52 -5.79 1.46 -2.12
CA LEU A 52 -6.39 1.49 -0.79
C LEU A 52 -7.73 2.21 -0.81
N VAL A 53 -7.74 3.39 -1.42
CA VAL A 53 -8.96 4.20 -1.50
C VAL A 53 -10.00 3.53 -2.39
N GLU A 54 -9.59 3.00 -3.53
CA GLU A 54 -10.53 2.40 -4.47
C GLU A 54 -11.05 1.05 -3.94
N GLN A 55 -10.23 0.34 -3.16
CA GLN A 55 -10.64 -0.94 -2.60
C GLN A 55 -11.74 -0.75 -1.56
N MET A 56 -11.48 0.12 -0.59
CA MET A 56 -12.46 0.41 0.45
C MET A 56 -13.68 1.10 -0.15
N ASN A 57 -13.41 2.11 -0.97
CA ASN A 57 -14.47 2.86 -1.65
C ASN A 57 -15.50 3.37 -0.64
N ILE A 58 -15.02 4.15 0.31
CA ILE A 58 -15.86 4.63 1.40
C ILE A 58 -16.31 6.06 1.14
N ALA A 59 -17.56 6.34 1.46
CA ALA A 59 -18.12 7.67 1.27
C ALA A 59 -17.67 8.61 2.38
N GLN A 60 -16.40 8.98 2.34
CA GLN A 60 -15.86 9.96 3.27
C GLN A 60 -14.83 10.82 2.55
N ASP A 61 -14.62 12.03 3.03
CA ASP A 61 -13.72 12.96 2.39
C ASP A 61 -12.28 12.73 2.83
N TRP A 62 -11.47 12.28 1.88
CA TRP A 62 -10.06 12.05 2.12
C TRP A 62 -9.29 13.36 2.00
N SER A 63 -9.47 14.21 3.00
CA SER A 63 -8.83 15.52 3.03
C SER A 63 -7.31 15.40 2.91
N ASP A 64 -6.67 14.76 3.89
CA ASP A 64 -5.24 14.52 3.83
C ASP A 64 -4.96 13.11 4.33
N TYR A 65 -4.09 12.43 3.62
CA TYR A 65 -3.74 11.05 3.93
C TYR A 65 -2.37 10.71 3.38
N ALA A 66 -1.66 9.84 4.07
CA ALA A 66 -0.35 9.40 3.62
C ALA A 66 -0.05 8.00 4.11
N LEU A 67 0.93 7.37 3.50
CA LEU A 67 1.31 6.02 3.87
C LEU A 67 2.38 6.07 4.95
N TRP A 68 2.17 5.26 5.98
CA TRP A 68 3.07 5.23 7.11
C TRP A 68 3.72 3.85 7.24
N TRP A 69 5.01 3.80 7.03
CA TRP A 69 5.76 2.57 7.22
C TRP A 69 6.09 2.46 8.69
N GLU A 70 5.45 1.52 9.38
CA GLU A 70 5.57 1.43 10.83
C GLU A 70 6.91 0.83 11.22
N GLN A 71 7.37 -0.14 10.44
CA GLN A 71 8.65 -0.81 10.70
C GLN A 71 9.80 0.20 10.78
N LYS A 72 9.75 1.20 9.91
CA LYS A 72 10.83 2.18 9.84
C LYS A 72 10.46 3.49 10.53
N ARG A 73 9.16 3.65 10.79
CA ARG A 73 8.61 4.92 11.28
C ARG A 73 8.94 6.06 10.31
N CYS A 74 8.19 6.09 9.22
CA CYS A 74 8.44 7.07 8.16
C CYS A 74 7.22 7.18 7.24
N TRP A 75 7.01 8.36 6.69
CA TRP A 75 5.89 8.59 5.79
C TRP A 75 6.37 8.45 4.35
N LEU A 76 5.56 7.82 3.52
CA LEU A 76 5.90 7.67 2.12
C LEU A 76 5.23 8.78 1.31
N LEU A 77 6.01 9.77 0.92
CA LEU A 77 5.50 10.85 0.08
C LEU A 77 6.09 10.74 -1.32
N LYS A 78 7.04 9.82 -1.47
CA LYS A 78 7.59 9.51 -2.76
C LYS A 78 6.64 8.57 -3.51
N THR A 79 5.53 9.12 -3.94
CA THR A 79 4.47 8.34 -4.57
C THR A 79 4.90 7.76 -5.91
N HIS A 80 5.93 8.36 -6.52
CA HIS A 80 6.44 7.91 -7.80
C HIS A 80 7.50 6.82 -7.61
N TRP A 81 7.86 6.56 -6.36
CA TRP A 81 8.81 5.50 -6.05
C TRP A 81 8.08 4.17 -5.95
N THR A 82 8.72 3.11 -6.38
CA THR A 82 8.10 1.79 -6.37
C THR A 82 8.38 1.07 -5.05
N LEU A 83 7.65 0.00 -4.80
CA LEU A 83 7.86 -0.84 -3.63
C LEU A 83 9.28 -1.42 -3.63
N ASP A 84 9.78 -1.72 -4.82
CA ASP A 84 11.13 -2.24 -4.99
C ASP A 84 12.16 -1.16 -4.66
N LYS A 85 11.85 0.06 -5.05
CA LYS A 85 12.74 1.20 -4.79
C LYS A 85 12.71 1.60 -3.31
N CYS A 86 11.55 1.50 -2.70
CA CYS A 86 11.39 1.89 -1.30
C CYS A 86 11.89 0.79 -0.36
N GLY A 87 11.71 -0.47 -0.76
CA GLY A 87 12.16 -1.57 0.05
C GLY A 87 11.06 -2.11 0.96
N VAL A 88 9.83 -1.71 0.68
CA VAL A 88 8.69 -2.16 1.46
C VAL A 88 8.08 -3.42 0.85
N GLN A 89 8.02 -4.48 1.64
CA GLN A 89 7.51 -5.77 1.16
C GLN A 89 6.45 -6.33 2.09
N ALA A 90 6.17 -7.62 1.96
CA ALA A 90 5.06 -8.27 2.66
C ALA A 90 5.24 -8.26 4.18
N ASP A 91 6.47 -8.14 4.65
CA ASP A 91 6.74 -8.13 6.10
C ASP A 91 6.74 -6.71 6.64
N ALA A 92 6.47 -5.75 5.80
CA ALA A 92 6.44 -4.37 6.21
C ALA A 92 5.09 -4.04 6.85
N ASN A 93 5.10 -3.83 8.15
CA ASN A 93 3.91 -3.36 8.85
C ASN A 93 3.55 -1.98 8.32
N LEU A 94 2.49 -1.94 7.52
CA LEU A 94 2.16 -0.76 6.77
C LEU A 94 0.84 -0.16 7.23
N LEU A 95 0.89 1.10 7.63
CA LEU A 95 -0.28 1.80 8.11
C LEU A 95 -0.64 2.91 7.12
N PHE A 96 -1.92 3.10 6.87
CA PHE A 96 -2.37 4.18 6.01
C PHE A 96 -3.21 5.14 6.83
N THR A 97 -2.69 6.33 7.07
CA THR A 97 -3.32 7.26 7.97
C THR A 97 -3.19 8.70 7.48
N PRO A 98 -4.16 9.57 7.82
CA PRO A 98 -4.04 11.01 7.61
C PRO A 98 -2.76 11.54 8.25
N GLN A 99 -2.05 12.40 7.53
CA GLN A 99 -0.73 12.84 7.97
C GLN A 99 -0.83 14.02 8.92
N HIS A 100 -1.54 15.07 8.49
CA HIS A 100 -1.63 16.32 9.26
C HIS A 100 -0.24 16.91 9.53
N LYS A 101 -0.22 17.97 10.35
CA LYS A 101 1.02 18.58 10.82
C LYS A 101 1.90 19.05 9.65
N MET A 102 1.27 19.64 8.64
CA MET A 102 2.01 20.22 7.52
C MET A 102 1.44 21.58 7.18
N GLY A 1 -5.80 -29.64 -20.54
CA GLY A 1 -4.89 -29.05 -19.53
C GLY A 1 -4.87 -29.87 -18.25
N ILE A 2 -3.80 -29.77 -17.50
CA ILE A 2 -3.68 -30.52 -16.26
C ILE A 2 -4.05 -29.66 -15.05
N ASP A 3 -5.28 -29.85 -14.59
CA ASP A 3 -5.76 -29.16 -13.40
C ASP A 3 -6.78 -30.04 -12.68
N PRO A 4 -6.36 -30.64 -11.55
CA PRO A 4 -7.21 -31.56 -10.78
C PRO A 4 -8.43 -30.86 -10.18
N PHE A 5 -8.20 -29.66 -9.68
CA PHE A 5 -9.25 -28.88 -9.03
C PHE A 5 -8.92 -27.40 -9.13
N THR A 6 -7.69 -27.08 -8.77
CA THR A 6 -7.21 -25.70 -8.82
C THR A 6 -6.15 -25.54 -9.91
N MET A 7 -5.65 -24.33 -10.09
CA MET A 7 -4.62 -24.07 -11.09
C MET A 7 -3.24 -24.46 -10.57
N LEU A 8 -2.29 -24.58 -11.49
CA LEU A 8 -0.93 -24.93 -11.12
C LEU A 8 -0.13 -23.68 -10.76
N SER A 9 1.09 -23.88 -10.28
CA SER A 9 1.91 -22.76 -9.87
C SER A 9 2.73 -22.23 -11.04
N SER A 10 2.20 -21.19 -11.67
CA SER A 10 2.88 -20.52 -12.77
C SER A 10 2.82 -19.01 -12.58
N GLY A 11 3.80 -18.30 -13.10
CA GLY A 11 3.87 -16.87 -12.89
C GLY A 11 3.28 -16.08 -14.05
N ASP A 12 1.96 -16.14 -14.19
CA ASP A 12 1.28 -15.39 -15.24
C ASP A 12 0.93 -13.99 -14.76
N LEU A 13 -0.03 -13.89 -13.87
CA LEU A 13 -0.40 -12.60 -13.29
C LEU A 13 0.48 -12.32 -12.09
N THR A 14 0.92 -13.38 -11.43
CA THR A 14 1.79 -13.25 -10.28
C THR A 14 3.17 -13.83 -10.60
N SER A 15 4.03 -13.02 -11.19
CA SER A 15 5.38 -13.41 -11.49
C SER A 15 6.33 -12.77 -10.50
N ALA A 16 6.03 -11.54 -10.12
CA ALA A 16 6.75 -10.82 -9.10
C ALA A 16 5.78 -9.99 -8.28
N SER A 17 4.86 -10.68 -7.61
CA SER A 17 3.81 -10.03 -6.85
C SER A 17 3.60 -10.76 -5.53
N TRP A 18 3.17 -10.00 -4.54
CA TRP A 18 2.95 -10.52 -3.20
C TRP A 18 1.81 -9.76 -2.53
N GLU A 19 1.33 -10.29 -1.42
CA GLU A 19 0.22 -9.65 -0.73
C GLU A 19 0.72 -8.73 0.37
N LEU A 20 0.27 -7.50 0.33
CA LEU A 20 0.65 -6.50 1.31
C LEU A 20 -0.59 -6.04 2.06
N VAL A 21 -0.62 -6.31 3.36
CA VAL A 21 -1.73 -5.84 4.17
C VAL A 21 -1.47 -4.41 4.63
N VAL A 22 -2.35 -3.51 4.23
CA VAL A 22 -2.26 -2.12 4.61
C VAL A 22 -3.34 -1.80 5.62
N ARG A 23 -2.92 -1.45 6.82
CA ARG A 23 -3.85 -1.06 7.86
C ARG A 23 -4.20 0.41 7.68
N VAL A 24 -5.41 0.67 7.28
CA VAL A 24 -5.85 2.03 7.04
C VAL A 24 -6.38 2.64 8.32
N ASP A 25 -5.72 3.69 8.77
CA ASP A 25 -6.10 4.37 10.00
C ASP A 25 -6.97 5.57 9.65
N HIS A 26 -8.22 5.50 10.05
CA HIS A 26 -9.18 6.53 9.70
C HIS A 26 -9.34 7.50 10.86
N ALA A 27 -8.54 8.56 10.84
CA ALA A 27 -8.57 9.56 11.90
C ALA A 27 -9.71 10.55 11.71
N ASN A 28 -10.51 10.32 10.67
CA ASN A 28 -11.58 11.23 10.31
C ASN A 28 -12.90 10.82 10.96
N GLY A 29 -12.82 10.01 12.01
CA GLY A 29 -14.03 9.59 12.71
C GLY A 29 -14.55 8.26 12.21
N GLU A 30 -13.64 7.34 11.92
CA GLU A 30 -14.01 6.03 11.42
C GLU A 30 -13.23 4.95 12.15
N GLN A 31 -13.30 3.72 11.66
CA GLN A 31 -12.54 2.62 12.24
C GLN A 31 -11.40 2.22 11.31
N GLN A 32 -10.43 1.49 11.85
CA GLN A 32 -9.27 1.07 11.06
C GLN A 32 -9.65 -0.09 10.15
N THR A 33 -9.13 -0.06 8.93
CA THR A 33 -9.44 -1.07 7.93
C THR A 33 -8.18 -1.83 7.52
N GLU A 34 -8.21 -3.16 7.61
CA GLU A 34 -7.09 -3.96 7.16
C GLU A 34 -7.36 -4.51 5.78
N ILE A 35 -6.71 -3.93 4.78
CA ILE A 35 -6.89 -4.36 3.40
C ILE A 35 -5.65 -5.07 2.90
N THR A 36 -5.81 -6.28 2.42
CA THR A 36 -4.71 -7.06 1.91
C THR A 36 -4.65 -6.94 0.40
N LEU A 37 -3.71 -6.14 -0.08
CA LEU A 37 -3.60 -5.88 -1.50
C LEU A 37 -2.63 -6.85 -2.17
N ARG A 38 -3.03 -7.35 -3.31
CA ARG A 38 -2.15 -8.20 -4.10
C ARG A 38 -1.41 -7.30 -5.08
N VAL A 39 -0.14 -7.08 -4.82
CA VAL A 39 0.61 -6.04 -5.51
C VAL A 39 1.94 -6.54 -6.04
N SER A 40 2.44 -5.86 -7.06
CA SER A 40 3.76 -6.13 -7.59
C SER A 40 4.74 -5.14 -6.97
N GLY A 41 5.99 -5.58 -6.77
CA GLY A 41 7.00 -4.70 -6.21
C GLY A 41 7.29 -3.52 -7.12
N ASP A 42 6.97 -3.67 -8.40
CA ASP A 42 7.19 -2.62 -9.39
C ASP A 42 6.06 -1.60 -9.36
N LEU A 43 5.14 -1.74 -8.42
CA LEU A 43 4.04 -0.79 -8.27
C LEU A 43 4.47 0.36 -7.36
N HIS A 44 4.16 1.58 -7.77
CA HIS A 44 4.53 2.76 -6.98
C HIS A 44 3.54 2.99 -5.83
N ILE A 45 4.02 3.61 -4.77
CA ILE A 45 3.26 3.80 -3.54
C ILE A 45 1.93 4.52 -3.79
N GLY A 46 1.95 5.56 -4.63
CA GLY A 46 0.74 6.30 -4.94
C GLY A 46 -0.30 5.42 -5.63
N GLY A 47 0.17 4.37 -6.31
CA GLY A 47 -0.72 3.45 -6.97
C GLY A 47 -1.33 2.48 -5.98
N VAL A 48 -0.56 2.17 -4.94
CA VAL A 48 -1.05 1.36 -3.83
C VAL A 48 -2.13 2.14 -3.10
N MET A 49 -1.86 3.43 -2.86
CA MET A 49 -2.82 4.34 -2.23
C MET A 49 -4.13 4.36 -3.02
N LEU A 50 -4.01 4.40 -4.34
CA LEU A 50 -5.17 4.37 -5.21
C LEU A 50 -5.99 3.10 -4.98
N LYS A 51 -5.30 1.98 -4.78
CA LYS A 51 -5.96 0.71 -4.54
C LYS A 51 -6.72 0.73 -3.21
N LEU A 52 -6.19 1.42 -2.22
CA LEU A 52 -6.90 1.59 -0.95
C LEU A 52 -8.21 2.35 -1.17
N VAL A 53 -8.11 3.45 -1.91
CA VAL A 53 -9.27 4.29 -2.20
C VAL A 53 -10.33 3.52 -2.97
N GLU A 54 -9.90 2.82 -4.01
CA GLU A 54 -10.82 2.07 -4.86
C GLU A 54 -11.38 0.84 -4.14
N GLN A 55 -10.61 0.31 -3.19
CA GLN A 55 -11.04 -0.86 -2.44
C GLN A 55 -12.15 -0.52 -1.46
N MET A 56 -11.90 0.49 -0.63
CA MET A 56 -12.87 0.89 0.39
C MET A 56 -13.96 1.76 -0.21
N ASN A 57 -13.60 2.52 -1.24
CA ASN A 57 -14.51 3.43 -1.91
C ASN A 57 -15.12 4.41 -0.90
N ILE A 58 -14.25 5.14 -0.22
CA ILE A 58 -14.68 6.09 0.80
C ILE A 58 -14.23 7.50 0.42
N ALA A 59 -15.14 8.45 0.56
CA ALA A 59 -14.85 9.83 0.19
C ALA A 59 -14.19 10.57 1.35
N GLN A 60 -12.86 10.62 1.33
CA GLN A 60 -12.09 11.37 2.31
C GLN A 60 -11.02 12.18 1.59
N ASP A 61 -10.25 12.96 2.33
CA ASP A 61 -9.17 13.70 1.72
C ASP A 61 -7.94 12.82 1.60
N TRP A 62 -7.83 12.17 0.44
CA TRP A 62 -6.72 11.26 0.19
C TRP A 62 -5.55 12.03 -0.42
N SER A 63 -5.70 13.34 -0.49
CA SER A 63 -4.65 14.20 -1.00
C SER A 63 -3.48 14.24 -0.03
N ASP A 64 -3.72 14.77 1.17
CA ASP A 64 -2.69 14.81 2.20
C ASP A 64 -2.74 13.53 3.02
N TYR A 65 -2.62 12.42 2.32
CA TYR A 65 -2.67 11.10 2.91
C TYR A 65 -1.41 10.35 2.50
N ALA A 66 -0.90 9.49 3.37
CA ALA A 66 0.34 8.79 3.07
C ALA A 66 0.45 7.48 3.86
N LEU A 67 1.41 6.67 3.47
CA LEU A 67 1.69 5.43 4.17
C LEU A 67 2.66 5.69 5.32
N TRP A 68 2.32 5.15 6.47
CA TRP A 68 3.19 5.20 7.64
C TRP A 68 3.87 3.84 7.80
N TRP A 69 5.19 3.84 7.66
CA TRP A 69 5.96 2.63 7.82
C TRP A 69 6.37 2.51 9.29
N GLU A 70 5.78 1.54 9.98
CA GLU A 70 5.97 1.42 11.43
C GLU A 70 7.41 1.02 11.78
N GLN A 71 7.91 -0.02 11.15
CA GLN A 71 9.25 -0.54 11.44
C GLN A 71 10.34 0.51 11.23
N LYS A 72 10.19 1.32 10.19
CA LYS A 72 11.19 2.34 9.89
C LYS A 72 10.88 3.66 10.55
N ARG A 73 9.62 3.84 10.94
CA ARG A 73 9.12 5.13 11.44
C ARG A 73 9.37 6.22 10.41
N CYS A 74 8.61 6.17 9.34
CA CYS A 74 8.78 7.07 8.22
C CYS A 74 7.48 7.19 7.44
N TRP A 75 7.23 8.37 6.88
CA TRP A 75 6.05 8.60 6.08
C TRP A 75 6.40 8.49 4.60
N LEU A 76 5.61 7.72 3.86
CA LEU A 76 5.84 7.58 2.44
C LEU A 76 5.23 8.76 1.70
N LEU A 77 6.08 9.68 1.30
CA LEU A 77 5.67 10.79 0.44
C LEU A 77 6.32 10.61 -0.92
N LYS A 78 7.26 9.69 -0.97
CA LYS A 78 7.88 9.27 -2.21
C LYS A 78 6.94 8.31 -2.93
N THR A 79 5.74 8.79 -3.20
CA THR A 79 4.68 7.96 -3.74
C THR A 79 4.94 7.59 -5.19
N HIS A 80 5.80 8.36 -5.84
CA HIS A 80 6.18 8.07 -7.22
C HIS A 80 7.17 6.91 -7.25
N TRP A 81 7.73 6.60 -6.09
CA TRP A 81 8.64 5.47 -5.95
C TRP A 81 7.84 4.18 -5.82
N THR A 82 8.43 3.07 -6.23
CA THR A 82 7.73 1.81 -6.19
C THR A 82 8.02 1.07 -4.89
N LEU A 83 7.26 0.01 -4.64
CA LEU A 83 7.42 -0.81 -3.44
C LEU A 83 8.85 -1.32 -3.31
N ASP A 84 9.35 -1.92 -4.39
CA ASP A 84 10.71 -2.47 -4.41
C ASP A 84 11.74 -1.34 -4.28
N LYS A 85 11.44 -0.20 -4.90
CA LYS A 85 12.33 0.95 -4.87
C LYS A 85 12.42 1.54 -3.47
N CYS A 86 11.30 1.58 -2.77
CA CYS A 86 11.27 2.09 -1.40
C CYS A 86 11.88 1.07 -0.43
N GLY A 87 11.77 -0.21 -0.77
CA GLY A 87 12.35 -1.24 0.05
C GLY A 87 11.34 -1.88 0.98
N VAL A 88 10.07 -1.69 0.66
CA VAL A 88 9.00 -2.27 1.45
C VAL A 88 8.39 -3.48 0.74
N GLN A 89 8.37 -4.61 1.43
CA GLN A 89 7.91 -5.87 0.85
C GLN A 89 6.86 -6.50 1.75
N ALA A 90 6.57 -7.78 1.53
CA ALA A 90 5.63 -8.53 2.36
C ALA A 90 6.27 -8.85 3.70
N ASP A 91 6.50 -7.81 4.48
CA ASP A 91 7.16 -7.91 5.78
C ASP A 91 6.80 -6.70 6.63
N ALA A 92 6.71 -5.55 5.97
CA ALA A 92 6.51 -4.29 6.66
C ALA A 92 5.07 -4.12 7.12
N ASN A 93 4.90 -3.37 8.21
CA ASN A 93 3.59 -3.02 8.70
C ASN A 93 3.25 -1.63 8.22
N LEU A 94 2.39 -1.56 7.22
CA LEU A 94 2.12 -0.32 6.54
C LEU A 94 0.77 0.24 6.96
N LEU A 95 0.79 1.39 7.61
CA LEU A 95 -0.42 2.05 8.08
C LEU A 95 -0.78 3.19 7.13
N PHE A 96 -2.02 3.24 6.69
CA PHE A 96 -2.45 4.31 5.81
C PHE A 96 -3.25 5.32 6.62
N THR A 97 -2.65 6.46 6.89
CA THR A 97 -3.25 7.44 7.79
C THR A 97 -2.96 8.87 7.32
N PRO A 98 -3.84 9.84 7.62
CA PRO A 98 -3.62 11.24 7.28
C PRO A 98 -2.45 11.84 8.05
N GLN A 99 -1.53 12.48 7.33
CA GLN A 99 -0.34 13.06 7.94
C GLN A 99 -0.51 14.54 8.20
N HIS A 100 -1.72 15.04 8.01
CA HIS A 100 -1.98 16.47 8.14
C HIS A 100 -1.69 16.95 9.55
N LYS A 101 -0.96 18.05 9.66
CA LYS A 101 -0.58 18.60 10.95
C LYS A 101 -1.54 19.71 11.35
N MET A 102 -2.48 19.39 12.23
CA MET A 102 -3.40 20.39 12.74
C MET A 102 -3.27 20.49 14.26
N GLY A 1 11.91 -31.19 -17.91
CA GLY A 1 11.44 -31.89 -16.68
C GLY A 1 12.44 -31.75 -15.56
N ILE A 2 13.56 -32.43 -15.68
CA ILE A 2 14.64 -32.26 -14.73
C ILE A 2 15.60 -31.17 -15.25
N ASP A 3 15.16 -29.94 -15.11
CA ASP A 3 15.89 -28.78 -15.59
C ASP A 3 15.57 -27.58 -14.73
N PRO A 4 16.50 -26.63 -14.59
CA PRO A 4 16.28 -25.40 -13.83
C PRO A 4 15.20 -24.54 -14.48
N PHE A 5 14.17 -24.23 -13.72
CA PHE A 5 13.06 -23.42 -14.24
C PHE A 5 13.56 -22.06 -14.72
N THR A 6 13.46 -21.84 -16.02
CA THR A 6 13.93 -20.61 -16.62
C THR A 6 12.86 -19.52 -16.53
N MET A 7 11.60 -19.95 -16.44
CA MET A 7 10.47 -19.02 -16.42
C MET A 7 10.41 -18.20 -17.70
N LEU A 8 9.86 -18.82 -18.74
CA LEU A 8 9.76 -18.14 -20.03
C LEU A 8 8.52 -17.27 -20.07
N SER A 9 8.63 -16.11 -20.73
CA SER A 9 7.57 -15.10 -20.78
C SER A 9 7.41 -14.38 -19.44
N SER A 10 7.06 -13.11 -19.50
CA SER A 10 6.87 -12.33 -18.29
C SER A 10 5.51 -12.64 -17.66
N GLY A 11 5.50 -13.63 -16.78
CA GLY A 11 4.27 -14.03 -16.14
C GLY A 11 4.50 -14.67 -14.79
N ASP A 12 4.94 -13.88 -13.83
CA ASP A 12 5.12 -14.36 -12.46
C ASP A 12 4.09 -13.73 -11.54
N LEU A 13 3.57 -14.52 -10.60
CA LEU A 13 2.55 -14.03 -9.69
C LEU A 13 2.88 -14.39 -8.23
N THR A 14 4.08 -14.88 -7.98
CA THR A 14 4.42 -15.36 -6.64
C THR A 14 5.71 -14.73 -6.10
N SER A 15 6.60 -14.31 -6.98
CA SER A 15 7.87 -13.76 -6.57
C SER A 15 7.89 -12.24 -6.74
N ALA A 16 7.43 -11.77 -7.88
CA ALA A 16 7.39 -10.33 -8.15
C ALA A 16 5.98 -9.80 -7.99
N SER A 17 5.17 -10.58 -7.31
CA SER A 17 3.80 -10.23 -7.01
C SER A 17 3.34 -10.92 -5.74
N TRP A 18 2.92 -10.12 -4.79
CA TRP A 18 2.66 -10.60 -3.46
C TRP A 18 1.54 -9.80 -2.81
N GLU A 19 0.91 -10.36 -1.79
CA GLU A 19 -0.17 -9.68 -1.12
C GLU A 19 0.33 -8.96 0.13
N LEU A 20 0.02 -7.68 0.21
CA LEU A 20 0.46 -6.84 1.31
C LEU A 20 -0.74 -6.41 2.14
N VAL A 21 -0.60 -6.50 3.45
CA VAL A 21 -1.66 -6.08 4.35
C VAL A 21 -1.38 -4.67 4.87
N VAL A 22 -2.30 -3.76 4.60
CA VAL A 22 -2.15 -2.38 5.01
C VAL A 22 -3.22 -2.02 6.04
N ARG A 23 -2.78 -1.46 7.17
CA ARG A 23 -3.71 -1.02 8.19
C ARG A 23 -4.11 0.43 7.97
N VAL A 24 -5.39 0.67 7.76
CA VAL A 24 -5.87 2.01 7.51
C VAL A 24 -6.53 2.60 8.76
N ASP A 25 -6.04 3.76 9.18
CA ASP A 25 -6.65 4.50 10.27
C ASP A 25 -7.56 5.56 9.69
N HIS A 26 -8.78 5.66 10.19
CA HIS A 26 -9.79 6.51 9.57
C HIS A 26 -10.04 7.75 10.40
N ALA A 27 -9.97 8.90 9.73
CA ALA A 27 -10.18 10.20 10.37
C ALA A 27 -11.62 10.38 10.79
N ASN A 28 -11.88 10.06 12.05
CA ASN A 28 -13.21 10.14 12.65
C ASN A 28 -13.18 9.48 14.03
N GLY A 29 -12.34 8.46 14.14
CA GLY A 29 -12.23 7.71 15.39
C GLY A 29 -12.53 6.25 15.19
N GLU A 30 -12.24 5.74 13.99
CA GLU A 30 -12.54 4.36 13.65
C GLU A 30 -11.34 3.46 13.97
N GLN A 31 -11.45 2.19 13.64
CA GLN A 31 -10.42 1.22 13.96
C GLN A 31 -9.49 0.98 12.77
N GLN A 32 -8.58 0.02 12.94
CA GLN A 32 -7.59 -0.29 11.92
C GLN A 32 -8.16 -1.26 10.89
N THR A 33 -8.53 -0.74 9.74
CA THR A 33 -8.98 -1.58 8.64
C THR A 33 -7.77 -2.19 7.95
N GLU A 34 -7.62 -3.50 8.09
CA GLU A 34 -6.46 -4.17 7.53
C GLU A 34 -6.80 -4.83 6.20
N ILE A 35 -6.39 -4.17 5.13
CA ILE A 35 -6.72 -4.59 3.78
C ILE A 35 -5.60 -5.43 3.17
N THR A 36 -5.99 -6.47 2.44
CA THR A 36 -5.02 -7.33 1.77
C THR A 36 -5.00 -7.00 0.28
N LEU A 37 -3.92 -6.37 -0.18
CA LEU A 37 -3.81 -5.97 -1.56
C LEU A 37 -2.80 -6.82 -2.31
N ARG A 38 -3.14 -7.19 -3.53
CA ARG A 38 -2.23 -7.93 -4.38
C ARG A 38 -1.45 -6.95 -5.24
N VAL A 39 -0.18 -6.84 -4.96
CA VAL A 39 0.66 -5.82 -5.57
C VAL A 39 1.94 -6.42 -6.14
N SER A 40 2.60 -5.65 -6.99
CA SER A 40 3.90 -6.05 -7.51
C SER A 40 4.95 -5.05 -7.03
N GLY A 41 6.21 -5.45 -7.05
CA GLY A 41 7.28 -4.60 -6.55
C GLY A 41 7.43 -3.33 -7.36
N ASP A 42 7.02 -3.37 -8.62
CA ASP A 42 7.17 -2.24 -9.53
C ASP A 42 6.02 -1.25 -9.39
N LEU A 43 5.16 -1.47 -8.41
CA LEU A 43 4.06 -0.55 -8.15
C LEU A 43 4.56 0.59 -7.27
N HIS A 44 4.40 1.82 -7.75
CA HIS A 44 4.84 2.99 -7.00
C HIS A 44 3.86 3.33 -5.89
N ILE A 45 4.37 3.94 -4.82
CA ILE A 45 3.62 4.23 -3.61
C ILE A 45 2.28 4.94 -3.88
N GLY A 46 2.30 5.87 -4.82
CA GLY A 46 1.08 6.63 -5.13
C GLY A 46 -0.08 5.74 -5.55
N GLY A 47 0.22 4.67 -6.26
CA GLY A 47 -0.82 3.77 -6.73
C GLY A 47 -1.36 2.91 -5.62
N VAL A 48 -0.51 2.62 -4.65
CA VAL A 48 -0.90 1.78 -3.52
C VAL A 48 -1.94 2.50 -2.66
N MET A 49 -1.68 3.76 -2.36
CA MET A 49 -2.59 4.56 -1.53
C MET A 49 -3.96 4.65 -2.17
N LEU A 50 -3.98 4.75 -3.49
CA LEU A 50 -5.22 4.80 -4.25
C LEU A 50 -5.94 3.46 -4.15
N LYS A 51 -5.18 2.38 -4.19
CA LYS A 51 -5.72 1.03 -4.09
C LYS A 51 -6.40 0.79 -2.74
N LEU A 52 -5.89 1.45 -1.70
CA LEU A 52 -6.53 1.39 -0.38
C LEU A 52 -7.96 1.90 -0.48
N VAL A 53 -8.12 3.10 -1.03
CA VAL A 53 -9.43 3.70 -1.20
C VAL A 53 -10.30 2.87 -2.14
N GLU A 54 -9.68 2.41 -3.21
CA GLU A 54 -10.38 1.60 -4.22
C GLU A 54 -10.92 0.31 -3.60
N GLN A 55 -10.06 -0.40 -2.88
CA GLN A 55 -10.43 -1.68 -2.28
C GLN A 55 -11.46 -1.50 -1.17
N MET A 56 -11.26 -0.50 -0.32
CA MET A 56 -12.14 -0.28 0.82
C MET A 56 -13.49 0.25 0.38
N ASN A 57 -13.48 1.30 -0.43
CA ASN A 57 -14.71 2.00 -0.83
C ASN A 57 -15.54 2.32 0.42
N ILE A 58 -15.05 3.22 1.24
CA ILE A 58 -15.67 3.55 2.50
C ILE A 58 -16.27 4.96 2.47
N ALA A 59 -17.41 5.12 3.11
CA ALA A 59 -18.14 6.38 3.07
C ALA A 59 -17.48 7.46 3.92
N GLN A 60 -16.50 8.13 3.33
CA GLN A 60 -15.83 9.27 3.95
C GLN A 60 -14.97 9.96 2.92
N ASP A 61 -14.80 11.26 3.06
CA ASP A 61 -14.05 12.03 2.08
C ASP A 61 -12.56 12.02 2.40
N TRP A 62 -11.76 11.53 1.48
CA TRP A 62 -10.32 11.45 1.67
C TRP A 62 -9.67 12.76 1.23
N SER A 63 -9.92 13.80 2.00
CA SER A 63 -9.37 15.12 1.73
C SER A 63 -7.84 15.10 1.86
N ASP A 64 -7.36 14.27 2.77
CA ASP A 64 -5.93 14.16 3.02
C ASP A 64 -5.59 12.72 3.40
N TYR A 65 -4.59 12.16 2.75
CA TYR A 65 -4.17 10.80 3.01
C TYR A 65 -2.70 10.62 2.67
N ALA A 66 -2.03 9.73 3.39
CA ALA A 66 -0.64 9.43 3.14
C ALA A 66 -0.29 8.04 3.66
N LEU A 67 0.73 7.44 3.08
CA LEU A 67 1.14 6.11 3.48
C LEU A 67 2.22 6.19 4.56
N TRP A 68 2.08 5.38 5.58
CA TRP A 68 2.98 5.42 6.72
C TRP A 68 3.63 4.06 6.94
N TRP A 69 4.95 4.03 6.89
CA TRP A 69 5.67 2.80 7.17
C TRP A 69 5.94 2.75 8.67
N GLU A 70 5.26 1.85 9.37
CA GLU A 70 5.30 1.80 10.81
C GLU A 70 6.68 1.37 11.31
N GLN A 71 7.31 0.48 10.55
CA GLN A 71 8.59 -0.09 10.96
C GLN A 71 9.75 0.88 10.73
N LYS A 72 9.45 2.02 10.11
CA LYS A 72 10.48 3.02 9.82
C LYS A 72 10.08 4.39 10.38
N ARG A 73 8.84 4.48 10.87
CA ARG A 73 8.26 5.75 11.32
C ARG A 73 8.46 6.84 10.25
N CYS A 74 8.01 6.54 9.04
CA CYS A 74 8.22 7.43 7.92
C CYS A 74 6.95 7.54 7.07
N TRP A 75 6.76 8.71 6.48
CA TRP A 75 5.63 8.91 5.58
C TRP A 75 6.11 8.69 4.17
N LEU A 76 5.50 7.75 3.47
CA LEU A 76 5.89 7.48 2.11
C LEU A 76 5.22 8.50 1.19
N LEU A 77 6.01 9.47 0.77
CA LEU A 77 5.51 10.53 -0.09
C LEU A 77 6.33 10.58 -1.37
N LYS A 78 7.32 9.69 -1.44
CA LYS A 78 8.06 9.51 -2.66
C LYS A 78 7.25 8.63 -3.60
N THR A 79 6.22 9.22 -4.17
CA THR A 79 5.27 8.49 -5.01
C THR A 79 5.91 8.03 -6.32
N HIS A 80 7.09 8.56 -6.61
CA HIS A 80 7.84 8.14 -7.79
C HIS A 80 8.67 6.89 -7.47
N TRP A 81 8.68 6.52 -6.20
CA TRP A 81 9.36 5.31 -5.76
C TRP A 81 8.38 4.15 -5.67
N THR A 82 8.86 2.97 -5.98
CA THR A 82 8.02 1.78 -5.94
C THR A 82 8.19 1.04 -4.62
N LEU A 83 7.38 0.01 -4.42
CA LEU A 83 7.50 -0.87 -3.26
C LEU A 83 8.91 -1.43 -3.16
N ASP A 84 9.37 -2.00 -4.26
CA ASP A 84 10.70 -2.61 -4.32
C ASP A 84 11.79 -1.55 -4.12
N LYS A 85 11.54 -0.37 -4.66
CA LYS A 85 12.50 0.73 -4.58
C LYS A 85 12.62 1.24 -3.14
N CYS A 86 11.51 1.31 -2.43
CA CYS A 86 11.50 1.76 -1.05
C CYS A 86 12.03 0.68 -0.12
N GLY A 87 11.67 -0.56 -0.41
CA GLY A 87 12.14 -1.67 0.40
C GLY A 87 11.02 -2.31 1.20
N VAL A 88 9.83 -1.74 1.09
CA VAL A 88 8.67 -2.28 1.79
C VAL A 88 8.14 -3.51 1.06
N GLN A 89 8.25 -4.66 1.71
CA GLN A 89 7.86 -5.92 1.11
C GLN A 89 6.64 -6.52 1.81
N ALA A 90 6.34 -7.77 1.50
CA ALA A 90 5.09 -8.40 1.95
C ALA A 90 5.03 -8.60 3.46
N ASP A 91 6.16 -8.68 4.12
CA ASP A 91 6.19 -8.96 5.55
C ASP A 91 6.32 -7.67 6.36
N ALA A 92 6.28 -6.54 5.67
CA ALA A 92 6.38 -5.24 6.34
C ALA A 92 5.01 -4.77 6.79
N ASN A 93 4.90 -4.37 8.05
CA ASN A 93 3.66 -3.84 8.58
C ASN A 93 3.51 -2.38 8.14
N LEU A 94 2.42 -2.11 7.46
CA LEU A 94 2.23 -0.82 6.80
C LEU A 94 0.93 -0.17 7.28
N LEU A 95 0.96 1.15 7.40
CA LEU A 95 -0.20 1.91 7.87
C LEU A 95 -0.60 2.95 6.83
N PHE A 96 -1.88 3.22 6.72
CA PHE A 96 -2.38 4.26 5.83
C PHE A 96 -3.20 5.25 6.64
N THR A 97 -2.68 6.45 6.78
CA THR A 97 -3.30 7.46 7.63
C THR A 97 -3.18 8.85 7.02
N PRO A 98 -4.16 9.73 7.26
CA PRO A 98 -4.05 11.15 6.90
C PRO A 98 -2.85 11.78 7.59
N GLN A 99 -2.18 12.70 6.90
CA GLN A 99 -0.99 13.33 7.42
C GLN A 99 -1.30 14.70 7.98
N HIS A 100 -2.45 15.22 7.61
CA HIS A 100 -2.90 16.51 8.12
C HIS A 100 -4.39 16.46 8.42
N LYS A 101 -4.73 16.50 9.71
CA LYS A 101 -6.13 16.51 10.11
C LYS A 101 -6.74 17.88 9.84
N MET A 102 -7.47 17.97 8.73
CA MET A 102 -8.11 19.21 8.35
C MET A 102 -9.59 19.17 8.71
N GLY A 1 9.83 -11.94 2.10
CA GLY A 1 10.67 -12.52 3.18
C GLY A 1 11.28 -13.83 2.78
N ILE A 2 11.13 -14.84 3.63
CA ILE A 2 11.71 -16.15 3.40
C ILE A 2 11.04 -16.81 2.19
N ASP A 3 9.72 -16.72 2.13
CA ASP A 3 8.97 -17.33 1.04
C ASP A 3 8.05 -16.30 0.40
N PRO A 4 8.28 -15.97 -0.87
CA PRO A 4 7.41 -15.08 -1.64
C PRO A 4 6.13 -15.79 -2.06
N PHE A 5 5.08 -15.61 -1.28
CA PHE A 5 3.81 -16.31 -1.51
C PHE A 5 3.13 -15.81 -2.78
N THR A 6 3.35 -16.52 -3.87
CA THR A 6 2.76 -16.17 -5.14
C THR A 6 1.56 -17.06 -5.42
N MET A 7 0.37 -16.52 -5.23
CA MET A 7 -0.85 -17.26 -5.50
C MET A 7 -1.28 -17.03 -6.94
N LEU A 8 -2.38 -17.68 -7.35
CA LEU A 8 -2.85 -17.62 -8.73
C LEU A 8 -1.76 -18.09 -9.69
N SER A 9 -1.78 -17.58 -10.92
CA SER A 9 -0.77 -17.94 -11.90
C SER A 9 0.02 -16.72 -12.33
N SER A 10 1.30 -16.92 -12.62
CA SER A 10 2.12 -15.87 -13.18
C SER A 10 2.04 -15.92 -14.70
N GLY A 11 2.19 -17.13 -15.24
CA GLY A 11 1.98 -17.35 -16.65
C GLY A 11 3.07 -16.77 -17.53
N ASP A 12 2.74 -15.69 -18.22
CA ASP A 12 3.65 -15.10 -19.21
C ASP A 12 4.73 -14.26 -18.56
N LEU A 13 5.98 -14.62 -18.85
CA LEU A 13 7.16 -13.91 -18.34
C LEU A 13 7.32 -14.10 -16.84
N THR A 14 6.55 -13.36 -16.07
CA THR A 14 6.66 -13.38 -14.62
C THR A 14 5.59 -12.49 -14.00
N SER A 15 5.26 -12.74 -12.75
CA SER A 15 4.31 -11.91 -12.03
C SER A 15 4.61 -11.93 -10.53
N ALA A 16 5.60 -11.14 -10.13
CA ALA A 16 5.94 -11.00 -8.73
C ALA A 16 4.85 -10.23 -8.01
N SER A 17 3.92 -10.97 -7.42
CA SER A 17 2.78 -10.38 -6.76
C SER A 17 2.58 -11.02 -5.40
N TRP A 18 2.62 -10.18 -4.39
CA TRP A 18 2.52 -10.64 -3.02
C TRP A 18 1.44 -9.87 -2.26
N GLU A 19 0.90 -10.48 -1.23
CA GLU A 19 -0.17 -9.88 -0.47
C GLU A 19 0.36 -8.93 0.59
N LEU A 20 0.17 -7.64 0.36
CA LEU A 20 0.57 -6.63 1.30
C LEU A 20 -0.64 -6.14 2.07
N VAL A 21 -0.69 -6.46 3.35
CA VAL A 21 -1.79 -6.02 4.18
C VAL A 21 -1.48 -4.63 4.76
N VAL A 22 -2.33 -3.68 4.44
CA VAL A 22 -2.14 -2.31 4.89
C VAL A 22 -3.24 -1.92 5.86
N ARG A 23 -2.84 -1.49 7.05
CA ARG A 23 -3.79 -1.03 8.05
C ARG A 23 -4.15 0.42 7.79
N VAL A 24 -5.37 0.66 7.40
CA VAL A 24 -5.84 2.01 7.14
C VAL A 24 -6.34 2.65 8.42
N ASP A 25 -5.79 3.81 8.73
CA ASP A 25 -6.24 4.61 9.87
C ASP A 25 -7.19 5.67 9.37
N HIS A 26 -8.41 5.64 9.85
CA HIS A 26 -9.44 6.53 9.34
C HIS A 26 -9.57 7.77 10.19
N ALA A 27 -9.45 8.92 9.53
CA ALA A 27 -9.66 10.20 10.18
C ALA A 27 -11.12 10.34 10.57
N ASN A 28 -11.43 9.94 11.79
CA ASN A 28 -12.80 9.88 12.26
C ASN A 28 -12.81 9.55 13.76
N GLY A 29 -11.93 8.64 14.16
CA GLY A 29 -11.82 8.30 15.56
C GLY A 29 -11.34 6.88 15.79
N GLU A 30 -10.05 6.66 15.55
CA GLU A 30 -9.41 5.35 15.74
C GLU A 30 -10.15 4.22 15.05
N GLN A 31 -9.77 3.96 13.81
CA GLN A 31 -10.32 2.86 13.03
C GLN A 31 -9.22 2.19 12.23
N GLN A 32 -9.01 0.91 12.48
CA GLN A 32 -7.99 0.15 11.78
C GLN A 32 -8.61 -0.84 10.81
N THR A 33 -8.58 -0.51 9.53
CA THR A 33 -9.04 -1.41 8.50
C THR A 33 -7.85 -2.08 7.82
N GLU A 34 -7.77 -3.40 7.90
CA GLU A 34 -6.63 -4.11 7.33
C GLU A 34 -6.99 -4.63 5.95
N ILE A 35 -6.52 -3.93 4.93
CA ILE A 35 -6.79 -4.30 3.56
C ILE A 35 -5.61 -5.06 2.97
N THR A 36 -5.88 -6.27 2.50
CA THR A 36 -4.84 -7.10 1.92
C THR A 36 -4.84 -6.97 0.41
N LEU A 37 -3.89 -6.22 -0.11
CA LEU A 37 -3.79 -6.00 -1.54
C LEU A 37 -2.67 -6.84 -2.12
N ARG A 38 -2.90 -7.41 -3.29
CA ARG A 38 -1.86 -8.15 -3.98
C ARG A 38 -1.13 -7.21 -4.92
N VAL A 39 0.10 -6.90 -4.58
CA VAL A 39 0.84 -5.86 -5.28
C VAL A 39 2.16 -6.39 -5.80
N SER A 40 2.76 -5.63 -6.71
CA SER A 40 4.04 -5.99 -7.30
C SER A 40 5.12 -5.03 -6.83
N GLY A 41 6.38 -5.46 -6.92
CA GLY A 41 7.49 -4.61 -6.48
C GLY A 41 7.62 -3.36 -7.31
N ASP A 42 7.20 -3.42 -8.57
CA ASP A 42 7.33 -2.29 -9.49
C ASP A 42 6.10 -1.40 -9.45
N LEU A 43 5.27 -1.57 -8.44
CA LEU A 43 4.12 -0.70 -8.24
C LEU A 43 4.52 0.48 -7.36
N HIS A 44 4.31 1.70 -7.85
CA HIS A 44 4.71 2.90 -7.12
C HIS A 44 3.70 3.21 -6.00
N ILE A 45 4.21 3.82 -4.93
CA ILE A 45 3.42 4.07 -3.72
C ILE A 45 2.11 4.78 -4.00
N GLY A 46 2.14 5.76 -4.89
CA GLY A 46 0.93 6.51 -5.23
C GLY A 46 -0.19 5.62 -5.74
N GLY A 47 0.19 4.59 -6.49
CA GLY A 47 -0.80 3.69 -7.06
C GLY A 47 -1.21 2.63 -6.07
N VAL A 48 -0.55 2.60 -4.92
CA VAL A 48 -0.91 1.69 -3.85
C VAL A 48 -1.94 2.34 -2.92
N MET A 49 -1.62 3.56 -2.49
CA MET A 49 -2.50 4.30 -1.58
C MET A 49 -3.87 4.52 -2.23
N LEU A 50 -3.85 4.72 -3.53
CA LEU A 50 -5.07 4.91 -4.29
C LEU A 50 -5.92 3.63 -4.22
N LYS A 51 -5.27 2.47 -4.26
CA LYS A 51 -5.96 1.19 -4.21
C LYS A 51 -6.62 0.98 -2.84
N LEU A 52 -6.06 1.59 -1.81
CA LEU A 52 -6.68 1.54 -0.48
C LEU A 52 -8.07 2.18 -0.53
N VAL A 53 -8.12 3.40 -1.05
CA VAL A 53 -9.39 4.11 -1.18
C VAL A 53 -10.30 3.41 -2.19
N GLU A 54 -9.71 2.93 -3.28
CA GLU A 54 -10.45 2.22 -4.32
C GLU A 54 -11.10 0.95 -3.76
N GLN A 55 -10.34 0.20 -2.95
CA GLN A 55 -10.81 -1.04 -2.36
C GLN A 55 -11.93 -0.79 -1.34
N MET A 56 -11.68 0.15 -0.42
CA MET A 56 -12.63 0.40 0.66
C MET A 56 -13.84 1.19 0.16
N ASN A 57 -13.56 2.27 -0.58
CA ASN A 57 -14.59 3.21 -1.02
C ASN A 57 -15.38 3.74 0.17
N ILE A 58 -14.82 4.72 0.84
CA ILE A 58 -15.45 5.32 2.01
C ILE A 58 -15.48 6.83 1.88
N ALA A 59 -16.65 7.42 2.10
CA ALA A 59 -16.82 8.86 1.99
C ALA A 59 -16.14 9.57 3.15
N GLN A 60 -14.91 10.01 2.93
CA GLN A 60 -14.17 10.78 3.91
C GLN A 60 -13.42 11.90 3.23
N ASP A 61 -12.62 12.62 3.99
CA ASP A 61 -11.76 13.65 3.42
C ASP A 61 -10.40 13.06 3.13
N TRP A 62 -10.10 12.89 1.85
CA TRP A 62 -8.82 12.34 1.43
C TRP A 62 -8.00 13.42 0.74
N SER A 63 -7.99 14.62 1.30
CA SER A 63 -7.27 15.74 0.71
C SER A 63 -5.76 15.51 0.79
N ASP A 64 -5.28 15.19 1.97
CA ASP A 64 -3.87 14.94 2.18
C ASP A 64 -3.66 13.66 2.97
N TYR A 65 -3.29 12.61 2.26
CA TYR A 65 -3.08 11.29 2.85
C TYR A 65 -1.74 10.75 2.41
N ALA A 66 -1.20 9.82 3.17
CA ALA A 66 0.08 9.21 2.83
C ALA A 66 0.22 7.85 3.48
N LEU A 67 1.19 7.09 3.01
CA LEU A 67 1.42 5.75 3.51
C LEU A 67 2.40 5.83 4.69
N TRP A 68 2.10 5.10 5.75
CA TRP A 68 2.92 5.12 6.95
C TRP A 68 3.60 3.78 7.15
N TRP A 69 4.91 3.77 7.02
CA TRP A 69 5.67 2.56 7.28
C TRP A 69 5.91 2.45 8.78
N GLU A 70 5.25 1.49 9.41
CA GLU A 70 5.25 1.38 10.86
C GLU A 70 6.63 0.99 11.39
N GLN A 71 7.32 0.13 10.65
CA GLN A 71 8.63 -0.34 11.05
C GLN A 71 9.67 0.78 11.01
N LYS A 72 9.51 1.70 10.08
CA LYS A 72 10.46 2.79 9.91
C LYS A 72 9.97 4.06 10.61
N ARG A 73 8.69 4.08 10.95
CA ARG A 73 8.04 5.28 11.48
C ARG A 73 8.27 6.44 10.52
N CYS A 74 7.70 6.31 9.32
CA CYS A 74 7.99 7.23 8.24
C CYS A 74 6.78 7.39 7.33
N TRP A 75 6.64 8.58 6.77
CA TRP A 75 5.57 8.87 5.84
C TRP A 75 6.09 8.73 4.42
N LEU A 76 5.47 7.88 3.63
CA LEU A 76 5.87 7.68 2.25
C LEU A 76 5.41 8.86 1.41
N LEU A 77 6.36 9.71 1.08
CA LEU A 77 6.10 10.84 0.20
C LEU A 77 6.74 10.59 -1.13
N LYS A 78 7.55 9.53 -1.18
CA LYS A 78 8.12 9.04 -2.42
C LYS A 78 7.08 8.23 -3.18
N THR A 79 6.00 8.90 -3.56
CA THR A 79 4.86 8.25 -4.20
C THR A 79 5.22 7.78 -5.60
N HIS A 80 6.21 8.43 -6.20
CA HIS A 80 6.68 8.07 -7.54
C HIS A 80 7.61 6.85 -7.46
N TRP A 81 8.04 6.53 -6.25
CA TRP A 81 8.92 5.39 -6.05
C TRP A 81 8.09 4.13 -5.86
N THR A 82 8.63 3.01 -6.25
CA THR A 82 7.90 1.75 -6.20
C THR A 82 8.11 1.06 -4.84
N LEU A 83 7.33 0.01 -4.60
CA LEU A 83 7.46 -0.80 -3.39
C LEU A 83 8.88 -1.32 -3.24
N ASP A 84 9.42 -1.86 -4.33
CA ASP A 84 10.76 -2.43 -4.32
C ASP A 84 11.81 -1.33 -4.21
N LYS A 85 11.51 -0.17 -4.77
CA LYS A 85 12.41 0.98 -4.71
C LYS A 85 12.47 1.53 -3.28
N CYS A 86 11.34 1.48 -2.58
CA CYS A 86 11.29 1.91 -1.20
C CYS A 86 11.80 0.82 -0.27
N GLY A 87 11.72 -0.42 -0.73
CA GLY A 87 12.22 -1.54 0.03
C GLY A 87 11.16 -2.14 0.94
N VAL A 88 9.91 -1.84 0.65
CA VAL A 88 8.81 -2.34 1.47
C VAL A 88 8.17 -3.58 0.82
N GLN A 89 8.40 -4.71 1.45
CA GLN A 89 7.86 -5.98 0.99
C GLN A 89 6.62 -6.34 1.80
N ALA A 90 6.12 -7.57 1.63
CA ALA A 90 4.95 -8.04 2.35
C ALA A 90 5.27 -8.34 3.80
N ASP A 91 6.54 -8.22 4.15
CA ASP A 91 6.99 -8.46 5.51
C ASP A 91 6.85 -7.21 6.37
N ALA A 92 6.64 -6.09 5.70
CA ALA A 92 6.62 -4.81 6.38
C ALA A 92 5.25 -4.51 6.99
N ASN A 93 5.26 -4.02 8.21
CA ASN A 93 4.05 -3.48 8.84
C ASN A 93 3.73 -2.14 8.21
N LEU A 94 2.66 -2.10 7.42
CA LEU A 94 2.34 -0.91 6.67
C LEU A 94 1.00 -0.34 7.09
N LEU A 95 0.99 0.95 7.38
CA LEU A 95 -0.21 1.65 7.78
C LEU A 95 -0.56 2.69 6.71
N PHE A 96 -1.82 3.03 6.59
CA PHE A 96 -2.25 4.08 5.68
C PHE A 96 -3.13 5.06 6.42
N THR A 97 -2.64 6.27 6.62
CA THR A 97 -3.35 7.26 7.39
C THR A 97 -3.20 8.64 6.76
N PRO A 98 -4.26 9.46 6.82
CA PRO A 98 -4.21 10.83 6.32
C PRO A 98 -3.20 11.66 7.11
N GLN A 99 -2.36 12.40 6.39
CA GLN A 99 -1.35 13.24 7.02
C GLN A 99 -1.97 14.58 7.41
N HIS A 100 -3.29 14.58 7.52
CA HIS A 100 -4.03 15.77 7.89
C HIS A 100 -3.59 16.26 9.26
N LYS A 101 -3.12 17.48 9.31
CA LYS A 101 -2.58 18.05 10.54
C LYS A 101 -3.54 19.10 11.09
N MET A 102 -3.77 19.05 12.39
CA MET A 102 -4.65 20.00 13.04
C MET A 102 -3.83 20.98 13.86
N GLY A 1 14.94 18.79 -27.58
CA GLY A 1 15.44 17.60 -26.86
C GLY A 1 14.37 16.96 -26.01
N ILE A 2 13.89 15.79 -26.43
CA ILE A 2 12.91 15.04 -25.67
C ILE A 2 13.51 13.76 -25.14
N ASP A 3 13.00 13.30 -24.01
CA ASP A 3 13.51 12.09 -23.37
C ASP A 3 12.53 10.94 -23.56
N PRO A 4 12.92 9.92 -24.33
CA PRO A 4 12.11 8.72 -24.53
C PRO A 4 12.22 7.75 -23.36
N PHE A 5 11.11 7.49 -22.70
CA PHE A 5 11.09 6.61 -21.54
C PHE A 5 10.64 5.22 -21.96
N THR A 6 11.35 4.20 -21.50
CA THR A 6 11.05 2.83 -21.86
C THR A 6 9.90 2.27 -21.02
N MET A 7 9.00 1.57 -21.69
CA MET A 7 7.87 0.94 -21.01
C MET A 7 7.93 -0.57 -21.21
N LEU A 8 6.87 -1.28 -20.88
CA LEU A 8 6.81 -2.72 -21.11
C LEU A 8 6.62 -2.98 -22.59
N SER A 9 7.71 -3.39 -23.25
CA SER A 9 7.73 -3.57 -24.70
C SER A 9 6.64 -4.52 -25.19
N SER A 10 6.36 -5.57 -24.41
CA SER A 10 5.38 -6.55 -24.81
C SER A 10 4.40 -6.84 -23.68
N GLY A 11 4.31 -5.93 -22.72
CA GLY A 11 3.56 -6.22 -21.51
C GLY A 11 4.18 -7.40 -20.81
N ASP A 12 5.51 -7.38 -20.79
CA ASP A 12 6.34 -8.52 -20.43
C ASP A 12 5.88 -9.26 -19.18
N LEU A 13 6.24 -8.76 -18.00
CA LEU A 13 5.92 -9.46 -16.77
C LEU A 13 5.93 -8.51 -15.58
N THR A 14 5.05 -8.77 -14.63
CA THR A 14 4.99 -8.00 -13.41
C THR A 14 6.05 -8.50 -12.43
N SER A 15 6.68 -7.58 -11.70
CA SER A 15 7.80 -7.95 -10.86
C SER A 15 7.35 -8.22 -9.42
N ALA A 16 7.09 -9.50 -9.14
CA ALA A 16 6.76 -9.97 -7.78
C ALA A 16 5.48 -9.32 -7.23
N SER A 17 4.39 -10.06 -7.29
CA SER A 17 3.11 -9.57 -6.81
C SER A 17 2.68 -10.33 -5.54
N TRP A 18 2.96 -9.73 -4.41
CA TRP A 18 2.73 -10.37 -3.12
C TRP A 18 1.56 -9.73 -2.38
N GLU A 19 1.22 -10.32 -1.23
CA GLU A 19 0.09 -9.85 -0.44
C GLU A 19 0.54 -8.79 0.55
N LEU A 20 0.05 -7.58 0.39
CA LEU A 20 0.39 -6.49 1.29
C LEU A 20 -0.83 -6.06 2.08
N VAL A 21 -0.85 -6.36 3.36
CA VAL A 21 -1.94 -5.95 4.23
C VAL A 21 -1.65 -4.56 4.78
N VAL A 22 -2.52 -3.63 4.47
CA VAL A 22 -2.38 -2.26 4.93
C VAL A 22 -3.53 -1.91 5.86
N ARG A 23 -3.21 -1.42 7.03
CA ARG A 23 -4.24 -1.03 7.99
C ARG A 23 -4.65 0.41 7.77
N VAL A 24 -5.86 0.60 7.30
CA VAL A 24 -6.40 1.93 7.02
C VAL A 24 -7.17 2.45 8.23
N ASP A 25 -6.65 3.49 8.86
CA ASP A 25 -7.32 4.08 10.00
C ASP A 25 -8.06 5.34 9.57
N HIS A 26 -9.33 5.42 9.92
CA HIS A 26 -10.12 6.60 9.64
C HIS A 26 -10.16 7.46 10.89
N ALA A 27 -9.53 8.63 10.81
CA ALA A 27 -9.34 9.48 11.98
C ALA A 27 -10.67 9.93 12.55
N ASN A 28 -11.13 9.22 13.57
CA ASN A 28 -12.40 9.52 14.24
C ASN A 28 -12.63 8.52 15.36
N GLY A 29 -12.33 7.26 15.08
CA GLY A 29 -12.51 6.21 16.06
C GLY A 29 -12.56 4.84 15.42
N GLU A 30 -11.55 4.53 14.61
CA GLU A 30 -11.46 3.23 13.97
C GLU A 30 -10.40 2.37 14.63
N GLN A 31 -10.42 1.09 14.32
CA GLN A 31 -9.41 0.16 14.81
C GLN A 31 -8.56 -0.35 13.65
N GLN A 32 -8.46 0.52 12.65
CA GLN A 32 -7.75 0.25 11.41
C GLN A 32 -8.35 -0.91 10.63
N THR A 33 -8.86 -0.63 9.44
CA THR A 33 -9.35 -1.66 8.54
C THR A 33 -8.17 -2.32 7.85
N GLU A 34 -8.14 -3.64 7.81
CA GLU A 34 -7.00 -4.34 7.24
C GLU A 34 -7.29 -4.75 5.81
N ILE A 35 -6.69 -4.03 4.87
CA ILE A 35 -6.90 -4.26 3.46
C ILE A 35 -5.72 -5.03 2.87
N THR A 36 -6.01 -6.20 2.32
CA THR A 36 -4.96 -7.02 1.71
C THR A 36 -4.88 -6.72 0.23
N LEU A 37 -3.86 -5.97 -0.15
CA LEU A 37 -3.69 -5.55 -1.53
C LEU A 37 -2.75 -6.49 -2.27
N ARG A 38 -3.04 -6.70 -3.54
CA ARG A 38 -2.12 -7.40 -4.42
C ARG A 38 -1.24 -6.36 -5.10
N VAL A 39 0.02 -6.33 -4.69
CA VAL A 39 0.93 -5.30 -5.14
C VAL A 39 2.21 -5.91 -5.66
N SER A 40 2.93 -5.15 -6.46
CA SER A 40 4.14 -5.65 -7.08
C SER A 40 5.32 -4.74 -6.76
N GLY A 41 6.53 -5.26 -6.94
CA GLY A 41 7.73 -4.47 -6.70
C GLY A 41 7.85 -3.32 -7.67
N ASP A 42 7.32 -3.50 -8.87
CA ASP A 42 7.34 -2.46 -9.90
C ASP A 42 6.18 -1.48 -9.72
N LEU A 43 5.38 -1.70 -8.70
CA LEU A 43 4.27 -0.81 -8.40
C LEU A 43 4.74 0.37 -7.57
N HIS A 44 4.38 1.57 -7.99
CA HIS A 44 4.78 2.79 -7.29
C HIS A 44 3.83 3.08 -6.13
N ILE A 45 4.37 3.69 -5.07
CA ILE A 45 3.62 3.96 -3.84
C ILE A 45 2.33 4.72 -4.11
N GLY A 46 2.37 5.65 -5.06
CA GLY A 46 1.19 6.43 -5.41
C GLY A 46 0.03 5.55 -5.85
N GLY A 47 0.34 4.39 -6.39
CA GLY A 47 -0.69 3.47 -6.83
C GLY A 47 -1.23 2.65 -5.68
N VAL A 48 -0.37 2.37 -4.71
CA VAL A 48 -0.74 1.56 -3.56
C VAL A 48 -1.75 2.28 -2.68
N MET A 49 -1.44 3.53 -2.31
CA MET A 49 -2.31 4.31 -1.44
C MET A 49 -3.67 4.55 -2.10
N LEU A 50 -3.66 4.63 -3.42
CA LEU A 50 -4.88 4.82 -4.18
C LEU A 50 -5.73 3.56 -4.15
N LYS A 51 -5.08 2.40 -4.06
CA LYS A 51 -5.79 1.12 -4.02
C LYS A 51 -6.60 0.98 -2.73
N LEU A 52 -6.15 1.62 -1.65
CA LEU A 52 -6.92 1.59 -0.41
C LEU A 52 -8.29 2.22 -0.63
N VAL A 53 -8.30 3.44 -1.16
CA VAL A 53 -9.54 4.12 -1.47
C VAL A 53 -10.35 3.33 -2.50
N GLU A 54 -9.61 2.70 -3.41
CA GLU A 54 -10.20 1.91 -4.49
C GLU A 54 -10.92 0.66 -3.94
N GLN A 55 -10.43 0.12 -2.84
CA GLN A 55 -10.98 -1.10 -2.27
C GLN A 55 -12.34 -0.86 -1.61
N MET A 56 -12.39 0.10 -0.69
CA MET A 56 -13.63 0.36 0.04
C MET A 56 -14.59 1.16 -0.83
N ASN A 57 -14.08 1.72 -1.93
CA ASN A 57 -14.89 2.54 -2.83
C ASN A 57 -15.54 3.69 -2.08
N ILE A 58 -14.72 4.61 -1.62
CA ILE A 58 -15.20 5.76 -0.86
C ILE A 58 -14.79 7.04 -1.56
N ALA A 59 -15.77 7.85 -1.95
CA ALA A 59 -15.49 9.07 -2.67
C ALA A 59 -15.84 10.28 -1.81
N GLN A 60 -15.56 10.17 -0.53
CA GLN A 60 -15.91 11.22 0.41
C GLN A 60 -14.88 11.35 1.52
N ASP A 61 -14.49 12.59 1.79
CA ASP A 61 -13.64 12.95 2.93
C ASP A 61 -12.34 12.16 2.97
N TRP A 62 -11.50 12.35 1.96
CA TRP A 62 -10.14 11.84 2.04
C TRP A 62 -9.18 13.01 2.12
N SER A 63 -8.73 13.50 0.96
CA SER A 63 -7.84 14.66 0.89
C SER A 63 -6.51 14.40 1.60
N ASP A 64 -6.53 14.48 2.92
CA ASP A 64 -5.34 14.30 3.72
C ASP A 64 -5.16 12.83 4.05
N TYR A 65 -4.26 12.18 3.34
CA TYR A 65 -3.95 10.78 3.58
C TYR A 65 -2.50 10.50 3.17
N ALA A 66 -1.85 9.60 3.90
CA ALA A 66 -0.50 9.19 3.57
C ALA A 66 -0.20 7.81 4.16
N LEU A 67 0.84 7.19 3.65
CA LEU A 67 1.19 5.84 4.07
C LEU A 67 2.31 5.88 5.11
N TRP A 68 2.19 5.05 6.12
CA TRP A 68 3.15 5.00 7.22
C TRP A 68 3.78 3.61 7.33
N TRP A 69 5.08 3.55 7.15
CA TRP A 69 5.83 2.31 7.29
C TRP A 69 6.41 2.23 8.70
N GLU A 70 5.89 1.32 9.52
CA GLU A 70 6.21 1.28 10.95
C GLU A 70 7.63 0.81 11.21
N GLN A 71 8.22 0.07 10.28
CA GLN A 71 9.56 -0.47 10.46
C GLN A 71 10.63 0.51 10.02
N LYS A 72 10.21 1.74 9.80
CA LYS A 72 11.10 2.84 9.45
C LYS A 72 10.62 4.11 10.12
N ARG A 73 9.29 4.20 10.25
CA ARG A 73 8.61 5.35 10.82
C ARG A 73 8.88 6.59 10.00
N CYS A 74 8.07 6.71 8.96
CA CYS A 74 8.24 7.71 7.93
C CYS A 74 7.00 7.72 7.05
N TRP A 75 6.68 8.86 6.49
CA TRP A 75 5.52 8.97 5.63
C TRP A 75 5.95 8.80 4.18
N LEU A 76 5.37 7.81 3.52
CA LEU A 76 5.72 7.53 2.14
C LEU A 76 5.22 8.64 1.25
N LEU A 77 6.13 9.52 0.84
CA LEU A 77 5.80 10.59 -0.08
C LEU A 77 6.54 10.35 -1.38
N LYS A 78 7.24 9.22 -1.43
CA LYS A 78 7.90 8.77 -2.64
C LYS A 78 6.89 8.05 -3.52
N THR A 79 5.87 8.79 -3.92
CA THR A 79 4.74 8.23 -4.63
C THR A 79 5.12 7.71 -6.02
N HIS A 80 6.16 8.29 -6.61
CA HIS A 80 6.63 7.84 -7.91
C HIS A 80 7.63 6.68 -7.76
N TRP A 81 8.10 6.47 -6.53
CA TRP A 81 9.00 5.37 -6.24
C TRP A 81 8.22 4.07 -6.13
N THR A 82 8.84 2.98 -6.55
CA THR A 82 8.19 1.68 -6.49
C THR A 82 8.43 1.01 -5.14
N LEU A 83 7.63 0.00 -4.85
CA LEU A 83 7.76 -0.77 -3.62
C LEU A 83 9.16 -1.38 -3.50
N ASP A 84 9.65 -1.88 -4.62
CA ASP A 84 10.95 -2.55 -4.66
C ASP A 84 12.07 -1.53 -4.49
N LYS A 85 11.85 -0.31 -4.96
CA LYS A 85 12.84 0.75 -4.82
C LYS A 85 12.86 1.30 -3.40
N CYS A 86 11.68 1.37 -2.79
CA CYS A 86 11.57 1.83 -1.41
C CYS A 86 12.12 0.78 -0.44
N GLY A 87 11.78 -0.48 -0.68
CA GLY A 87 12.27 -1.55 0.15
C GLY A 87 11.23 -2.08 1.12
N VAL A 88 9.99 -1.63 0.96
CA VAL A 88 8.90 -2.11 1.80
C VAL A 88 8.38 -3.45 1.28
N GLN A 89 8.30 -4.42 2.18
CA GLN A 89 7.92 -5.78 1.80
C GLN A 89 6.56 -6.15 2.37
N ALA A 90 6.10 -7.36 2.05
CA ALA A 90 4.82 -7.87 2.53
C ALA A 90 4.83 -8.08 4.04
N ASP A 91 6.00 -8.43 4.57
CA ASP A 91 6.16 -8.69 5.99
C ASP A 91 6.31 -7.38 6.78
N ALA A 92 6.28 -6.26 6.07
CA ALA A 92 6.44 -4.97 6.70
C ALA A 92 5.10 -4.39 7.12
N ASN A 93 4.96 -4.11 8.41
CA ASN A 93 3.74 -3.51 8.94
C ASN A 93 3.50 -2.15 8.30
N LEU A 94 2.42 -2.03 7.56
CA LEU A 94 2.13 -0.84 6.81
C LEU A 94 0.80 -0.23 7.25
N LEU A 95 0.87 0.99 7.75
CA LEU A 95 -0.30 1.68 8.27
C LEU A 95 -0.71 2.80 7.32
N PHE A 96 -2.00 2.95 7.08
CA PHE A 96 -2.50 4.03 6.26
C PHE A 96 -3.33 4.96 7.13
N THR A 97 -2.79 6.15 7.39
CA THR A 97 -3.41 7.07 8.31
C THR A 97 -3.24 8.51 7.81
N PRO A 98 -4.18 9.41 8.14
CA PRO A 98 -4.06 10.83 7.82
C PRO A 98 -2.78 11.46 8.40
N GLN A 99 -2.23 12.42 7.69
CA GLN A 99 -0.99 13.07 8.11
C GLN A 99 -1.31 14.42 8.73
N HIS A 100 -2.59 14.74 8.77
CA HIS A 100 -3.09 15.96 9.39
C HIS A 100 -2.63 16.06 10.84
N LYS A 101 -2.35 17.28 11.28
CA LYS A 101 -1.92 17.54 12.65
C LYS A 101 -3.00 17.12 13.64
N MET A 102 -2.81 15.95 14.24
CA MET A 102 -3.76 15.41 15.19
C MET A 102 -3.01 14.70 16.31
N GLY A 1 -24.15 -4.01 -31.36
CA GLY A 1 -25.36 -4.49 -30.65
C GLY A 1 -25.29 -4.21 -29.17
N ILE A 2 -25.34 -5.25 -28.36
CA ILE A 2 -25.12 -5.11 -26.94
C ILE A 2 -23.67 -5.50 -26.62
N ASP A 3 -22.80 -4.52 -26.63
CA ASP A 3 -21.38 -4.76 -26.50
C ASP A 3 -20.87 -4.31 -25.14
N PRO A 4 -20.00 -5.11 -24.51
CA PRO A 4 -19.46 -4.81 -23.19
C PRO A 4 -18.36 -3.78 -23.23
N PHE A 5 -18.68 -2.56 -22.85
CA PHE A 5 -17.69 -1.49 -22.76
C PHE A 5 -17.49 -1.11 -21.30
N THR A 6 -18.41 -1.56 -20.46
CA THR A 6 -18.38 -1.24 -19.04
C THR A 6 -17.18 -1.89 -18.37
N MET A 7 -17.02 -3.19 -18.57
CA MET A 7 -15.90 -3.92 -18.00
C MET A 7 -14.90 -4.29 -19.08
N LEU A 8 -13.62 -3.98 -18.83
CA LEU A 8 -12.57 -4.29 -19.78
C LEU A 8 -11.56 -5.23 -19.14
N SER A 9 -11.72 -6.51 -19.41
CA SER A 9 -10.83 -7.53 -18.88
C SER A 9 -10.27 -8.37 -20.00
N SER A 10 -9.00 -8.17 -20.30
CA SER A 10 -8.34 -8.88 -21.38
C SER A 10 -7.08 -9.56 -20.86
N GLY A 11 -6.93 -9.59 -19.55
CA GLY A 11 -5.77 -10.21 -18.94
C GLY A 11 -4.82 -9.18 -18.38
N ASP A 12 -5.11 -8.72 -17.18
CA ASP A 12 -4.26 -7.72 -16.51
C ASP A 12 -3.00 -8.39 -15.97
N LEU A 13 -1.89 -8.15 -16.63
CA LEU A 13 -0.63 -8.79 -16.28
C LEU A 13 -0.17 -8.41 -14.88
N THR A 14 -0.08 -9.41 -14.02
CA THR A 14 0.42 -9.22 -12.67
C THR A 14 1.44 -10.30 -12.34
N SER A 15 2.66 -9.88 -12.06
CA SER A 15 3.73 -10.81 -11.79
C SER A 15 4.59 -10.32 -10.62
N ALA A 16 5.18 -11.28 -9.89
CA ALA A 16 6.09 -10.98 -8.78
C ALA A 16 5.39 -10.14 -7.73
N SER A 17 4.10 -10.39 -7.55
CA SER A 17 3.28 -9.61 -6.65
C SER A 17 3.04 -10.35 -5.35
N TRP A 18 2.98 -9.59 -4.27
CA TRP A 18 2.81 -10.14 -2.95
C TRP A 18 1.65 -9.45 -2.25
N GLU A 19 1.15 -10.08 -1.19
CA GLU A 19 -0.01 -9.56 -0.48
C GLU A 19 0.43 -8.70 0.70
N LEU A 20 0.20 -7.41 0.57
CA LEU A 20 0.48 -6.47 1.66
C LEU A 20 -0.83 -6.15 2.34
N VAL A 21 -0.97 -6.57 3.59
CA VAL A 21 -2.13 -6.16 4.35
C VAL A 21 -1.89 -4.77 4.91
N VAL A 22 -2.70 -3.82 4.45
CA VAL A 22 -2.54 -2.45 4.86
C VAL A 22 -3.66 -2.08 5.80
N ARG A 23 -3.31 -1.76 7.04
CA ARG A 23 -4.31 -1.38 8.01
C ARG A 23 -4.62 0.10 7.88
N VAL A 24 -5.83 0.39 7.43
CA VAL A 24 -6.26 1.75 7.23
C VAL A 24 -6.81 2.32 8.52
N ASP A 25 -6.13 3.32 9.05
CA ASP A 25 -6.54 3.97 10.28
C ASP A 25 -7.35 5.20 9.94
N HIS A 26 -8.65 5.10 10.11
CA HIS A 26 -9.53 6.22 9.85
C HIS A 26 -9.37 7.22 10.99
N ALA A 27 -8.48 8.19 10.77
CA ALA A 27 -8.07 9.13 11.80
C ALA A 27 -9.27 9.80 12.47
N ASN A 28 -9.24 9.81 13.80
CA ASN A 28 -10.30 10.42 14.63
C ASN A 28 -11.53 9.53 14.70
N GLY A 29 -11.54 8.49 13.89
CA GLY A 29 -12.58 7.48 13.97
C GLY A 29 -12.09 6.28 14.76
N GLU A 30 -10.76 6.13 14.79
CA GLU A 30 -10.07 5.11 15.58
C GLU A 30 -10.20 3.71 14.98
N GLN A 31 -11.04 3.57 13.97
CA GLN A 31 -11.26 2.26 13.37
C GLN A 31 -10.20 1.97 12.32
N GLN A 32 -9.53 0.84 12.47
CA GLN A 32 -8.53 0.41 11.50
C GLN A 32 -9.07 -0.77 10.71
N THR A 33 -9.04 -0.64 9.40
CA THR A 33 -9.51 -1.69 8.52
C THR A 33 -8.32 -2.41 7.89
N GLU A 34 -8.41 -3.73 7.78
CA GLU A 34 -7.31 -4.50 7.20
C GLU A 34 -7.59 -4.78 5.73
N ILE A 35 -6.91 -4.03 4.88
CA ILE A 35 -7.06 -4.20 3.44
C ILE A 35 -5.82 -4.88 2.87
N THR A 36 -5.95 -6.16 2.53
CA THR A 36 -4.84 -6.91 2.00
C THR A 36 -4.78 -6.76 0.49
N LEU A 37 -3.83 -5.95 0.04
CA LEU A 37 -3.71 -5.65 -1.38
C LEU A 37 -2.66 -6.52 -2.03
N ARG A 38 -2.97 -7.02 -3.21
CA ARG A 38 -2.00 -7.77 -3.98
C ARG A 38 -1.27 -6.81 -4.91
N VAL A 39 -0.02 -6.55 -4.60
CA VAL A 39 0.72 -5.49 -5.25
C VAL A 39 2.04 -5.99 -5.83
N SER A 40 2.44 -5.39 -6.94
CA SER A 40 3.69 -5.73 -7.59
C SER A 40 4.83 -4.87 -7.05
N GLY A 41 6.06 -5.34 -7.23
CA GLY A 41 7.20 -4.58 -6.79
C GLY A 41 7.46 -3.39 -7.69
N ASP A 42 7.03 -3.52 -8.94
CA ASP A 42 7.18 -2.46 -9.93
C ASP A 42 6.07 -1.41 -9.79
N LEU A 43 5.17 -1.64 -8.84
CA LEU A 43 4.10 -0.70 -8.57
C LEU A 43 4.63 0.44 -7.71
N HIS A 44 4.32 1.67 -8.12
CA HIS A 44 4.76 2.86 -7.38
C HIS A 44 3.87 3.07 -6.15
N ILE A 45 4.48 3.61 -5.09
CA ILE A 45 3.80 3.82 -3.81
C ILE A 45 2.48 4.59 -3.98
N GLY A 46 2.50 5.63 -4.79
CA GLY A 46 1.31 6.43 -5.03
C GLY A 46 0.15 5.61 -5.57
N GLY A 47 0.46 4.53 -6.28
CA GLY A 47 -0.57 3.67 -6.81
C GLY A 47 -1.25 2.89 -5.72
N VAL A 48 -0.44 2.38 -4.79
CA VAL A 48 -0.97 1.67 -3.63
C VAL A 48 -1.83 2.61 -2.78
N MET A 49 -1.33 3.83 -2.60
CA MET A 49 -2.04 4.86 -1.84
C MET A 49 -3.46 5.06 -2.38
N LEU A 50 -3.58 5.09 -3.70
CA LEU A 50 -4.88 5.24 -4.34
C LEU A 50 -5.69 3.95 -4.22
N LYS A 51 -5.02 2.82 -4.30
CA LYS A 51 -5.67 1.52 -4.29
C LYS A 51 -6.29 1.20 -2.93
N LEU A 52 -5.83 1.84 -1.86
CA LEU A 52 -6.50 1.71 -0.58
C LEU A 52 -7.93 2.24 -0.68
N VAL A 53 -8.08 3.42 -1.27
CA VAL A 53 -9.40 4.01 -1.47
C VAL A 53 -10.14 3.26 -2.56
N GLU A 54 -9.40 2.77 -3.55
CA GLU A 54 -9.95 1.94 -4.61
C GLU A 54 -10.59 0.67 -4.04
N GLN A 55 -9.84 -0.01 -3.20
CA GLN A 55 -10.28 -1.28 -2.61
C GLN A 55 -11.37 -1.06 -1.57
N MET A 56 -11.11 -0.19 -0.60
CA MET A 56 -12.04 0.05 0.49
C MET A 56 -13.29 0.73 -0.05
N ASN A 57 -13.10 1.47 -1.15
CA ASN A 57 -14.19 2.07 -1.90
C ASN A 57 -15.04 2.99 -1.04
N ILE A 58 -14.49 4.17 -0.75
CA ILE A 58 -15.18 5.15 0.08
C ILE A 58 -15.03 6.54 -0.52
N ALA A 59 -16.06 7.01 -1.21
CA ALA A 59 -16.04 8.35 -1.78
C ALA A 59 -16.42 9.37 -0.71
N GLN A 60 -15.41 10.04 -0.17
CA GLN A 60 -15.62 11.06 0.83
C GLN A 60 -14.44 12.02 0.83
N ASP A 61 -14.43 12.95 1.78
CA ASP A 61 -13.32 13.89 1.92
C ASP A 61 -12.18 13.23 2.68
N TRP A 62 -11.19 12.77 1.94
CA TRP A 62 -10.00 12.18 2.55
C TRP A 62 -8.97 13.26 2.79
N SER A 63 -9.01 14.29 1.95
CA SER A 63 -8.10 15.43 2.03
C SER A 63 -6.67 15.02 1.72
N ASP A 64 -6.06 14.29 2.64
CA ASP A 64 -4.69 13.86 2.50
C ASP A 64 -4.56 12.45 3.04
N TYR A 65 -3.82 11.64 2.33
CA TYR A 65 -3.64 10.24 2.70
C TYR A 65 -2.27 9.75 2.27
N ALA A 66 -1.66 8.91 3.08
CA ALA A 66 -0.35 8.34 2.76
C ALA A 66 -0.08 7.10 3.59
N LEU A 67 1.00 6.40 3.27
CA LEU A 67 1.36 5.21 4.00
C LEU A 67 2.34 5.53 5.13
N TRP A 68 2.05 4.97 6.30
CA TRP A 68 2.92 5.11 7.45
C TRP A 68 3.66 3.81 7.69
N TRP A 69 4.97 3.85 7.49
CA TRP A 69 5.80 2.68 7.73
C TRP A 69 6.31 2.73 9.17
N GLU A 70 5.78 1.84 10.00
CA GLU A 70 6.08 1.86 11.43
C GLU A 70 7.54 1.51 11.69
N GLN A 71 8.10 0.64 10.85
CA GLN A 71 9.45 0.14 11.04
C GLN A 71 10.49 1.22 10.70
N LYS A 72 10.03 2.33 10.12
CA LYS A 72 10.95 3.40 9.75
C LYS A 72 10.54 4.73 10.38
N ARG A 73 9.32 4.77 10.94
CA ARG A 73 8.76 6.00 11.49
C ARG A 73 8.70 7.09 10.43
N CYS A 74 8.39 6.69 9.20
CA CYS A 74 8.45 7.58 8.07
C CYS A 74 7.18 7.49 7.24
N TRP A 75 6.79 8.59 6.62
CA TRP A 75 5.61 8.63 5.79
C TRP A 75 6.00 8.42 4.33
N LEU A 76 5.31 7.51 3.67
CA LEU A 76 5.59 7.25 2.27
C LEU A 76 5.00 8.36 1.41
N LEU A 77 5.87 9.24 0.95
CA LEU A 77 5.48 10.29 0.03
C LEU A 77 6.24 10.10 -1.27
N LYS A 78 6.92 8.96 -1.36
CA LYS A 78 7.65 8.59 -2.56
C LYS A 78 6.68 8.02 -3.58
N THR A 79 5.84 8.89 -4.13
CA THR A 79 4.77 8.48 -5.02
C THR A 79 5.33 7.96 -6.35
N HIS A 80 6.51 8.44 -6.72
CA HIS A 80 7.16 8.02 -7.96
C HIS A 80 7.94 6.73 -7.73
N TRP A 81 8.41 6.54 -6.50
CA TRP A 81 9.18 5.35 -6.16
C TRP A 81 8.29 4.12 -6.11
N THR A 82 8.84 3.01 -6.55
CA THR A 82 8.13 1.75 -6.54
C THR A 82 8.33 1.03 -5.20
N LEU A 83 7.45 0.07 -4.92
CA LEU A 83 7.50 -0.69 -3.67
C LEU A 83 8.86 -1.35 -3.48
N ASP A 84 9.34 -2.02 -4.52
CA ASP A 84 10.61 -2.75 -4.46
C ASP A 84 11.78 -1.79 -4.31
N LYS A 85 11.65 -0.60 -4.89
CA LYS A 85 12.69 0.40 -4.81
C LYS A 85 12.71 1.03 -3.42
N CYS A 86 11.52 1.26 -2.87
CA CYS A 86 11.40 1.82 -1.54
C CYS A 86 11.99 0.87 -0.49
N GLY A 87 11.69 -0.41 -0.62
CA GLY A 87 12.24 -1.39 0.28
C GLY A 87 11.17 -2.08 1.11
N VAL A 88 9.96 -1.57 1.03
CA VAL A 88 8.85 -2.14 1.78
C VAL A 88 8.28 -3.37 1.06
N GLN A 89 8.46 -4.52 1.67
CA GLN A 89 7.93 -5.78 1.15
C GLN A 89 6.71 -6.22 1.96
N ALA A 90 6.21 -7.41 1.67
CA ALA A 90 4.99 -7.91 2.31
C ALA A 90 5.22 -8.22 3.78
N ASP A 91 6.49 -8.28 4.18
CA ASP A 91 6.85 -8.63 5.55
C ASP A 91 6.97 -7.39 6.43
N ALA A 92 6.53 -6.26 5.93
CA ALA A 92 6.60 -5.01 6.68
C ALA A 92 5.22 -4.57 7.16
N ASN A 93 5.18 -3.89 8.30
CA ASN A 93 3.92 -3.35 8.82
C ASN A 93 3.65 -1.99 8.19
N LEU A 94 2.54 -1.91 7.47
CA LEU A 94 2.20 -0.70 6.75
C LEU A 94 0.83 -0.20 7.16
N LEU A 95 0.80 0.99 7.73
CA LEU A 95 -0.44 1.61 8.20
C LEU A 95 -0.87 2.71 7.23
N PHE A 96 -2.13 2.75 6.87
CA PHE A 96 -2.61 3.80 5.99
C PHE A 96 -3.50 4.77 6.76
N THR A 97 -2.99 5.96 7.00
CA THR A 97 -3.73 6.97 7.73
C THR A 97 -3.40 8.36 7.15
N PRO A 98 -4.34 9.32 7.24
CA PRO A 98 -4.08 10.70 6.85
C PRO A 98 -2.82 11.26 7.52
N GLN A 99 -2.06 12.05 6.78
CA GLN A 99 -0.80 12.60 7.28
C GLN A 99 -1.05 13.92 7.99
N HIS A 100 -2.25 14.45 7.79
CA HIS A 100 -2.74 15.63 8.52
C HIS A 100 -1.99 16.90 8.13
N LYS A 101 -1.46 16.92 6.92
CA LYS A 101 -0.81 18.12 6.40
C LYS A 101 -0.60 18.02 4.90
N MET A 102 -1.41 18.76 4.16
CA MET A 102 -1.29 18.81 2.71
C MET A 102 -1.41 20.26 2.23
N GLY A 1 -17.02 -14.55 -13.59
CA GLY A 1 -16.06 -15.04 -12.57
C GLY A 1 -15.09 -13.96 -12.14
N ILE A 2 -14.19 -14.32 -11.24
CA ILE A 2 -13.20 -13.38 -10.74
C ILE A 2 -11.93 -13.41 -11.59
N ASP A 3 -11.65 -14.57 -12.16
CA ASP A 3 -10.43 -14.77 -12.93
C ASP A 3 -10.59 -14.29 -14.37
N PRO A 4 -9.78 -13.32 -14.80
CA PRO A 4 -9.78 -12.82 -16.16
C PRO A 4 -9.00 -13.74 -17.10
N PHE A 5 -7.68 -13.74 -16.94
CA PHE A 5 -6.81 -14.62 -17.70
C PHE A 5 -5.75 -15.21 -16.77
N THR A 6 -6.14 -16.23 -16.00
CA THR A 6 -5.21 -16.89 -15.09
C THR A 6 -5.87 -18.11 -14.44
N MET A 7 -5.05 -19.00 -13.91
CA MET A 7 -5.54 -20.18 -13.22
C MET A 7 -4.60 -20.55 -12.08
N LEU A 8 -3.67 -19.66 -11.78
CA LEU A 8 -2.67 -19.92 -10.76
C LEU A 8 -2.48 -18.70 -9.85
N SER A 9 -1.82 -18.90 -8.73
CA SER A 9 -1.53 -17.83 -7.81
C SER A 9 -0.03 -17.55 -7.78
N SER A 10 0.35 -16.31 -8.07
CA SER A 10 1.74 -15.88 -8.03
C SER A 10 2.59 -16.66 -9.04
N GLY A 11 1.96 -17.10 -10.11
CA GLY A 11 2.65 -17.90 -11.11
C GLY A 11 3.56 -17.05 -11.98
N ASP A 12 3.17 -15.81 -12.21
CA ASP A 12 4.00 -14.90 -13.00
C ASP A 12 5.04 -14.24 -12.10
N LEU A 13 6.12 -13.79 -12.72
CA LEU A 13 7.16 -13.09 -11.99
C LEU A 13 7.49 -11.77 -12.70
N THR A 14 6.91 -11.58 -13.88
CA THR A 14 7.11 -10.36 -14.65
C THR A 14 6.50 -9.16 -13.94
N SER A 15 5.50 -9.40 -13.10
CA SER A 15 4.89 -8.33 -12.33
C SER A 15 5.56 -8.21 -10.96
N ALA A 16 6.07 -9.33 -10.45
CA ALA A 16 6.65 -9.40 -9.12
C ALA A 16 5.62 -8.97 -8.08
N SER A 17 4.43 -9.55 -8.18
CA SER A 17 3.32 -9.19 -7.31
C SER A 17 3.30 -10.08 -6.06
N TRP A 18 2.87 -9.48 -4.97
CA TRP A 18 2.73 -10.18 -3.70
C TRP A 18 1.61 -9.56 -2.87
N GLU A 19 1.11 -10.31 -1.90
CA GLU A 19 0.00 -9.85 -1.08
C GLU A 19 0.49 -9.01 0.08
N LEU A 20 0.25 -7.71 -0.01
CA LEU A 20 0.65 -6.77 1.03
C LEU A 20 -0.55 -6.37 1.87
N VAL A 21 -0.47 -6.59 3.17
CA VAL A 21 -1.55 -6.19 4.06
C VAL A 21 -1.24 -4.80 4.63
N VAL A 22 -2.13 -3.87 4.36
CA VAL A 22 -1.97 -2.50 4.82
C VAL A 22 -3.07 -2.15 5.80
N ARG A 23 -2.68 -1.70 6.98
CA ARG A 23 -3.63 -1.29 7.99
C ARG A 23 -4.06 0.15 7.74
N VAL A 24 -5.35 0.35 7.57
CA VAL A 24 -5.88 1.68 7.34
C VAL A 24 -6.30 2.32 8.65
N ASP A 25 -5.75 3.49 8.93
CA ASP A 25 -6.08 4.22 10.14
C ASP A 25 -7.15 5.24 9.84
N HIS A 26 -8.31 5.04 10.42
CA HIS A 26 -9.47 5.87 10.14
C HIS A 26 -9.47 7.09 11.04
N ALA A 27 -9.88 8.22 10.49
CA ALA A 27 -9.84 9.49 11.19
C ALA A 27 -10.67 9.44 12.46
N ASN A 28 -9.98 9.58 13.60
CA ASN A 28 -10.62 9.56 14.93
C ASN A 28 -11.20 8.17 15.22
N GLY A 29 -10.79 7.18 14.45
CA GLY A 29 -11.26 5.83 14.66
C GLY A 29 -10.15 4.89 15.03
N GLU A 30 -10.32 4.17 16.14
CA GLU A 30 -9.32 3.23 16.62
C GLU A 30 -9.38 1.93 15.85
N GLN A 31 -10.46 1.76 15.09
CA GLN A 31 -10.64 0.58 14.27
C GLN A 31 -9.79 0.70 13.01
N GLN A 32 -8.67 0.02 13.00
CA GLN A 32 -7.76 0.04 11.87
C GLN A 32 -7.99 -1.18 11.00
N THR A 33 -8.51 -0.94 9.80
CA THR A 33 -8.88 -2.02 8.89
C THR A 33 -7.65 -2.59 8.21
N GLU A 34 -7.57 -3.92 8.12
CA GLU A 34 -6.44 -4.56 7.47
C GLU A 34 -6.79 -4.94 6.03
N ILE A 35 -6.26 -4.18 5.10
CA ILE A 35 -6.54 -4.40 3.70
C ILE A 35 -5.40 -5.15 3.03
N THR A 36 -5.70 -6.35 2.56
CA THR A 36 -4.69 -7.17 1.91
C THR A 36 -4.77 -6.98 0.40
N LEU A 37 -3.83 -6.23 -0.13
CA LEU A 37 -3.81 -5.92 -1.55
C LEU A 37 -2.75 -6.74 -2.25
N ARG A 38 -3.06 -7.17 -3.46
CA ARG A 38 -2.08 -7.84 -4.28
C ARG A 38 -1.40 -6.79 -5.14
N VAL A 39 -0.14 -6.53 -4.83
CA VAL A 39 0.58 -5.43 -5.46
C VAL A 39 1.88 -5.91 -6.05
N SER A 40 2.29 -5.28 -7.12
CA SER A 40 3.54 -5.61 -7.78
C SER A 40 4.68 -4.78 -7.19
N GLY A 41 5.87 -5.35 -7.16
CA GLY A 41 7.02 -4.62 -6.67
C GLY A 41 7.29 -3.39 -7.50
N ASP A 42 6.98 -3.46 -8.78
CA ASP A 42 7.21 -2.36 -9.72
C ASP A 42 6.09 -1.33 -9.62
N LEU A 43 5.15 -1.55 -8.71
CA LEU A 43 4.08 -0.60 -8.49
C LEU A 43 4.58 0.57 -7.64
N HIS A 44 4.30 1.78 -8.09
CA HIS A 44 4.72 2.99 -7.37
C HIS A 44 3.80 3.25 -6.18
N ILE A 45 4.39 3.81 -5.11
CA ILE A 45 3.67 4.05 -3.85
C ILE A 45 2.36 4.80 -4.06
N GLY A 46 2.38 5.80 -4.92
CA GLY A 46 1.18 6.60 -5.18
C GLY A 46 0.02 5.78 -5.69
N GLY A 47 0.32 4.63 -6.30
CA GLY A 47 -0.72 3.77 -6.81
C GLY A 47 -1.31 2.91 -5.71
N VAL A 48 -0.46 2.47 -4.80
CA VAL A 48 -0.89 1.68 -3.65
C VAL A 48 -1.81 2.50 -2.76
N MET A 49 -1.41 3.74 -2.54
CA MET A 49 -2.19 4.69 -1.73
C MET A 49 -3.62 4.80 -2.25
N LEU A 50 -3.77 4.80 -3.57
CA LEU A 50 -5.08 4.88 -4.18
C LEU A 50 -5.86 3.58 -4.00
N LYS A 51 -5.15 2.46 -4.14
CA LYS A 51 -5.78 1.14 -4.04
C LYS A 51 -6.39 0.90 -2.67
N LEU A 52 -5.84 1.53 -1.64
CA LEU A 52 -6.38 1.43 -0.29
C LEU A 52 -7.80 1.98 -0.24
N VAL A 53 -8.00 3.15 -0.82
CA VAL A 53 -9.30 3.83 -0.78
C VAL A 53 -10.36 3.04 -1.56
N GLU A 54 -10.02 2.67 -2.79
CA GLU A 54 -10.96 1.98 -3.68
C GLU A 54 -11.33 0.58 -3.17
N GLN A 55 -10.43 -0.02 -2.40
CA GLN A 55 -10.68 -1.37 -1.87
C GLN A 55 -11.79 -1.34 -0.81
N MET A 56 -11.87 -0.25 -0.07
CA MET A 56 -12.88 -0.14 0.98
C MET A 56 -14.11 0.63 0.46
N ASN A 57 -13.86 1.78 -0.15
CA ASN A 57 -14.92 2.68 -0.60
C ASN A 57 -15.86 3.04 0.53
N ILE A 58 -15.36 3.83 1.47
CA ILE A 58 -16.16 4.28 2.59
C ILE A 58 -16.52 5.75 2.39
N ALA A 59 -17.74 6.12 2.77
CA ALA A 59 -18.20 7.48 2.57
C ALA A 59 -17.60 8.42 3.62
N GLN A 60 -16.37 8.85 3.36
CA GLN A 60 -15.71 9.84 4.19
C GLN A 60 -14.79 10.68 3.34
N ASP A 61 -14.25 11.73 3.92
CA ASP A 61 -13.33 12.61 3.21
C ASP A 61 -11.88 12.32 3.62
N TRP A 62 -11.13 11.72 2.71
CA TRP A 62 -9.71 11.48 2.94
C TRP A 62 -8.94 12.77 2.68
N SER A 63 -9.05 13.25 1.44
CA SER A 63 -8.42 14.50 1.00
C SER A 63 -6.90 14.39 1.03
N ASP A 64 -6.31 14.62 2.19
CA ASP A 64 -4.86 14.53 2.33
C ASP A 64 -4.49 13.15 2.84
N TYR A 65 -4.55 12.18 1.96
CA TYR A 65 -4.22 10.81 2.34
C TYR A 65 -2.77 10.51 2.02
N ALA A 66 -2.13 9.71 2.88
CA ALA A 66 -0.73 9.37 2.70
C ALA A 66 -0.43 8.03 3.34
N LEU A 67 0.75 7.49 3.07
CA LEU A 67 1.11 6.17 3.55
C LEU A 67 2.16 6.30 4.64
N TRP A 68 2.01 5.50 5.69
CA TRP A 68 2.89 5.54 6.85
C TRP A 68 3.51 4.17 7.09
N TRP A 69 4.83 4.13 7.16
CA TRP A 69 5.52 2.90 7.46
C TRP A 69 5.81 2.85 8.96
N GLU A 70 5.12 1.94 9.65
CA GLU A 70 5.18 1.88 11.11
C GLU A 70 6.57 1.45 11.59
N GLN A 71 7.18 0.54 10.83
CA GLN A 71 8.48 0.00 11.20
C GLN A 71 9.58 1.05 11.14
N LYS A 72 9.41 2.06 10.29
CA LYS A 72 10.46 3.05 10.08
C LYS A 72 10.06 4.44 10.56
N ARG A 73 8.79 4.59 10.97
CA ARG A 73 8.27 5.87 11.46
C ARG A 73 8.36 6.94 10.38
N CYS A 74 8.02 6.59 9.16
CA CYS A 74 8.17 7.49 8.03
C CYS A 74 6.90 7.59 7.21
N TRP A 75 6.69 8.76 6.61
CA TRP A 75 5.57 8.96 5.69
C TRP A 75 6.10 8.76 4.28
N LEU A 76 5.49 7.86 3.53
CA LEU A 76 5.93 7.59 2.18
C LEU A 76 5.53 8.75 1.28
N LEU A 77 6.50 9.59 0.95
CA LEU A 77 6.29 10.67 0.00
C LEU A 77 7.01 10.34 -1.29
N LYS A 78 7.55 9.14 -1.33
CA LYS A 78 8.21 8.62 -2.52
C LYS A 78 7.15 8.04 -3.46
N THR A 79 6.20 8.89 -3.84
CA THR A 79 5.03 8.47 -4.60
C THR A 79 5.40 7.90 -5.97
N HIS A 80 6.50 8.39 -6.54
CA HIS A 80 6.96 7.93 -7.84
C HIS A 80 7.82 6.68 -7.69
N TRP A 81 8.37 6.49 -6.49
CA TRP A 81 9.19 5.33 -6.20
C TRP A 81 8.33 4.08 -6.10
N THR A 82 8.92 2.95 -6.39
CA THR A 82 8.19 1.69 -6.38
C THR A 82 8.39 0.97 -5.05
N LEU A 83 7.60 -0.08 -4.84
CA LEU A 83 7.65 -0.84 -3.61
C LEU A 83 9.02 -1.48 -3.39
N ASP A 84 9.59 -2.03 -4.45
CA ASP A 84 10.90 -2.66 -4.37
C ASP A 84 11.98 -1.63 -4.10
N LYS A 85 11.87 -0.51 -4.80
CA LYS A 85 12.81 0.61 -4.66
C LYS A 85 12.81 1.16 -3.24
N CYS A 86 11.64 1.21 -2.62
CA CYS A 86 11.52 1.67 -1.24
C CYS A 86 12.06 0.62 -0.28
N GLY A 87 11.80 -0.65 -0.58
CA GLY A 87 12.31 -1.72 0.25
C GLY A 87 11.30 -2.21 1.26
N VAL A 88 10.02 -2.01 0.96
CA VAL A 88 8.96 -2.46 1.84
C VAL A 88 8.34 -3.76 1.30
N GLN A 89 8.44 -4.81 2.11
CA GLN A 89 7.93 -6.12 1.73
C GLN A 89 6.50 -6.33 2.27
N ALA A 90 5.98 -7.53 2.05
CA ALA A 90 4.59 -7.85 2.38
C ALA A 90 4.40 -8.14 3.86
N ASP A 91 5.50 -8.34 4.57
CA ASP A 91 5.44 -8.67 5.99
C ASP A 91 5.60 -7.42 6.83
N ALA A 92 5.79 -6.29 6.16
CA ALA A 92 5.96 -5.02 6.84
C ALA A 92 4.62 -4.46 7.28
N ASN A 93 4.52 -4.05 8.54
CA ASN A 93 3.31 -3.41 9.03
C ASN A 93 3.18 -2.03 8.44
N LEU A 94 2.40 -1.93 7.37
CA LEU A 94 2.22 -0.68 6.66
C LEU A 94 0.89 -0.06 7.06
N LEU A 95 0.89 1.24 7.31
CA LEU A 95 -0.29 1.94 7.78
C LEU A 95 -0.71 3.00 6.77
N PHE A 96 -1.99 3.04 6.44
CA PHE A 96 -2.52 4.06 5.56
C PHE A 96 -3.43 4.99 6.35
N THR A 97 -2.99 6.22 6.53
CA THR A 97 -3.74 7.19 7.29
C THR A 97 -3.63 8.57 6.65
N PRO A 98 -4.71 9.37 6.67
CA PRO A 98 -4.67 10.74 6.16
C PRO A 98 -3.73 11.60 7.01
N GLN A 99 -2.90 12.38 6.35
CA GLN A 99 -1.90 13.18 7.04
C GLN A 99 -2.52 14.44 7.64
N HIS A 100 -3.40 14.23 8.60
CA HIS A 100 -4.01 15.31 9.35
C HIS A 100 -3.69 15.13 10.84
N LYS A 101 -2.69 15.85 11.30
CA LYS A 101 -2.28 15.74 12.69
C LYS A 101 -1.97 17.13 13.25
N MET A 102 -2.31 17.33 14.50
CA MET A 102 -1.95 18.56 15.19
C MET A 102 -0.57 18.42 15.81
N GLY A 1 12.77 -28.80 3.01
CA GLY A 1 12.47 -29.78 4.08
C GLY A 1 12.52 -31.20 3.58
N ILE A 2 12.47 -32.16 4.49
CA ILE A 2 12.57 -33.57 4.13
C ILE A 2 11.19 -34.18 3.99
N ASP A 3 10.35 -33.95 4.99
CA ASP A 3 8.99 -34.50 5.00
C ASP A 3 8.04 -33.68 4.15
N PRO A 4 7.91 -32.35 4.40
CA PRO A 4 7.01 -31.49 3.63
C PRO A 4 7.45 -31.37 2.18
N PHE A 5 6.53 -31.61 1.26
CA PHE A 5 6.81 -31.51 -0.16
C PHE A 5 6.60 -30.07 -0.64
N THR A 6 6.06 -29.23 0.25
CA THR A 6 5.89 -27.83 -0.07
C THR A 6 7.13 -27.04 0.36
N MET A 7 7.59 -26.15 -0.52
CA MET A 7 8.76 -25.34 -0.21
C MET A 7 8.43 -24.31 0.86
N LEU A 8 9.25 -24.26 1.89
CA LEU A 8 9.02 -23.35 3.00
C LEU A 8 9.67 -21.99 2.74
N SER A 9 10.20 -21.81 1.53
CA SER A 9 10.85 -20.56 1.16
C SER A 9 9.82 -19.49 0.80
N SER A 10 8.61 -19.92 0.43
CA SER A 10 7.51 -19.04 0.06
C SER A 10 7.75 -18.37 -1.30
N GLY A 11 8.90 -17.73 -1.45
CA GLY A 11 9.25 -17.10 -2.71
C GLY A 11 10.69 -17.40 -3.09
N ASP A 12 10.97 -17.39 -4.38
CA ASP A 12 12.32 -17.69 -4.85
C ASP A 12 13.11 -16.40 -5.05
N LEU A 13 14.26 -16.49 -5.70
CA LEU A 13 15.11 -15.32 -5.92
C LEU A 13 14.60 -14.52 -7.11
N THR A 14 13.38 -14.02 -6.98
CA THR A 14 12.73 -13.22 -8.01
C THR A 14 11.58 -12.44 -7.39
N SER A 15 11.32 -11.24 -7.91
CA SER A 15 10.20 -10.46 -7.44
C SER A 15 8.89 -11.02 -7.98
N ALA A 16 7.79 -10.53 -7.44
CA ALA A 16 6.47 -11.00 -7.80
C ALA A 16 5.40 -10.09 -7.23
N SER A 17 4.15 -10.46 -7.45
CA SER A 17 3.02 -9.76 -6.85
C SER A 17 2.71 -10.37 -5.49
N TRP A 18 3.06 -9.64 -4.46
CA TRP A 18 2.91 -10.10 -3.10
C TRP A 18 1.80 -9.32 -2.40
N GLU A 19 1.12 -9.96 -1.48
CA GLU A 19 -0.01 -9.34 -0.81
C GLU A 19 0.43 -8.66 0.48
N LEU A 20 0.13 -7.39 0.56
CA LEU A 20 0.52 -6.57 1.69
C LEU A 20 -0.71 -6.16 2.49
N VAL A 21 -0.64 -6.36 3.80
CA VAL A 21 -1.73 -5.94 4.67
C VAL A 21 -1.48 -4.51 5.14
N VAL A 22 -2.38 -3.63 4.78
CA VAL A 22 -2.27 -2.22 5.14
C VAL A 22 -3.45 -1.82 6.01
N ARG A 23 -3.18 -1.34 7.21
CA ARG A 23 -4.23 -0.92 8.12
C ARG A 23 -4.56 0.54 7.87
N VAL A 24 -5.80 0.79 7.47
CA VAL A 24 -6.23 2.15 7.19
C VAL A 24 -6.78 2.79 8.46
N ASP A 25 -6.24 3.94 8.82
CA ASP A 25 -6.68 4.65 10.01
C ASP A 25 -7.68 5.72 9.62
N HIS A 26 -8.91 5.54 10.06
CA HIS A 26 -9.97 6.47 9.75
C HIS A 26 -10.33 7.31 10.96
N ALA A 27 -9.84 8.54 10.96
CA ALA A 27 -10.17 9.48 12.01
C ALA A 27 -11.64 9.84 11.95
N ASN A 28 -12.25 10.04 13.12
CA ASN A 28 -13.70 10.28 13.23
C ASN A 28 -14.45 8.99 12.93
N GLY A 29 -13.71 7.89 12.96
CA GLY A 29 -14.27 6.58 12.76
C GLY A 29 -13.58 5.56 13.63
N GLU A 30 -14.10 4.34 13.66
CA GLU A 30 -13.56 3.32 14.54
C GLU A 30 -13.00 2.15 13.75
N GLN A 31 -12.00 1.49 14.34
CA GLN A 31 -11.39 0.29 13.79
C GLN A 31 -10.54 0.59 12.56
N GLN A 32 -9.23 0.43 12.71
CA GLN A 32 -8.33 0.50 11.57
C GLN A 32 -8.53 -0.72 10.70
N THR A 33 -9.00 -0.51 9.49
CA THR A 33 -9.34 -1.59 8.59
C THR A 33 -8.08 -2.18 7.98
N GLU A 34 -7.95 -3.50 8.03
CA GLU A 34 -6.78 -4.16 7.51
C GLU A 34 -7.04 -4.64 6.10
N ILE A 35 -6.52 -3.89 5.14
CA ILE A 35 -6.74 -4.19 3.74
C ILE A 35 -5.55 -4.92 3.16
N THR A 36 -5.81 -6.10 2.62
CA THR A 36 -4.76 -6.90 2.00
C THR A 36 -4.75 -6.65 0.50
N LEU A 37 -3.70 -6.01 0.02
CA LEU A 37 -3.58 -5.71 -1.40
C LEU A 37 -2.38 -6.44 -1.99
N ARG A 38 -2.60 -7.13 -3.09
CA ARG A 38 -1.53 -7.85 -3.75
C ARG A 38 -0.91 -6.96 -4.82
N VAL A 39 0.31 -6.52 -4.56
CA VAL A 39 0.97 -5.55 -5.41
C VAL A 39 2.22 -6.13 -6.04
N SER A 40 2.57 -5.63 -7.21
CA SER A 40 3.79 -6.03 -7.87
C SER A 40 4.91 -5.03 -7.54
N GLY A 41 6.15 -5.45 -7.73
CA GLY A 41 7.27 -4.60 -7.38
C GLY A 41 7.35 -3.35 -8.25
N ASP A 42 6.69 -3.38 -9.40
CA ASP A 42 6.73 -2.27 -10.34
C ASP A 42 5.59 -1.28 -10.09
N LEU A 43 4.84 -1.50 -9.01
CA LEU A 43 3.77 -0.59 -8.65
C LEU A 43 4.30 0.49 -7.72
N HIS A 44 4.01 1.75 -8.04
CA HIS A 44 4.50 2.86 -7.25
C HIS A 44 3.61 3.10 -6.02
N ILE A 45 4.20 3.67 -4.98
CA ILE A 45 3.55 3.90 -3.69
C ILE A 45 2.20 4.58 -3.86
N GLY A 46 2.15 5.65 -4.65
CA GLY A 46 0.91 6.37 -4.88
C GLY A 46 -0.17 5.50 -5.49
N GLY A 47 0.25 4.50 -6.27
CA GLY A 47 -0.69 3.57 -6.87
C GLY A 47 -1.23 2.61 -5.85
N VAL A 48 -0.37 2.20 -4.93
CA VAL A 48 -0.79 1.35 -3.82
C VAL A 48 -1.78 2.10 -2.95
N MET A 49 -1.45 3.36 -2.65
CA MET A 49 -2.32 4.25 -1.89
C MET A 49 -3.66 4.41 -2.57
N LEU A 50 -3.63 4.46 -3.89
CA LEU A 50 -4.85 4.57 -4.69
C LEU A 50 -5.67 3.29 -4.61
N LYS A 51 -4.98 2.16 -4.43
CA LYS A 51 -5.65 0.88 -4.33
C LYS A 51 -6.35 0.71 -2.99
N LEU A 52 -5.94 1.47 -1.99
CA LEU A 52 -6.69 1.52 -0.74
C LEU A 52 -8.07 2.12 -1.02
N VAL A 53 -8.09 3.17 -1.82
CA VAL A 53 -9.33 3.79 -2.25
C VAL A 53 -10.10 2.83 -3.16
N GLU A 54 -9.35 2.11 -3.98
CA GLU A 54 -9.90 1.12 -4.91
C GLU A 54 -10.65 0.01 -4.16
N GLN A 55 -10.17 -0.32 -2.97
CA GLN A 55 -10.72 -1.43 -2.19
C GLN A 55 -12.10 -1.09 -1.62
N MET A 56 -12.19 0.01 -0.88
CA MET A 56 -13.44 0.35 -0.20
C MET A 56 -14.33 1.26 -1.06
N ASN A 57 -13.70 2.12 -1.86
CA ASN A 57 -14.42 3.07 -2.72
C ASN A 57 -15.25 4.06 -1.91
N ILE A 58 -14.83 4.33 -0.67
CA ILE A 58 -15.54 5.27 0.18
C ILE A 58 -15.42 6.69 -0.38
N ALA A 59 -16.55 7.36 -0.49
CA ALA A 59 -16.56 8.75 -0.98
C ALA A 59 -16.00 9.68 0.09
N GLN A 60 -14.72 9.97 -0.01
CA GLN A 60 -14.03 10.81 0.96
C GLN A 60 -13.07 11.74 0.25
N ASP A 61 -12.40 12.58 1.03
CA ASP A 61 -11.33 13.41 0.50
C ASP A 61 -10.01 12.66 0.61
N TRP A 62 -9.65 11.97 -0.46
CA TRP A 62 -8.46 11.14 -0.45
C TRP A 62 -7.24 11.93 -0.93
N SER A 63 -7.40 13.24 -0.98
CA SER A 63 -6.28 14.11 -1.29
C SER A 63 -5.35 14.17 -0.07
N ASP A 64 -5.95 14.05 1.10
CA ASP A 64 -5.19 13.99 2.34
C ASP A 64 -5.01 12.53 2.75
N TYR A 65 -3.85 11.99 2.41
CA TYR A 65 -3.54 10.60 2.69
C TYR A 65 -2.05 10.33 2.53
N ALA A 66 -1.57 9.27 3.17
CA ALA A 66 -0.20 8.84 3.01
C ALA A 66 0.03 7.50 3.69
N LEU A 67 1.14 6.85 3.37
CA LEU A 67 1.46 5.56 3.98
C LEU A 67 2.47 5.75 5.11
N TRP A 68 2.16 5.16 6.24
CA TRP A 68 3.02 5.21 7.41
C TRP A 68 3.70 3.86 7.61
N TRP A 69 5.00 3.83 7.43
CA TRP A 69 5.77 2.61 7.62
C TRP A 69 6.14 2.50 9.09
N GLU A 70 5.52 1.55 9.80
CA GLU A 70 5.69 1.43 11.24
C GLU A 70 7.12 0.99 11.60
N GLN A 71 7.64 0.04 10.84
CA GLN A 71 8.97 -0.51 11.10
C GLN A 71 10.02 0.58 11.14
N LYS A 72 9.91 1.55 10.24
CA LYS A 72 10.90 2.60 10.15
C LYS A 72 10.44 3.87 10.88
N ARG A 73 9.13 3.95 11.12
CA ARG A 73 8.51 5.19 11.60
C ARG A 73 8.81 6.32 10.62
N CYS A 74 8.04 6.34 9.54
CA CYS A 74 8.30 7.26 8.44
C CYS A 74 7.08 7.35 7.53
N TRP A 75 6.87 8.51 6.93
CA TRP A 75 5.77 8.71 6.00
C TRP A 75 6.28 8.51 4.57
N LEU A 76 5.64 7.62 3.83
CA LEU A 76 6.01 7.40 2.44
C LEU A 76 5.65 8.61 1.61
N LEU A 77 6.66 9.39 1.25
CA LEU A 77 6.46 10.56 0.43
C LEU A 77 7.02 10.32 -0.96
N LYS A 78 7.79 9.25 -1.10
CA LYS A 78 8.26 8.80 -2.40
C LYS A 78 7.15 8.05 -3.12
N THR A 79 6.05 8.75 -3.36
CA THR A 79 4.85 8.16 -3.92
C THR A 79 5.06 7.73 -5.37
N HIS A 80 6.02 8.34 -6.03
CA HIS A 80 6.31 8.04 -7.43
C HIS A 80 7.26 6.85 -7.52
N TRP A 81 7.78 6.43 -6.37
CA TRP A 81 8.69 5.28 -6.32
C TRP A 81 7.89 4.00 -6.12
N THR A 82 8.47 2.87 -6.52
CA THR A 82 7.80 1.59 -6.42
C THR A 82 8.10 0.93 -5.07
N LEU A 83 7.38 -0.16 -4.76
CA LEU A 83 7.63 -0.90 -3.54
C LEU A 83 9.09 -1.37 -3.49
N ASP A 84 9.55 -1.90 -4.61
CA ASP A 84 10.92 -2.41 -4.73
C ASP A 84 11.92 -1.28 -4.54
N LYS A 85 11.65 -0.13 -5.13
CA LYS A 85 12.58 0.98 -5.09
C LYS A 85 12.57 1.63 -3.70
N CYS A 86 11.49 1.43 -2.96
CA CYS A 86 11.40 1.91 -1.60
C CYS A 86 12.07 0.93 -0.64
N GLY A 87 11.77 -0.35 -0.81
CA GLY A 87 12.35 -1.36 0.04
C GLY A 87 11.33 -2.06 0.93
N VAL A 88 10.08 -1.62 0.85
CA VAL A 88 9.01 -2.20 1.65
C VAL A 88 8.49 -3.49 1.02
N GLN A 89 8.45 -4.56 1.81
CA GLN A 89 8.00 -5.86 1.35
C GLN A 89 6.73 -6.29 2.09
N ALA A 90 6.26 -7.50 1.80
CA ALA A 90 5.01 -8.00 2.38
C ALA A 90 5.11 -8.25 3.88
N ASP A 91 6.33 -8.23 4.40
CA ASP A 91 6.55 -8.45 5.82
C ASP A 91 6.35 -7.16 6.61
N ALA A 92 6.40 -6.03 5.91
CA ALA A 92 6.30 -4.72 6.55
C ALA A 92 4.89 -4.43 7.01
N ASN A 93 4.76 -3.95 8.24
CA ASN A 93 3.47 -3.49 8.74
C ASN A 93 3.24 -2.06 8.29
N LEU A 94 2.31 -1.87 7.38
CA LEU A 94 2.09 -0.57 6.78
C LEU A 94 0.74 0.00 7.21
N LEU A 95 0.76 1.27 7.60
CA LEU A 95 -0.44 1.96 8.02
C LEU A 95 -0.84 3.00 6.97
N PHE A 96 -2.13 3.16 6.76
CA PHE A 96 -2.62 4.17 5.84
C PHE A 96 -3.40 5.23 6.59
N THR A 97 -2.84 6.42 6.68
CA THR A 97 -3.41 7.47 7.50
C THR A 97 -3.29 8.83 6.81
N PRO A 98 -4.22 9.76 7.08
CA PRO A 98 -4.12 11.14 6.59
C PRO A 98 -2.94 11.86 7.23
N GLN A 99 -2.42 12.88 6.57
CA GLN A 99 -1.24 13.59 7.08
C GLN A 99 -1.59 15.03 7.48
N HIS A 100 -2.66 15.55 6.89
CA HIS A 100 -3.14 16.91 7.19
C HIS A 100 -2.09 17.95 6.86
N LYS A 101 -1.44 17.78 5.73
CA LYS A 101 -0.44 18.72 5.26
C LYS A 101 -0.91 19.36 3.96
N MET A 102 -1.34 20.61 4.05
CA MET A 102 -1.80 21.35 2.87
C MET A 102 -0.62 21.97 2.16
#